data_7N3N
#
_entry.id   7N3N
#
_cell.length_a   1.00
_cell.length_b   1.00
_cell.length_c   1.00
_cell.angle_alpha   90.00
_cell.angle_beta   90.00
_cell.angle_gamma   90.00
#
_symmetry.space_group_name_H-M   'P 1'
#
loop_
_entity.id
_entity.type
_entity.pdbx_description
1 polymer 'Solute carrier family 12 member 2'
2 non-polymer '5-(AMINOSULFONYL)-4-CHLORO-2-[(2-FURYLMETHYL)AMINO]BENZOIC ACID'
#
_entity_poly.entity_id   1
_entity_poly.type   'polypeptide(L)'
_entity_poly.pdbx_seq_one_letter_code
;MEPRPTAPSSGAPGLAGVGETPSAAALAAARVELPGTAVPSVPEDAAPASRDGGGVRDEGPAAAGDGLGRPLGPTPSQSR
FQVDLVSENAGRAAAAAAAAAAAAAAAGAGAGAKQTPADGEASGESEPAKGSEEAKGRFRVNFVDPAASSSAEDSLSDAA
GVGVDGPNVSFQNGGDTVLSEGSSLHSGGGGGSGHHQHYYYDTHTNTYYLRTFGHNTMDAVPRIDHYRHTAAQLGEKLLR
PSLAELHDELEKEPFEDGFANGEESTPTRDAVVTYTAESKGVVKFGWIKGVLVRCMLNIWGVMLFIRLSWIVGQAGIGLS
VLVIMMATVVTTITGLSTSAIATNGFVRGGGAYYLISRSLGPEFGGAIGLIFAFANAVAVAMYVVGFAETVVELLKEHSI
LMIDEINDIRIIGAITVVILLGISVAGMEWEAKAQIVLLVILLLAIGDFVIGTFIPLESKKPKGFFGYKSEIFNENFGPD
FREEETFFSVFAIFFPAATGILAGANISGDLADPQSAIPKGTLLAILITTLVYVGIAVSVGSCVVRDATGNVNDTIVTEL
TNCTSAACKLNFDFSSCESSPCSYGLMNNFQVMSMVSGFTPLISAGIFSATLSSALASLVSAPKIFQALCKDNIYPAFQM
FAKGYGKNNEPLRGYILTFLIALGFILIAELNVIAPIISNFFLASYALINFSVFHASLAKSPGWRPAFKYYNMWISLLGA
ILCCIVMFVINWWAALLTYVIVLGLYIYVTYKKPDVNWGSSTQALTYLNALQHSIRLSGVEDHVKNFRPQCLVMTGAPNS
RPALLHLVHDFTKNVGLMICGHVHMGPRRQAMKEMSIDQAKYQRWLIKNKMKAFYAPVHADDLREGAQYLMQAAGLGRMK
PNTLVLGFKKDWLQADMRDVDMYINLFHDAFDIQYGVVVIRLKEGLDISHLQGQEELLSSQEKSPGTKDVVVSVEYSKKS
DLDTSKPLSEKPITHKVEEEDGKTATQPLLKKESKGPIVPLNVADQKLLEASTQFQKKQGKNTIDVWWLFDDGGLTLLIP
YLLTTKKKWKDCKIRVFIGGKINRIDHDRRAMATLLSKFRIDFSDIMVLGDINTKPKKENIIAFEEIIEPYRLHEDDKEQ
DIADKMKEDEPWRITDNELELYKTKTYRQIRLNELLKEHSSTANIIVMSLPVARKGAVSSALYMAWLEALSKDLPPILLV
RGNHQSVLTFYS
;
_entity_poly.pdbx_strand_id   A,B
#
loop_
_chem_comp.id
_chem_comp.type
_chem_comp.name
_chem_comp.formula
FUN non-polymer '5-(AMINOSULFONYL)-4-CHLORO-2-[(2-FURYLMETHYL)AMINO]BENZOIC ACID' 'C12 H11 Cl N2 O5 S'
#
# COMPACT_ATOMS: atom_id res chain seq x y z
N GLY A 286 2.34 29.41 27.78
CA GLY A 286 2.91 28.08 27.74
C GLY A 286 4.32 28.03 28.31
N TRP A 287 4.77 26.82 28.65
CA TRP A 287 6.11 26.63 29.21
C TRP A 287 7.11 26.31 28.10
N ILE A 288 7.31 27.33 27.25
CA ILE A 288 8.45 27.30 26.34
C ILE A 288 9.74 27.18 27.12
N LYS A 289 9.79 27.80 28.31
CA LYS A 289 10.95 27.63 29.19
C LYS A 289 11.13 26.16 29.58
N GLY A 290 10.05 25.48 29.94
CA GLY A 290 10.16 24.08 30.34
C GLY A 290 10.58 23.18 29.18
N VAL A 291 9.98 23.38 28.01
CA VAL A 291 10.36 22.57 26.86
C VAL A 291 11.80 22.85 26.46
N LEU A 292 12.20 24.12 26.46
CA LEU A 292 13.58 24.48 26.15
C LEU A 292 14.54 23.80 27.12
N VAL A 293 14.26 23.87 28.42
CA VAL A 293 15.23 23.35 29.39
C VAL A 293 15.28 21.83 29.31
N ARG A 294 14.15 21.17 29.05
CA ARG A 294 14.20 19.70 28.98
C ARG A 294 14.91 19.23 27.72
N CYS A 295 14.64 19.86 26.57
CA CYS A 295 15.34 19.49 25.34
C CYS A 295 16.83 19.78 25.44
N MET A 296 17.18 20.93 26.01
CA MET A 296 18.58 21.25 26.26
C MET A 296 19.23 20.20 27.14
N LEU A 297 18.62 19.89 28.30
CA LEU A 297 19.21 18.94 29.24
C LEU A 297 19.36 17.56 28.61
N ASN A 298 18.48 17.22 27.66
CA ASN A 298 18.66 15.96 26.95
C ASN A 298 19.84 16.05 25.99
N ILE A 299 19.97 17.16 25.27
CA ILE A 299 21.09 17.32 24.34
C ILE A 299 22.40 17.52 25.11
N TRP A 300 22.39 18.38 26.13
CA TRP A 300 23.56 18.77 26.89
C TRP A 300 24.01 17.67 27.84
N GLY A 301 24.37 16.50 27.30
CA GLY A 301 24.75 15.37 28.11
C GLY A 301 26.24 15.19 28.31
N VAL A 302 26.72 13.93 28.30
CA VAL A 302 28.14 13.68 28.50
C VAL A 302 28.90 13.78 27.17
N MET A 303 28.23 13.41 26.07
CA MET A 303 28.86 13.50 24.75
C MET A 303 28.93 14.96 24.30
N LEU A 304 28.19 15.82 25.00
CA LEU A 304 28.28 17.26 24.80
C LEU A 304 29.72 17.77 24.94
N PHE A 305 30.36 17.44 26.06
CA PHE A 305 31.59 18.12 26.43
C PHE A 305 32.66 17.20 27.01
N ILE A 306 32.50 15.88 26.95
CA ILE A 306 33.55 15.02 27.47
C ILE A 306 34.35 14.40 26.32
N ARG A 307 33.77 14.34 25.12
CA ARG A 307 34.45 13.73 23.98
C ARG A 307 34.87 14.75 22.92
N LEU A 308 34.42 16.00 23.04
CA LEU A 308 34.73 16.99 21.99
C LEU A 308 36.22 17.27 21.90
N SER A 309 36.95 17.07 23.01
CA SER A 309 38.40 17.17 22.97
C SER A 309 38.99 16.25 21.91
N TRP A 310 38.61 14.97 21.93
CA TRP A 310 39.15 14.05 20.94
C TRP A 310 38.50 14.29 19.58
N ILE A 311 37.30 14.86 19.56
CA ILE A 311 36.66 15.19 18.28
C ILE A 311 37.48 16.22 17.52
N VAL A 312 37.99 17.24 18.22
CA VAL A 312 38.76 18.27 17.54
C VAL A 312 40.22 17.86 17.41
N GLY A 313 40.70 16.97 18.30
CA GLY A 313 42.08 16.51 18.19
C GLY A 313 42.27 15.50 17.08
N GLN A 314 41.25 14.69 16.81
CA GLN A 314 41.36 13.70 15.74
C GLN A 314 41.16 14.33 14.38
N ALA A 315 40.26 15.32 14.29
CA ALA A 315 39.81 15.79 12.99
C ALA A 315 40.36 17.17 12.66
N GLY A 316 40.08 18.15 13.50
CA GLY A 316 40.52 19.51 13.22
C GLY A 316 39.40 20.50 13.45
N ILE A 317 39.64 21.72 12.97
CA ILE A 317 38.64 22.77 13.10
C ILE A 317 37.56 22.63 12.04
N GLY A 318 37.97 22.66 10.77
CA GLY A 318 36.99 22.65 9.69
C GLY A 318 36.19 21.36 9.63
N LEU A 319 36.84 20.24 9.91
CA LEU A 319 36.13 18.96 9.83
C LEU A 319 35.16 18.80 11.00
N SER A 320 35.54 19.31 12.17
CA SER A 320 34.61 19.33 13.30
C SER A 320 33.42 20.24 13.02
N VAL A 321 33.67 21.40 12.40
CA VAL A 321 32.56 22.26 12.01
C VAL A 321 31.66 21.54 11.01
N LEU A 322 32.26 20.78 10.10
CA LEU A 322 31.49 20.03 9.11
C LEU A 322 30.60 18.97 9.77
N VAL A 323 31.14 18.21 10.71
CA VAL A 323 30.34 17.16 11.34
C VAL A 323 29.24 17.77 12.20
N ILE A 324 29.55 18.88 12.89
CA ILE A 324 28.52 19.57 13.68
C ILE A 324 27.42 20.08 12.76
N MET A 325 27.79 20.65 11.62
CA MET A 325 26.79 21.18 10.70
C MET A 325 25.93 20.08 10.09
N MET A 326 26.53 18.94 9.75
CA MET A 326 25.74 17.86 9.17
C MET A 326 24.78 17.25 10.19
N ALA A 327 25.26 17.05 11.43
CA ALA A 327 24.36 16.60 12.49
C ALA A 327 23.25 17.61 12.72
N THR A 328 23.57 18.91 12.61
CA THR A 328 22.55 19.94 12.72
C THR A 328 21.53 19.86 11.59
N VAL A 329 22.00 19.61 10.35
CA VAL A 329 21.07 19.52 9.22
C VAL A 329 20.08 18.40 9.44
N VAL A 330 20.58 17.20 9.77
CA VAL A 330 19.65 16.08 9.94
C VAL A 330 18.77 16.29 11.16
N THR A 331 19.32 16.87 12.24
CA THR A 331 18.53 17.11 13.45
C THR A 331 17.42 18.12 13.19
N THR A 332 17.70 19.17 12.40
CA THR A 332 16.67 20.17 12.13
C THR A 332 15.65 19.66 11.13
N ILE A 333 16.04 18.78 10.19
CA ILE A 333 15.03 18.17 9.34
C ILE A 333 14.08 17.31 10.18
N THR A 334 14.63 16.52 11.11
CA THR A 334 13.79 15.74 12.00
C THR A 334 12.97 16.64 12.93
N GLY A 335 13.53 17.78 13.32
CA GLY A 335 12.79 18.71 14.15
C GLY A 335 11.61 19.32 13.43
N LEU A 336 11.79 19.68 12.15
CA LEU A 336 10.68 20.16 11.34
C LEU A 336 9.64 19.07 11.14
N SER A 337 10.09 17.83 10.94
CA SER A 337 9.15 16.72 10.80
C SER A 337 8.32 16.53 12.07
N THR A 338 8.97 16.49 13.24
CA THR A 338 8.22 16.26 14.47
C THR A 338 7.46 17.50 14.89
N SER A 339 7.85 18.67 14.38
CA SER A 339 7.03 19.87 14.53
C SER A 339 5.74 19.73 13.75
N ALA A 340 5.84 19.21 12.52
CA ALA A 340 4.64 18.89 11.76
C ALA A 340 3.81 17.83 12.47
N ILE A 341 4.46 16.94 13.23
CA ILE A 341 3.70 15.98 14.03
C ILE A 341 2.91 16.69 15.11
N ALA A 342 3.54 17.63 15.82
CA ALA A 342 2.94 18.15 17.05
C ALA A 342 1.87 19.19 16.75
N THR A 343 2.13 20.12 15.84
CA THR A 343 1.29 21.31 15.73
C THR A 343 -0.05 21.01 15.07
N ASN A 344 -0.11 20.00 14.21
CA ASN A 344 -1.31 19.73 13.43
C ASN A 344 -1.46 18.24 13.17
N GLY A 345 -2.64 17.87 12.68
CA GLY A 345 -2.99 16.48 12.48
C GLY A 345 -3.48 15.77 13.72
N PHE A 346 -2.83 16.01 14.87
CA PHE A 346 -3.29 15.48 16.14
C PHE A 346 -3.18 16.56 17.21
N VAL A 347 -3.64 17.77 16.90
CA VAL A 347 -3.57 18.87 17.85
C VAL A 347 -4.42 18.57 19.07
N ARG A 348 -5.65 18.08 18.86
CA ARG A 348 -6.49 17.70 19.99
C ARG A 348 -5.97 16.43 20.65
N GLY A 349 -5.43 15.50 19.87
CA GLY A 349 -4.92 14.25 20.39
C GLY A 349 -3.77 14.43 21.35
N GLY A 350 -3.87 13.79 22.52
CA GLY A 350 -2.83 13.88 23.54
C GLY A 350 -1.99 12.63 23.54
N GLY A 351 -0.76 12.79 23.99
CA GLY A 351 0.16 11.67 24.01
C GLY A 351 0.92 11.54 22.69
N ALA A 352 2.08 10.90 22.77
CA ALA A 352 2.93 10.75 21.60
C ALA A 352 2.36 9.74 20.62
N TYR A 353 1.87 8.62 21.13
CA TYR A 353 1.83 7.40 20.33
C TYR A 353 0.57 7.33 19.49
N TYR A 354 -0.55 7.79 20.04
CA TYR A 354 -1.76 7.93 19.24
C TYR A 354 -1.53 8.88 18.08
N LEU A 355 -0.86 10.00 18.34
CA LEU A 355 -0.55 10.96 17.29
C LEU A 355 0.34 10.34 16.22
N ILE A 356 1.46 9.75 16.64
CA ILE A 356 2.41 9.19 15.69
C ILE A 356 1.80 8.03 14.92
N SER A 357 0.79 7.37 15.49
CA SER A 357 0.15 6.27 14.77
C SER A 357 -0.89 6.78 13.77
N ARG A 358 -1.94 7.45 14.25
CA ARG A 358 -3.06 7.76 13.37
C ARG A 358 -2.74 8.92 12.43
N SER A 359 -1.87 9.84 12.85
CA SER A 359 -1.58 11.03 12.04
C SER A 359 -0.61 10.67 10.91
N LEU A 360 -0.07 9.45 11.01
CA LEU A 360 0.95 9.01 10.07
C LEU A 360 0.46 7.80 9.31
N GLY A 361 -0.02 6.80 10.03
CA GLY A 361 -0.43 5.54 9.48
C GLY A 361 -0.19 4.42 10.48
N PRO A 362 -1.05 3.41 10.47
CA PRO A 362 -0.87 2.30 11.43
C PRO A 362 0.46 1.60 11.31
N GLU A 363 1.01 1.54 10.09
CA GLU A 363 2.29 0.86 9.89
C GLU A 363 3.45 1.70 10.42
N PHE A 364 3.41 3.01 10.20
CA PHE A 364 4.61 3.83 10.35
C PHE A 364 4.94 4.12 11.81
N GLY A 365 3.92 4.26 12.65
CA GLY A 365 4.14 4.62 14.04
C GLY A 365 4.85 3.56 14.87
N GLY A 366 4.48 2.30 14.64
CA GLY A 366 5.03 1.22 15.46
C GLY A 366 6.53 1.06 15.31
N ALA A 367 7.03 1.08 14.07
CA ALA A 367 8.46 0.92 13.85
C ALA A 367 9.25 2.05 14.49
N ILE A 368 8.74 3.28 14.37
CA ILE A 368 9.35 4.41 15.06
C ILE A 368 9.38 4.15 16.55
N GLY A 369 8.28 3.65 17.11
CA GLY A 369 8.25 3.38 18.55
C GLY A 369 9.31 2.38 18.99
N LEU A 370 9.38 1.24 18.28
CA LEU A 370 10.39 0.24 18.63
C LEU A 370 11.81 0.80 18.53
N ILE A 371 12.14 1.40 17.39
CA ILE A 371 13.54 1.79 17.18
C ILE A 371 13.93 2.94 18.10
N PHE A 372 13.03 3.89 18.34
CA PHE A 372 13.38 5.02 19.18
C PHE A 372 13.43 4.62 20.65
N ALA A 373 12.58 3.66 21.06
CA ALA A 373 12.69 3.10 22.40
C ALA A 373 14.00 2.36 22.59
N PHE A 374 14.40 1.54 21.61
CA PHE A 374 15.65 0.80 21.71
C PHE A 374 16.83 1.77 21.73
N ALA A 375 16.73 2.85 20.95
CA ALA A 375 17.77 3.88 20.95
C ALA A 375 17.89 4.55 22.30
N ASN A 376 16.76 4.85 22.95
CA ASN A 376 16.84 5.41 24.30
C ASN A 376 17.43 4.41 25.28
N ALA A 377 17.07 3.14 25.14
CA ALA A 377 17.58 2.11 26.05
C ALA A 377 19.10 2.01 25.96
N VAL A 378 19.64 2.06 24.74
CA VAL A 378 21.09 2.01 24.59
C VAL A 378 21.74 3.36 24.91
N ALA A 379 21.00 4.46 24.81
CA ALA A 379 21.51 5.75 25.24
C ALA A 379 21.72 5.76 26.75
N VAL A 380 20.86 5.07 27.49
CA VAL A 380 21.08 4.90 28.93
C VAL A 380 22.45 4.29 29.18
N ALA A 381 22.80 3.26 28.40
CA ALA A 381 24.11 2.64 28.51
C ALA A 381 25.22 3.63 28.18
N MET A 382 25.04 4.43 27.13
CA MET A 382 26.03 5.46 26.81
C MET A 382 26.31 6.35 28.01
N TYR A 383 25.24 6.90 28.59
CA TYR A 383 25.44 7.96 29.58
C TYR A 383 25.96 7.38 30.89
N VAL A 384 25.56 6.15 31.23
CA VAL A 384 26.16 5.54 32.42
C VAL A 384 27.61 5.18 32.18
N VAL A 385 27.98 4.81 30.94
CA VAL A 385 29.39 4.57 30.65
C VAL A 385 30.20 5.86 30.77
N GLY A 386 29.62 6.99 30.32
CA GLY A 386 30.28 8.27 30.49
C GLY A 386 30.49 8.64 31.94
N PHE A 387 29.45 8.46 32.76
CA PHE A 387 29.58 8.70 34.20
C PHE A 387 30.64 7.78 34.79
N ALA A 388 30.68 6.52 34.35
CA ALA A 388 31.63 5.56 34.90
C ALA A 388 33.06 5.93 34.55
N GLU A 389 33.32 6.36 33.31
CA GLU A 389 34.68 6.72 32.94
C GLU A 389 35.11 8.01 33.62
N THR A 390 34.17 8.93 33.85
CA THR A 390 34.51 10.12 34.63
C THR A 390 34.85 9.75 36.07
N VAL A 391 34.13 8.78 36.65
CA VAL A 391 34.43 8.32 38.00
C VAL A 391 35.79 7.63 38.03
N VAL A 392 36.10 6.88 36.97
CA VAL A 392 37.42 6.24 36.88
C VAL A 392 38.51 7.29 36.87
N GLU A 393 38.33 8.36 36.09
CA GLU A 393 39.31 9.45 36.08
C GLU A 393 39.41 10.11 37.44
N LEU A 394 38.28 10.32 38.12
CA LEU A 394 38.32 10.94 39.44
C LEU A 394 39.07 10.08 40.44
N LEU A 395 38.88 8.76 40.37
CA LEU A 395 39.50 7.86 41.34
C LEU A 395 40.97 7.62 41.03
N LYS A 396 41.37 7.73 39.76
CA LYS A 396 42.71 7.31 39.35
C LYS A 396 43.81 8.08 40.09
N GLU A 397 43.64 9.40 40.23
CA GLU A 397 44.66 10.19 40.91
C GLU A 397 44.69 9.88 42.40
N HIS A 398 43.53 9.69 43.02
CA HIS A 398 43.49 9.43 44.46
C HIS A 398 43.91 8.00 44.78
N SER A 399 43.48 7.03 43.97
CA SER A 399 43.77 5.63 44.25
C SER A 399 45.23 5.32 43.98
N ILE A 400 45.87 4.63 44.93
CA ILE A 400 47.28 4.27 44.77
C ILE A 400 47.43 3.19 43.71
N LEU A 401 46.44 2.31 43.56
CA LEU A 401 46.48 1.25 42.57
C LEU A 401 45.20 1.26 41.76
N MET A 402 45.29 0.73 40.55
CA MET A 402 44.23 0.78 39.56
C MET A 402 43.60 -0.61 39.40
N ILE A 403 42.32 -0.72 39.75
CA ILE A 403 41.56 -1.95 39.60
C ILE A 403 41.26 -2.10 38.11
N ASP A 404 40.80 -3.29 37.69
CA ASP A 404 40.53 -3.55 36.28
C ASP A 404 39.59 -2.50 35.71
N GLU A 405 40.05 -1.83 34.65
CA GLU A 405 39.37 -0.65 34.14
C GLU A 405 37.98 -0.98 33.60
N ILE A 406 37.86 -2.07 32.85
CA ILE A 406 36.56 -2.46 32.33
C ILE A 406 35.64 -2.91 33.46
N ASN A 407 36.20 -3.62 34.44
CA ASN A 407 35.41 -4.01 35.61
C ASN A 407 34.97 -2.78 36.40
N ASP A 408 35.85 -1.79 36.54
CA ASP A 408 35.50 -0.56 37.23
C ASP A 408 34.36 0.16 36.52
N ILE A 409 34.45 0.30 35.20
CA ILE A 409 33.39 0.95 34.44
C ILE A 409 32.09 0.18 34.60
N ARG A 410 32.15 -1.15 34.55
CA ARG A 410 30.95 -1.96 34.66
C ARG A 410 30.29 -1.81 36.02
N ILE A 411 31.07 -1.85 37.11
CA ILE A 411 30.47 -1.77 38.44
C ILE A 411 29.92 -0.38 38.70
N ILE A 412 30.65 0.66 38.26
CA ILE A 412 30.15 2.02 38.46
C ILE A 412 28.88 2.24 37.65
N GLY A 413 28.84 1.74 36.41
CA GLY A 413 27.62 1.87 35.62
C GLY A 413 26.45 1.12 36.21
N ALA A 414 26.70 -0.07 36.79
CA ALA A 414 25.64 -0.80 37.46
C ALA A 414 25.09 0.00 38.63
N ILE A 415 25.98 0.61 39.42
CA ILE A 415 25.53 1.44 40.53
C ILE A 415 24.72 2.65 40.02
N THR A 416 25.17 3.27 38.93
CA THR A 416 24.43 4.41 38.38
C THR A 416 23.04 4.02 37.91
N VAL A 417 22.90 2.85 37.29
CA VAL A 417 21.56 2.43 36.86
C VAL A 417 20.72 2.02 38.06
N VAL A 418 21.37 1.59 39.15
CA VAL A 418 20.62 1.38 40.40
C VAL A 418 20.04 2.70 40.89
N ILE A 419 20.84 3.77 40.90
CA ILE A 419 20.33 5.09 41.26
C ILE A 419 19.25 5.54 40.27
N LEU A 420 19.45 5.22 38.99
CA LEU A 420 18.49 5.61 37.96
C LEU A 420 17.13 4.99 38.21
N LEU A 421 17.09 3.68 38.45
CA LEU A 421 15.82 3.02 38.73
C LEU A 421 15.23 3.52 40.05
N GLY A 422 16.07 3.74 41.06
CA GLY A 422 15.57 4.23 42.33
C GLY A 422 14.93 5.59 42.22
N ILE A 423 15.42 6.43 41.30
CA ILE A 423 14.76 7.71 41.04
C ILE A 423 13.52 7.50 40.16
N SER A 424 13.57 6.54 39.24
CA SER A 424 12.53 6.43 38.23
C SER A 424 11.35 5.61 38.71
N VAL A 425 11.39 5.09 39.94
CA VAL A 425 10.21 4.42 40.48
C VAL A 425 9.02 5.39 40.58
N ALA A 426 9.29 6.65 40.95
CA ALA A 426 8.22 7.62 41.12
C ALA A 426 8.78 9.03 41.04
N GLY A 427 7.90 9.99 40.76
CA GLY A 427 8.27 11.39 40.76
C GLY A 427 8.51 11.97 39.38
N MET A 428 7.82 13.05 39.05
CA MET A 428 8.06 13.79 37.81
C MET A 428 8.22 15.29 38.02
N GLU A 429 7.58 15.87 39.03
CA GLU A 429 7.74 17.29 39.32
C GLU A 429 9.15 17.56 39.82
N TRP A 430 9.77 16.56 40.44
CA TRP A 430 11.15 16.64 40.87
C TRP A 430 12.11 16.84 39.70
N GLU A 431 11.97 16.07 38.63
CA GLU A 431 12.76 16.31 37.43
C GLU A 431 12.35 17.60 36.74
N ALA A 432 11.06 17.93 36.79
CA ALA A 432 10.57 19.16 36.16
C ALA A 432 11.22 20.40 36.78
N LYS A 433 11.52 20.33 38.07
CA LYS A 433 12.26 21.43 38.70
C LYS A 433 13.77 21.25 38.54
N ALA A 434 14.24 20.00 38.59
CA ALA A 434 15.67 19.74 38.57
C ALA A 434 16.29 20.12 37.23
N GLN A 435 15.51 20.09 36.15
CA GLN A 435 16.04 20.49 34.86
C GLN A 435 16.40 21.98 34.86
N ILE A 436 15.53 22.83 35.39
CA ILE A 436 15.81 24.25 35.48
C ILE A 436 16.92 24.50 36.49
N VAL A 437 16.99 23.67 37.53
CA VAL A 437 18.09 23.77 38.49
C VAL A 437 19.43 23.47 37.81
N LEU A 438 19.43 22.50 36.89
CA LEU A 438 20.69 21.92 36.45
C LEU A 438 21.22 22.59 35.18
N LEU A 439 20.33 23.18 34.39
CA LEU A 439 20.78 23.84 33.16
C LEU A 439 21.68 25.03 33.45
N VAL A 440 21.40 25.75 34.53
CA VAL A 440 22.25 26.89 34.91
C VAL A 440 23.65 26.40 35.26
N ILE A 441 23.74 25.28 35.97
CA ILE A 441 25.05 24.72 36.33
C ILE A 441 25.78 24.23 35.09
N LEU A 442 25.05 23.66 34.12
CA LEU A 442 25.69 23.24 32.88
C LEU A 442 26.23 24.42 32.09
N LEU A 443 25.46 25.51 32.02
CA LEU A 443 25.93 26.72 31.35
C LEU A 443 27.14 27.30 32.09
N LEU A 444 27.13 27.25 33.42
CA LEU A 444 28.29 27.65 34.20
C LEU A 444 29.50 26.78 33.87
N ALA A 445 29.29 25.49 33.66
CA ALA A 445 30.40 24.59 33.31
C ALA A 445 31.00 24.93 31.95
N ILE A 446 30.15 25.21 30.96
CA ILE A 446 30.71 25.55 29.64
C ILE A 446 31.36 26.94 29.67
N GLY A 447 30.84 27.85 30.50
CA GLY A 447 31.53 29.10 30.72
C GLY A 447 32.88 28.89 31.38
N ASP A 448 32.95 27.93 32.30
CA ASP A 448 34.23 27.60 32.93
C ASP A 448 35.19 27.01 31.92
N PHE A 449 34.68 26.26 30.94
CA PHE A 449 35.53 25.81 29.84
C PHE A 449 36.11 26.98 29.06
N VAL A 450 35.26 27.94 28.67
CA VAL A 450 35.78 29.02 27.85
C VAL A 450 36.58 30.03 28.67
N ILE A 451 36.51 29.93 29.99
CA ILE A 451 37.26 30.84 30.85
C ILE A 451 38.56 30.23 31.39
N GLY A 452 38.63 28.90 31.50
CA GLY A 452 39.82 28.27 32.06
C GLY A 452 41.07 28.54 31.24
N THR A 453 40.91 28.72 29.94
CA THR A 453 42.00 29.16 29.08
C THR A 453 42.31 30.65 29.24
N PHE A 454 41.32 31.45 29.65
CA PHE A 454 41.54 32.88 29.85
C PHE A 454 42.58 33.12 30.95
N ILE A 455 42.64 32.22 31.93
CA ILE A 455 43.63 32.30 33.00
C ILE A 455 44.76 31.32 32.67
N PRO A 456 45.93 31.77 32.24
CA PRO A 456 47.06 30.86 32.09
C PRO A 456 47.85 30.74 33.39
N LEU A 457 48.62 29.66 33.48
CA LEU A 457 49.38 29.38 34.69
C LEU A 457 50.57 28.51 34.34
N GLU A 458 51.67 28.77 35.05
CA GLU A 458 52.88 27.97 34.85
C GLU A 458 52.71 26.56 35.38
N SER A 459 51.85 26.38 36.39
CA SER A 459 51.56 25.03 36.88
C SER A 459 50.67 24.27 35.90
N LYS A 460 49.90 24.99 35.09
CA LYS A 460 49.16 24.36 34.00
C LYS A 460 50.05 24.03 32.81
N LYS A 461 51.28 24.54 32.80
CA LYS A 461 52.18 24.29 31.68
C LYS A 461 52.71 22.85 31.60
N PRO A 462 52.91 22.10 32.70
CA PRO A 462 53.23 20.67 32.54
C PRO A 462 52.33 19.93 31.56
N LYS A 463 51.01 19.99 31.73
CA LYS A 463 50.12 19.57 30.68
C LYS A 463 50.20 20.57 29.52
N GLY A 464 50.06 20.07 28.30
CA GLY A 464 50.31 20.90 27.14
C GLY A 464 49.25 21.95 26.91
N PHE A 465 49.22 22.95 27.79
CA PHE A 465 48.22 24.02 27.75
C PHE A 465 48.85 25.30 27.24
N PHE A 466 48.16 25.95 26.29
CA PHE A 466 48.52 27.28 25.81
C PHE A 466 47.26 28.14 25.80
N GLY A 467 47.41 29.42 26.10
CA GLY A 467 46.24 30.27 26.25
C GLY A 467 45.80 31.02 25.01
N TYR A 468 44.85 30.44 24.28
CA TYR A 468 44.20 31.09 23.13
C TYR A 468 45.20 31.65 22.13
N LYS A 469 46.26 30.90 21.87
CA LYS A 469 47.30 31.41 20.98
C LYS A 469 46.89 31.25 19.53
N SER A 470 47.58 32.00 18.66
CA SER A 470 47.23 31.99 17.24
C SER A 470 47.73 30.74 16.54
N GLU A 471 48.89 30.20 16.99
CA GLU A 471 49.47 29.06 16.32
C GLU A 471 48.64 27.80 16.49
N ILE A 472 47.90 27.72 17.61
CA ILE A 472 47.11 26.51 17.89
C ILE A 472 45.99 26.35 16.88
N PHE A 473 45.30 27.44 16.54
CA PHE A 473 44.20 27.37 15.59
C PHE A 473 44.70 26.95 14.20
N ASN A 474 45.83 27.52 13.78
CA ASN A 474 46.41 27.16 12.49
C ASN A 474 46.86 25.70 12.48
N GLU A 475 47.42 25.23 13.60
CA GLU A 475 47.80 23.83 13.69
C GLU A 475 46.59 22.91 13.64
N ASN A 476 45.49 23.31 14.28
CA ASN A 476 44.30 22.48 14.40
C ASN A 476 43.32 22.67 13.25
N PHE A 477 43.69 23.39 12.20
CA PHE A 477 42.79 23.46 11.05
C PHE A 477 43.32 22.44 10.05
N GLY A 478 43.58 21.22 10.49
CA GLY A 478 44.15 20.23 9.59
C GLY A 478 43.13 19.18 9.23
N PRO A 479 42.83 19.04 7.94
CA PRO A 479 41.72 18.13 7.56
C PRO A 479 41.82 16.66 7.90
N ASP A 480 42.93 15.97 7.72
CA ASP A 480 43.01 14.57 8.15
C ASP A 480 44.13 14.41 9.16
N PHE A 481 43.86 13.78 10.31
CA PHE A 481 44.91 13.72 11.31
C PHE A 481 45.49 12.44 11.86
N ARG A 482 46.17 12.50 12.99
CA ARG A 482 46.91 11.33 13.49
C ARG A 482 46.20 10.04 13.84
N GLU A 483 45.04 10.12 14.43
CA GLU A 483 44.34 8.89 14.68
C GLU A 483 43.92 8.25 13.37
N GLU A 484 43.96 6.93 13.33
CA GLU A 484 43.56 6.19 12.13
C GLU A 484 42.08 6.32 11.75
N GLU A 485 41.24 6.66 12.72
CA GLU A 485 39.80 6.73 12.48
C GLU A 485 39.47 7.77 11.43
N THR A 486 38.40 7.58 10.69
CA THR A 486 38.09 8.51 9.61
C THR A 486 37.16 9.63 10.01
N PHE A 487 36.46 10.20 9.05
CA PHE A 487 35.50 11.25 9.34
C PHE A 487 34.16 10.70 9.80
N PHE A 488 33.70 9.61 9.17
CA PHE A 488 32.40 9.07 9.56
C PHE A 488 32.47 8.40 10.93
N SER A 489 33.66 7.95 11.33
CA SER A 489 33.84 7.45 12.69
C SER A 489 33.56 8.53 13.72
N VAL A 490 34.19 9.70 13.58
CA VAL A 490 33.94 10.77 14.53
C VAL A 490 32.54 11.35 14.33
N PHE A 491 31.97 11.18 13.15
CA PHE A 491 30.57 11.51 12.95
C PHE A 491 29.69 10.68 13.86
N ALA A 492 29.96 9.37 13.92
CA ALA A 492 29.25 8.50 14.85
C ALA A 492 29.55 8.87 16.30
N ILE A 493 30.79 9.26 16.59
CA ILE A 493 31.18 9.59 17.95
C ILE A 493 30.48 10.88 18.41
N PHE A 494 30.08 11.74 17.47
CA PHE A 494 29.42 12.97 17.86
C PHE A 494 27.89 12.86 17.78
N PHE A 495 27.36 12.07 16.85
CA PHE A 495 25.95 12.18 16.50
C PHE A 495 24.94 11.97 17.64
N PRO A 496 25.08 11.00 18.55
CA PRO A 496 24.03 10.83 19.57
C PRO A 496 23.84 12.03 20.48
N ALA A 497 24.83 12.92 20.56
CA ALA A 497 24.69 14.13 21.36
C ALA A 497 23.55 15.01 20.83
N ALA A 498 23.45 15.13 19.51
CA ALA A 498 22.39 15.96 18.93
C ALA A 498 21.05 15.26 18.95
N THR A 499 21.03 13.96 19.21
CA THR A 499 19.77 13.22 19.26
C THR A 499 19.06 13.43 20.59
N GLY A 500 17.75 13.23 20.57
CA GLY A 500 16.94 13.35 21.77
C GLY A 500 15.92 14.46 21.67
N ILE A 501 15.79 15.03 20.47
CA ILE A 501 14.89 16.17 20.28
C ILE A 501 13.44 15.73 20.25
N LEU A 502 13.19 14.44 19.98
CA LEU A 502 11.83 13.94 19.95
C LEU A 502 11.20 13.88 21.33
N ALA A 503 12.01 13.95 22.39
CA ALA A 503 11.48 13.85 23.74
C ALA A 503 10.55 15.01 24.07
N GLY A 504 10.93 16.23 23.68
CA GLY A 504 10.12 17.38 24.00
C GLY A 504 8.93 17.61 23.09
N ALA A 505 8.91 16.99 21.91
CA ALA A 505 7.85 17.24 20.94
C ALA A 505 6.61 16.39 21.20
N ASN A 506 6.76 15.06 21.13
CA ASN A 506 5.62 14.18 21.33
C ASN A 506 5.73 13.40 22.62
N ILE A 507 6.94 12.95 22.96
CA ILE A 507 7.15 12.17 24.17
C ILE A 507 6.78 12.99 25.40
N SER A 508 7.08 14.28 25.37
CA SER A 508 6.60 15.17 26.42
C SER A 508 5.08 15.29 26.36
N GLY A 509 4.44 15.17 27.50
CA GLY A 509 3.00 15.26 27.58
C GLY A 509 2.57 16.23 28.66
N ASP A 510 1.41 16.85 28.43
CA ASP A 510 0.82 17.86 29.32
C ASP A 510 1.80 19.02 29.43
N LEU A 511 2.25 19.41 30.64
CA LEU A 511 3.09 20.58 30.86
C LEU A 511 2.45 21.84 30.27
N ALA A 512 1.22 22.12 30.70
CA ALA A 512 0.44 23.30 30.31
C ALA A 512 0.24 23.25 28.80
N ASP A 513 0.70 24.23 28.05
CA ASP A 513 0.45 24.26 26.60
C ASP A 513 1.32 23.21 25.90
N PRO A 514 0.71 22.22 25.25
CA PRO A 514 1.50 21.18 24.58
C PRO A 514 1.68 21.39 23.09
N GLN A 515 1.22 22.51 22.55
CA GLN A 515 1.18 22.70 21.10
C GLN A 515 1.30 24.16 20.72
N SER A 516 1.63 24.41 19.45
CA SER A 516 1.66 25.68 18.74
C SER A 516 2.82 26.57 19.17
N ALA A 517 3.56 26.22 20.22
CA ALA A 517 4.79 26.91 20.59
C ALA A 517 5.90 25.96 20.97
N ILE A 518 5.58 24.69 21.23
CA ILE A 518 6.63 23.69 21.45
C ILE A 518 7.54 23.54 20.24
N PRO A 519 7.04 23.45 18.99
CA PRO A 519 7.97 23.36 17.85
C PRO A 519 8.94 24.51 17.74
N LYS A 520 8.49 25.74 17.93
CA LYS A 520 9.40 26.88 17.83
C LYS A 520 10.45 26.84 18.94
N GLY A 521 10.04 26.50 20.16
CA GLY A 521 10.98 26.39 21.25
C GLY A 521 12.03 25.32 21.02
N THR A 522 11.59 24.13 20.57
CA THR A 522 12.58 23.07 20.35
C THR A 522 13.49 23.38 19.16
N LEU A 523 12.95 24.00 18.11
CA LEU A 523 13.81 24.39 16.99
C LEU A 523 14.85 25.40 17.41
N LEU A 524 14.45 26.37 18.25
CA LEU A 524 15.42 27.27 18.84
C LEU A 524 16.43 26.52 19.70
N ALA A 525 16.00 25.44 20.35
CA ALA A 525 16.92 24.64 21.16
C ALA A 525 18.00 24.00 20.30
N ILE A 526 17.62 23.35 19.19
CA ILE A 526 18.64 22.81 18.28
C ILE A 526 19.54 23.92 17.75
N LEU A 527 18.96 25.08 17.39
CA LEU A 527 19.79 26.15 16.85
C LEU A 527 20.82 26.64 17.86
N ILE A 528 20.41 26.88 19.12
CA ILE A 528 21.34 27.41 20.10
C ILE A 528 22.36 26.35 20.51
N THR A 529 21.95 25.07 20.54
CA THR A 529 22.92 24.01 20.81
C THR A 529 23.95 23.92 19.69
N THR A 530 23.51 24.06 18.44
CA THR A 530 24.46 24.08 17.33
C THR A 530 25.44 25.23 17.44
N LEU A 531 24.94 26.43 17.77
CA LEU A 531 25.83 27.57 17.91
C LEU A 531 26.85 27.36 19.03
N VAL A 532 26.41 26.83 20.17
CA VAL A 532 27.34 26.65 21.27
C VAL A 532 28.33 25.51 20.99
N TYR A 533 27.88 24.48 20.27
CA TYR A 533 28.79 23.42 19.85
C TYR A 533 29.87 23.95 18.94
N VAL A 534 29.50 24.76 17.95
CA VAL A 534 30.48 25.36 17.05
C VAL A 534 31.44 26.24 17.84
N GLY A 535 30.91 27.03 18.77
CA GLY A 535 31.75 27.91 19.56
C GLY A 535 32.77 27.16 20.39
N ILE A 536 32.33 26.11 21.09
CA ILE A 536 33.25 25.37 21.95
C ILE A 536 34.25 24.56 21.11
N ALA A 537 33.82 24.07 19.95
CA ALA A 537 34.75 23.36 19.07
C ALA A 537 35.86 24.29 18.58
N VAL A 538 35.49 25.50 18.13
CA VAL A 538 36.49 26.45 17.66
C VAL A 538 37.41 26.87 18.80
N SER A 539 36.82 27.13 19.98
CA SER A 539 37.62 27.57 21.12
C SER A 539 38.62 26.50 21.55
N VAL A 540 38.19 25.24 21.62
CA VAL A 540 39.08 24.16 22.05
C VAL A 540 40.15 23.92 20.99
N GLY A 541 39.77 24.00 19.70
CA GLY A 541 40.76 23.83 18.65
C GLY A 541 41.82 24.92 18.66
N SER A 542 41.42 26.15 18.98
CA SER A 542 42.40 27.23 19.09
C SER A 542 43.06 27.23 20.46
N CYS A 543 42.60 26.36 21.37
CA CYS A 543 43.11 26.39 22.74
C CYS A 543 44.37 25.54 22.89
N VAL A 544 44.29 24.25 22.55
CA VAL A 544 45.28 23.27 22.98
C VAL A 544 45.81 22.50 21.77
N VAL A 545 47.12 22.20 21.81
CA VAL A 545 47.79 21.46 20.75
C VAL A 545 47.54 19.96 20.97
N ARG A 546 47.69 19.18 19.89
CA ARG A 546 47.33 17.77 19.88
C ARG A 546 48.12 16.91 20.87
N ASP A 547 49.43 16.87 20.74
CA ASP A 547 50.22 16.01 21.62
C ASP A 547 50.98 16.85 22.64
N ALA A 548 51.17 16.28 23.83
CA ALA A 548 51.77 17.00 24.95
C ALA A 548 52.63 16.07 25.78
N THR A 549 53.61 16.65 26.47
CA THR A 549 54.44 15.91 27.42
C THR A 549 54.26 16.54 28.79
N GLY A 550 53.82 15.73 29.76
CA GLY A 550 53.62 16.20 31.11
C GLY A 550 54.91 16.37 31.89
N ASN A 551 55.75 17.31 31.46
CA ASN A 551 57.04 17.54 32.09
C ASN A 551 57.44 18.99 31.93
N VAL A 552 58.36 19.44 32.80
CA VAL A 552 58.87 20.80 32.70
C VAL A 552 59.97 20.89 31.65
N ASN A 553 60.49 19.75 31.22
CA ASN A 553 61.51 19.68 30.19
C ASN A 553 60.84 19.75 28.81
N ASP A 554 61.59 19.39 27.76
CA ASP A 554 61.12 19.46 26.37
C ASP A 554 60.80 20.90 25.96
N THR A 555 61.58 21.84 26.50
CA THR A 555 61.51 23.25 26.13
C THR A 555 62.85 23.66 25.55
N ILE A 556 62.84 24.23 24.35
CA ILE A 556 64.04 24.60 23.63
C ILE A 556 64.20 26.11 23.66
N VAL A 557 65.39 26.58 24.06
CA VAL A 557 65.63 28.01 24.19
C VAL A 557 65.60 28.68 22.83
N THR A 558 66.33 28.12 21.85
CA THR A 558 66.47 28.72 20.51
C THR A 558 66.31 27.64 19.43
N GLU A 559 65.05 27.46 19.00
CA GLU A 559 64.73 26.63 17.83
C GLU A 559 63.55 27.27 17.10
N LEU A 560 63.86 28.15 16.14
CA LEU A 560 62.79 28.76 15.34
C LEU A 560 62.38 27.86 14.19
N THR A 561 63.18 26.85 13.88
CA THR A 561 62.90 26.00 12.75
C THR A 561 62.25 24.68 13.17
N ASN A 562 61.66 24.00 12.18
CA ASN A 562 61.15 22.63 12.26
C ASN A 562 59.87 22.50 13.08
N CYS A 563 59.48 23.58 13.78
CA CYS A 563 58.19 23.72 14.46
C CYS A 563 57.76 22.44 15.19
N THR A 564 58.57 22.03 16.17
CA THR A 564 58.34 20.73 16.83
C THR A 564 57.03 20.72 17.60
N SER A 565 56.71 21.80 18.30
CA SER A 565 55.47 21.89 19.08
C SER A 565 54.48 22.83 18.40
N ALA A 566 53.35 23.03 19.10
CA ALA A 566 52.35 23.97 18.60
C ALA A 566 52.89 25.38 18.54
N ALA A 567 53.59 25.81 19.60
CA ALA A 567 54.32 27.07 19.59
C ALA A 567 55.69 26.80 18.98
N CYS A 568 55.86 27.20 17.72
CA CYS A 568 57.04 26.81 16.95
C CYS A 568 58.32 27.39 17.56
N LYS A 569 58.30 28.68 17.86
CA LYS A 569 59.49 29.33 18.41
C LYS A 569 59.64 29.06 19.90
N LEU A 570 58.55 28.71 20.58
CA LEU A 570 58.61 28.48 22.02
C LEU A 570 58.89 27.01 22.34
N ASN A 571 58.05 26.11 21.80
CA ASN A 571 58.23 24.66 21.95
C ASN A 571 58.25 24.25 23.42
N PHE A 572 57.19 24.62 24.15
CA PHE A 572 57.20 24.43 25.60
C PHE A 572 57.08 22.96 25.98
N ASP A 573 56.12 22.24 25.40
CA ASP A 573 55.75 20.92 25.91
C ASP A 573 56.05 19.79 24.93
N PHE A 574 55.52 19.82 23.72
CA PHE A 574 55.54 18.64 22.86
C PHE A 574 56.92 18.49 22.23
N SER A 575 57.67 17.49 22.70
CA SER A 575 58.94 17.11 22.10
C SER A 575 59.25 15.69 22.55
N SER A 576 59.86 14.93 21.63
CA SER A 576 60.23 13.52 21.81
C SER A 576 59.04 12.61 22.08
N CYS A 577 57.80 13.07 21.85
CA CYS A 577 56.62 12.24 22.03
C CYS A 577 55.93 11.96 20.70
N GLU A 578 56.65 12.14 19.58
CA GLU A 578 56.06 11.88 18.27
C GLU A 578 55.71 10.41 18.11
N SER A 579 56.58 9.52 18.56
CA SER A 579 56.31 8.09 18.54
C SER A 579 56.02 7.51 19.93
N SER A 580 56.54 8.12 20.99
CA SER A 580 56.23 7.68 22.34
C SER A 580 54.79 8.06 22.69
N PRO A 581 54.13 7.27 23.53
CA PRO A 581 52.79 7.67 24.00
C PRO A 581 52.86 8.95 24.81
N CYS A 582 51.85 9.81 24.62
CA CYS A 582 51.77 11.09 25.29
C CYS A 582 50.73 11.03 26.40
N SER A 583 51.11 11.53 27.59
CA SER A 583 50.27 11.39 28.77
C SER A 583 49.04 12.29 28.69
N TYR A 584 49.23 13.56 28.30
CA TYR A 584 48.18 14.57 28.42
C TYR A 584 47.96 15.26 27.08
N GLY A 585 47.87 14.47 26.02
CA GLY A 585 47.64 15.00 24.68
C GLY A 585 46.16 15.33 24.46
N LEU A 586 45.91 16.21 23.50
CA LEU A 586 44.53 16.56 23.15
C LEU A 586 43.77 15.34 22.63
N MET A 587 44.32 14.65 21.64
CA MET A 587 43.62 13.47 21.10
C MET A 587 43.93 12.23 21.93
N ASN A 588 45.10 12.17 22.55
CA ASN A 588 45.49 10.98 23.31
C ASN A 588 44.69 10.87 24.60
N ASN A 589 44.38 12.00 25.23
CA ASN A 589 43.54 12.03 26.43
C ASN A 589 42.17 12.55 26.03
N PHE A 590 41.14 11.74 26.29
CA PHE A 590 39.78 12.07 25.86
C PHE A 590 39.21 13.26 26.61
N GLN A 591 39.64 13.49 27.85
CA GLN A 591 39.01 14.44 28.76
C GLN A 591 39.97 15.53 29.24
N VAL A 592 40.97 15.88 28.43
CA VAL A 592 41.99 16.84 28.87
C VAL A 592 41.38 18.22 29.07
N MET A 593 40.36 18.57 28.29
CA MET A 593 39.74 19.88 28.43
C MET A 593 39.01 20.00 29.76
N SER A 594 38.47 18.89 30.27
CA SER A 594 37.78 18.94 31.57
C SER A 594 38.78 18.96 32.72
N MET A 595 40.03 18.56 32.47
CA MET A 595 41.02 18.55 33.55
C MET A 595 41.81 19.86 33.60
N VAL A 596 42.12 20.45 32.44
CA VAL A 596 42.94 21.65 32.38
C VAL A 596 42.11 22.92 32.46
N SER A 597 40.79 22.79 32.58
CA SER A 597 39.95 23.98 32.78
C SER A 597 40.06 24.48 34.22
N GLY A 598 40.08 25.80 34.36
CA GLY A 598 40.16 26.39 35.68
C GLY A 598 38.92 26.12 36.51
N PHE A 599 39.10 26.08 37.83
CA PHE A 599 38.04 25.72 38.78
C PHE A 599 37.48 24.34 38.46
N THR A 600 38.38 23.37 38.31
CA THR A 600 38.00 22.05 37.80
C THR A 600 37.10 21.20 38.71
N PRO A 601 37.05 21.36 40.04
CA PRO A 601 36.02 20.63 40.79
C PRO A 601 34.59 20.98 40.38
N LEU A 602 34.33 22.23 40.01
CA LEU A 602 33.01 22.59 39.48
C LEU A 602 32.76 21.87 38.17
N ILE A 603 33.80 21.70 37.35
CA ILE A 603 33.68 20.91 36.12
C ILE A 603 33.36 19.47 36.46
N SER A 604 34.01 18.90 37.47
CA SER A 604 33.78 17.50 37.84
C SER A 604 32.34 17.30 38.32
N ALA A 605 31.83 18.24 39.10
CA ALA A 605 30.42 18.19 39.49
C ALA A 605 29.49 18.34 38.29
N GLY A 606 29.84 19.24 37.36
CA GLY A 606 29.00 19.46 36.20
C GLY A 606 28.91 18.24 35.30
N ILE A 607 30.01 17.50 35.17
CA ILE A 607 30.00 16.28 34.36
C ILE A 607 28.98 15.31 34.93
N PHE A 608 29.06 15.05 36.24
CA PHE A 608 28.11 14.18 36.93
C PHE A 608 26.68 14.64 36.70
N SER A 609 26.44 15.94 36.89
CA SER A 609 25.10 16.48 36.78
C SER A 609 24.53 16.27 35.38
N ALA A 610 25.31 16.63 34.35
CA ALA A 610 24.84 16.52 32.98
C ALA A 610 24.56 15.07 32.60
N THR A 611 25.51 14.17 32.89
CA THR A 611 25.32 12.79 32.45
C THR A 611 24.20 12.11 33.24
N LEU A 612 24.05 12.41 34.53
CA LEU A 612 22.95 11.84 35.29
C LEU A 612 21.61 12.38 34.80
N SER A 613 21.54 13.68 34.48
CA SER A 613 20.28 14.23 33.98
C SER A 613 19.89 13.59 32.66
N SER A 614 20.84 13.43 31.75
CA SER A 614 20.53 12.80 30.48
C SER A 614 20.15 11.33 30.68
N ALA A 615 20.81 10.65 31.62
CA ALA A 615 20.48 9.26 31.92
C ALA A 615 19.07 9.13 32.49
N LEU A 616 18.70 10.03 33.41
CA LEU A 616 17.33 10.05 33.91
C LEU A 616 16.33 10.27 32.79
N ALA A 617 16.61 11.21 31.88
CA ALA A 617 15.69 11.46 30.78
C ALA A 617 15.53 10.22 29.91
N SER A 618 16.63 9.58 29.52
CA SER A 618 16.57 8.42 28.65
C SER A 618 15.87 7.24 29.33
N LEU A 619 16.13 7.06 30.63
CA LEU A 619 15.62 5.87 31.31
C LEU A 619 14.21 6.09 31.86
N VAL A 620 13.73 7.33 31.86
CA VAL A 620 12.30 7.52 32.09
C VAL A 620 11.56 7.49 30.77
N SER A 621 12.27 7.75 29.67
CA SER A 621 11.64 7.67 28.36
C SER A 621 11.42 6.23 27.93
N ALA A 622 12.50 5.46 27.77
CA ALA A 622 12.42 4.20 27.03
C ALA A 622 11.41 3.18 27.59
N PRO A 623 11.40 2.86 28.90
CA PRO A 623 10.42 1.85 29.36
C PRO A 623 8.98 2.24 29.14
N LYS A 624 8.65 3.53 29.27
CA LYS A 624 7.28 3.95 29.03
C LYS A 624 6.96 3.92 27.54
N ILE A 625 7.98 4.04 26.68
CA ILE A 625 7.75 3.87 25.25
C ILE A 625 7.38 2.42 24.95
N PHE A 626 8.17 1.47 25.48
CA PHE A 626 7.80 0.07 25.34
C PHE A 626 6.41 -0.21 25.89
N GLN A 627 6.11 0.31 27.08
CA GLN A 627 4.81 0.06 27.69
C GLN A 627 3.68 0.63 26.85
N ALA A 628 3.89 1.81 26.24
CA ALA A 628 2.85 2.42 25.44
C ALA A 628 2.55 1.59 24.19
N LEU A 629 3.60 1.15 23.49
CA LEU A 629 3.37 0.29 22.32
C LEU A 629 2.75 -1.05 22.73
N CYS A 630 3.10 -1.57 23.90
CA CYS A 630 2.44 -2.78 24.37
C CYS A 630 0.97 -2.53 24.67
N LYS A 631 0.64 -1.38 25.28
CA LYS A 631 -0.75 -1.08 25.60
C LYS A 631 -1.58 -0.90 24.33
N ASP A 632 -1.01 -0.24 23.32
CA ASP A 632 -1.72 -0.12 22.04
C ASP A 632 -1.81 -1.47 21.35
N ASN A 633 -0.94 -2.42 21.72
CA ASN A 633 -1.01 -3.83 21.31
C ASN A 633 -1.16 -4.02 19.79
N ILE A 634 -0.39 -3.26 19.01
CA ILE A 634 -0.17 -3.64 17.62
C ILE A 634 0.58 -4.97 17.57
N TYR A 635 1.49 -5.18 18.52
CA TYR A 635 2.26 -6.40 18.62
C TYR A 635 1.84 -7.14 19.87
N PRO A 636 0.91 -8.10 19.80
CA PRO A 636 0.52 -8.83 21.01
C PRO A 636 1.63 -9.69 21.58
N ALA A 637 2.67 -9.99 20.80
CA ALA A 637 3.78 -10.81 21.30
C ALA A 637 4.54 -10.08 22.41
N PHE A 638 4.40 -8.75 22.48
CA PHE A 638 5.03 -7.96 23.52
C PHE A 638 4.04 -7.46 24.57
N GLN A 639 2.75 -7.78 24.42
CA GLN A 639 1.69 -7.07 25.15
C GLN A 639 1.82 -7.22 26.67
N MET A 640 2.38 -8.33 27.15
CA MET A 640 2.36 -8.59 28.59
C MET A 640 3.31 -7.67 29.35
N PHE A 641 4.18 -6.94 28.66
CA PHE A 641 5.13 -6.08 29.34
C PHE A 641 4.46 -4.90 30.03
N ALA A 642 3.26 -4.52 29.59
CA ALA A 642 2.54 -3.43 30.25
C ALA A 642 2.03 -3.90 31.61
N LYS A 643 2.47 -3.22 32.66
CA LYS A 643 2.14 -3.65 34.02
C LYS A 643 1.25 -2.66 34.75
N GLY A 644 1.69 -1.41 34.85
CA GLY A 644 0.96 -0.45 35.67
C GLY A 644 0.89 -0.82 37.13
N TYR A 645 2.04 -1.20 37.71
CA TYR A 645 2.04 -1.76 39.06
C TYR A 645 1.62 -0.73 40.10
N GLY A 646 2.20 0.47 40.06
CA GLY A 646 1.95 1.48 41.06
C GLY A 646 0.75 2.34 40.75
N LYS A 647 0.64 3.45 41.48
CA LYS A 647 -0.41 4.42 41.21
C LYS A 647 -0.26 5.01 39.81
N ASN A 648 0.96 5.35 39.43
CA ASN A 648 1.24 5.70 38.05
C ASN A 648 1.19 4.46 37.17
N ASN A 649 1.07 4.68 35.87
CA ASN A 649 0.96 3.59 34.92
C ASN A 649 2.31 2.99 34.54
N GLU A 650 3.34 3.20 35.35
CA GLU A 650 4.68 2.74 35.00
C GLU A 650 4.74 1.20 34.98
N PRO A 651 5.48 0.62 34.03
CA PRO A 651 5.62 -0.84 34.00
C PRO A 651 6.77 -1.33 34.89
N LEU A 652 6.45 -2.16 35.88
CA LEU A 652 7.51 -2.72 36.71
C LEU A 652 8.34 -3.74 35.95
N ARG A 653 7.67 -4.69 35.27
CA ARG A 653 8.40 -5.68 34.49
C ARG A 653 9.03 -5.04 33.26
N GLY A 654 8.39 -3.99 32.72
CA GLY A 654 9.04 -3.19 31.69
C GLY A 654 10.30 -2.52 32.20
N TYR A 655 10.26 -2.02 33.44
CA TYR A 655 11.46 -1.46 34.06
C TYR A 655 12.55 -2.51 34.18
N ILE A 656 12.18 -3.73 34.58
CA ILE A 656 13.17 -4.80 34.72
C ILE A 656 13.77 -5.18 33.38
N LEU A 657 12.94 -5.28 32.33
CA LEU A 657 13.44 -5.63 31.01
C LEU A 657 14.37 -4.55 30.47
N THR A 658 13.99 -3.27 30.63
CA THR A 658 14.86 -2.18 30.18
C THR A 658 16.15 -2.18 30.97
N PHE A 659 16.07 -2.43 32.28
CA PHE A 659 17.28 -2.60 33.10
C PHE A 659 18.19 -3.67 32.54
N LEU A 660 17.62 -4.83 32.20
CA LEU A 660 18.43 -5.94 31.72
C LEU A 660 19.10 -5.62 30.39
N ILE A 661 18.36 -5.04 29.44
CA ILE A 661 18.95 -4.80 28.12
C ILE A 661 19.98 -3.66 28.20
N ALA A 662 19.67 -2.62 29.00
CA ALA A 662 20.62 -1.53 29.21
C ALA A 662 21.90 -2.06 29.84
N LEU A 663 21.77 -2.91 30.86
CA LEU A 663 22.97 -3.48 31.50
C LEU A 663 23.73 -4.38 30.53
N GLY A 664 23.01 -5.05 29.63
CA GLY A 664 23.67 -5.85 28.61
C GLY A 664 24.56 -5.02 27.72
N PHE A 665 24.09 -3.83 27.33
CA PHE A 665 24.99 -2.92 26.61
C PHE A 665 26.02 -2.26 27.52
N ILE A 666 25.74 -2.19 28.83
CA ILE A 666 26.76 -1.70 29.77
C ILE A 666 27.92 -2.67 29.86
N LEU A 667 27.66 -3.96 29.61
CA LEU A 667 28.71 -4.98 29.69
C LEU A 667 29.91 -4.61 28.82
N ILE A 668 29.66 -3.93 27.70
CA ILE A 668 30.75 -3.31 26.96
C ILE A 668 31.16 -2.03 27.68
N ALA A 669 32.31 -2.08 28.36
CA ALA A 669 32.75 -0.99 29.22
C ALA A 669 33.53 0.08 28.47
N GLU A 670 33.74 -0.09 27.17
CA GLU A 670 34.44 0.88 26.34
C GLU A 670 33.39 1.70 25.58
N LEU A 671 33.61 3.01 25.49
CA LEU A 671 32.61 3.89 24.91
C LEU A 671 32.85 4.13 23.43
N ASN A 672 34.11 4.04 22.99
CA ASN A 672 34.49 4.52 21.67
C ASN A 672 33.80 3.74 20.56
N VAL A 673 33.62 2.43 20.73
CA VAL A 673 32.99 1.64 19.69
C VAL A 673 31.50 1.50 19.94
N ILE A 674 31.07 1.62 21.20
CA ILE A 674 29.65 1.46 21.50
C ILE A 674 28.85 2.67 21.02
N ALA A 675 29.43 3.87 21.10
CA ALA A 675 28.69 5.07 20.71
C ALA A 675 28.14 5.02 19.28
N PRO A 676 28.85 4.49 18.28
CA PRO A 676 28.21 4.31 16.95
C PRO A 676 26.95 3.46 16.96
N ILE A 677 26.85 2.48 17.85
CA ILE A 677 25.64 1.65 17.91
C ILE A 677 24.42 2.52 18.25
N ILE A 678 24.54 3.33 19.31
CA ILE A 678 23.45 4.20 19.71
C ILE A 678 23.18 5.23 18.62
N SER A 679 24.24 5.73 18.00
CA SER A 679 24.11 6.61 16.86
C SER A 679 23.28 5.95 15.76
N ASN A 680 23.51 4.66 15.53
CA ASN A 680 22.83 3.97 14.45
C ASN A 680 21.33 3.87 14.71
N PHE A 681 20.91 3.44 15.91
CA PHE A 681 19.46 3.38 16.12
C PHE A 681 18.81 4.76 16.25
N PHE A 682 19.44 5.75 16.89
CA PHE A 682 18.80 7.07 16.84
C PHE A 682 18.68 7.61 15.42
N LEU A 683 19.72 7.48 14.61
CA LEU A 683 19.66 8.09 13.29
C LEU A 683 18.68 7.32 12.41
N ALA A 684 18.59 5.99 12.60
CA ALA A 684 17.62 5.20 11.85
C ALA A 684 16.19 5.55 12.25
N SER A 685 15.94 5.74 13.54
CA SER A 685 14.61 6.15 13.99
C SER A 685 14.26 7.53 13.43
N TYR A 686 15.23 8.44 13.39
CA TYR A 686 14.99 9.75 12.82
C TYR A 686 14.68 9.66 11.32
N ALA A 687 15.39 8.78 10.61
CA ALA A 687 15.10 8.57 9.19
C ALA A 687 13.69 8.03 8.99
N LEU A 688 13.27 7.11 9.86
CA LEU A 688 11.90 6.59 9.78
C LEU A 688 10.88 7.69 10.05
N ILE A 689 11.17 8.57 11.02
CA ILE A 689 10.27 9.68 11.30
C ILE A 689 10.14 10.58 10.07
N ASN A 690 11.26 10.90 9.43
CA ASN A 690 11.22 11.77 8.26
C ASN A 690 10.43 11.13 7.12
N PHE A 691 10.68 9.84 6.87
CA PHE A 691 9.95 9.17 5.79
C PHE A 691 8.47 9.04 6.13
N SER A 692 8.13 8.82 7.40
CA SER A 692 6.73 8.77 7.80
C SER A 692 6.04 10.11 7.60
N VAL A 693 6.72 11.21 7.94
CA VAL A 693 6.16 12.54 7.72
C VAL A 693 5.97 12.79 6.23
N PHE A 694 6.94 12.37 5.42
CA PHE A 694 6.82 12.50 3.97
C PHE A 694 5.62 11.73 3.44
N HIS A 695 5.45 10.49 3.91
CA HIS A 695 4.33 9.67 3.43
C HIS A 695 3.00 10.21 3.92
N ALA A 696 2.96 10.77 5.13
CA ALA A 696 1.73 11.36 5.64
C ALA A 696 1.36 12.61 4.86
N SER A 697 2.36 13.41 4.49
CA SER A 697 2.08 14.59 3.66
C SER A 697 1.62 14.19 2.27
N LEU A 698 2.23 13.15 1.70
CA LEU A 698 1.86 12.72 0.35
C LEU A 698 0.47 12.11 0.33
N ALA A 699 0.15 11.28 1.33
CA ALA A 699 -1.12 10.56 1.33
C ALA A 699 -2.24 11.41 1.92
N LYS A 700 -1.92 12.18 2.97
CA LYS A 700 -2.87 13.04 3.71
C LYS A 700 -4.23 12.39 3.93
N SER A 701 -4.21 11.12 4.33
CA SER A 701 -5.43 10.42 4.75
C SER A 701 -6.07 11.10 5.96
N PRO A 702 -5.32 11.50 7.00
CA PRO A 702 -5.92 12.38 8.01
C PRO A 702 -5.95 13.81 7.51
N GLY A 703 -6.36 14.71 8.42
CA GLY A 703 -6.37 16.13 8.08
C GLY A 703 -5.00 16.63 7.66
N TRP A 704 -4.04 16.64 8.59
CA TRP A 704 -2.63 16.88 8.32
C TRP A 704 -2.41 18.21 7.59
N ARG A 705 -2.77 19.29 8.29
CA ARG A 705 -2.60 20.62 7.73
C ARG A 705 -1.11 20.94 7.58
N PRO A 706 -0.75 21.87 6.69
CA PRO A 706 0.65 22.33 6.69
C PRO A 706 1.03 23.06 7.97
N ALA A 707 0.34 24.17 8.27
CA ALA A 707 0.42 24.92 9.53
C ALA A 707 1.85 25.08 10.05
N PHE A 708 2.80 25.28 9.14
CA PHE A 708 4.19 25.46 9.54
C PHE A 708 4.98 26.07 8.39
N LYS A 709 6.02 26.82 8.75
CA LYS A 709 6.93 27.36 7.76
C LYS A 709 7.99 26.31 7.41
N TYR A 710 8.28 26.21 6.11
CA TYR A 710 9.07 25.10 5.56
C TYR A 710 8.45 23.75 5.93
N TYR A 711 7.19 23.60 5.55
CA TYR A 711 6.43 22.37 5.78
C TYR A 711 6.64 21.35 4.67
N ASN A 712 7.63 21.58 3.80
CA ASN A 712 7.75 20.81 2.56
C ASN A 712 8.01 19.34 2.84
N MET A 713 7.34 18.49 2.05
CA MET A 713 7.53 17.04 2.16
C MET A 713 8.78 16.57 1.44
N TRP A 714 9.17 17.25 0.36
CA TRP A 714 10.35 16.83 -0.41
C TRP A 714 11.63 17.02 0.39
N ILE A 715 11.72 18.10 1.19
CA ILE A 715 12.91 18.30 2.00
C ILE A 715 12.99 17.24 3.09
N SER A 716 11.84 16.82 3.63
CA SER A 716 11.82 15.72 4.58
C SER A 716 12.27 14.42 3.93
N LEU A 717 11.84 14.18 2.69
CA LEU A 717 12.29 13.01 1.96
C LEU A 717 13.80 13.04 1.74
N LEU A 718 14.34 14.21 1.37
CA LEU A 718 15.78 14.36 1.17
C LEU A 718 16.53 14.09 2.47
N GLY A 719 16.02 14.62 3.59
CA GLY A 719 16.64 14.32 4.87
C GLY A 719 16.61 12.85 5.21
N ALA A 720 15.50 12.17 4.90
CA ALA A 720 15.40 10.74 5.16
C ALA A 720 16.41 9.96 4.31
N ILE A 721 16.56 10.31 3.04
CA ILE A 721 17.51 9.62 2.18
C ILE A 721 18.94 9.84 2.66
N LEU A 722 19.27 11.09 2.99
CA LEU A 722 20.59 11.39 3.52
C LEU A 722 20.86 10.61 4.80
N CYS A 723 19.84 10.50 5.67
CA CYS A 723 19.99 9.71 6.88
C CYS A 723 20.23 8.24 6.57
N CYS A 724 19.52 7.68 5.58
CA CYS A 724 19.75 6.30 5.22
C CYS A 724 21.19 6.06 4.76
N ILE A 725 21.70 6.93 3.88
CA ILE A 725 23.08 6.77 3.41
C ILE A 725 24.06 6.91 4.56
N VAL A 726 23.88 7.95 5.39
CA VAL A 726 24.83 8.21 6.47
C VAL A 726 24.81 7.08 7.49
N MET A 727 23.63 6.57 7.84
CA MET A 727 23.54 5.42 8.73
C MET A 727 24.24 4.21 8.13
N PHE A 728 24.15 4.06 6.81
CA PHE A 728 24.87 2.95 6.19
C PHE A 728 26.38 3.10 6.33
N VAL A 729 26.91 4.32 6.11
CA VAL A 729 28.36 4.50 6.06
C VAL A 729 29.00 4.09 7.39
N ILE A 730 28.29 4.26 8.49
CA ILE A 730 28.76 3.88 9.81
C ILE A 730 28.32 2.44 10.08
N ASN A 731 29.30 1.55 10.24
CA ASN A 731 29.06 0.16 10.63
C ASN A 731 28.11 -0.55 9.66
N TRP A 732 28.61 -0.78 8.45
CA TRP A 732 27.79 -1.33 7.36
C TRP A 732 27.05 -2.60 7.76
N TRP A 733 27.67 -3.45 8.59
CA TRP A 733 27.00 -4.67 9.03
C TRP A 733 25.83 -4.35 9.96
N ALA A 734 26.07 -3.50 10.96
CA ALA A 734 24.98 -3.10 11.85
C ALA A 734 23.89 -2.35 11.09
N ALA A 735 24.30 -1.56 10.08
CA ALA A 735 23.32 -0.91 9.23
C ALA A 735 22.46 -1.94 8.48
N LEU A 736 23.09 -2.99 7.95
CA LEU A 736 22.34 -4.00 7.21
C LEU A 736 21.37 -4.74 8.13
N LEU A 737 21.80 -5.04 9.37
CA LEU A 737 20.85 -5.57 10.35
C LEU A 737 19.73 -4.58 10.62
N THR A 738 20.01 -3.27 10.57
CA THR A 738 18.94 -2.30 10.77
C THR A 738 17.91 -2.34 9.64
N TYR A 739 18.37 -2.41 8.39
CA TYR A 739 17.40 -2.60 7.29
C TYR A 739 16.66 -3.92 7.45
N VAL A 740 17.33 -4.96 7.94
CA VAL A 740 16.66 -6.25 8.13
C VAL A 740 15.54 -6.12 9.15
N ILE A 741 15.80 -5.45 10.27
CA ILE A 741 14.77 -5.25 11.30
C ILE A 741 13.63 -4.39 10.76
N VAL A 742 13.95 -3.35 10.00
CA VAL A 742 12.91 -2.49 9.44
C VAL A 742 12.03 -3.27 8.46
N LEU A 743 12.66 -4.10 7.61
CA LEU A 743 11.89 -4.91 6.68
C LEU A 743 11.04 -5.94 7.40
N GLY A 744 11.56 -6.53 8.47
CA GLY A 744 10.77 -7.47 9.24
C GLY A 744 9.58 -6.82 9.91
N LEU A 745 9.78 -5.60 10.44
CA LEU A 745 8.67 -4.87 11.03
C LEU A 745 7.61 -4.53 9.98
N TYR A 746 8.03 -4.10 8.80
CA TYR A 746 7.09 -3.85 7.71
C TYR A 746 6.38 -5.14 7.31
N ILE A 747 7.09 -6.27 7.32
CA ILE A 747 6.49 -7.54 6.96
C ILE A 747 5.40 -7.91 7.95
N TYR A 748 5.68 -7.75 9.24
CA TYR A 748 4.69 -8.12 10.25
C TYR A 748 3.49 -7.19 10.20
N VAL A 749 3.73 -5.89 10.02
CA VAL A 749 2.63 -4.93 10.11
C VAL A 749 1.83 -4.91 8.81
N THR A 750 2.40 -5.43 7.72
CA THR A 750 1.70 -5.41 6.44
C THR A 750 0.60 -6.45 6.41
N TYR A 751 0.91 -7.70 6.78
CA TYR A 751 -0.08 -8.76 6.68
C TYR A 751 -1.10 -8.68 7.81
N LYS A 752 -0.67 -8.25 9.00
CA LYS A 752 -1.53 -8.15 10.16
C LYS A 752 -2.04 -6.72 10.28
N LYS A 753 -3.35 -6.54 10.11
CA LYS A 753 -3.96 -5.21 10.17
C LYS A 753 -4.64 -5.04 11.51
N PRO A 754 -4.08 -4.25 12.43
CA PRO A 754 -4.65 -4.15 13.78
C PRO A 754 -5.66 -3.03 13.93
N ASP A 755 -6.81 -3.33 14.53
CA ASP A 755 -7.85 -2.33 14.78
C ASP A 755 -7.52 -1.56 16.07
N VAL A 756 -6.36 -0.91 16.05
CA VAL A 756 -5.79 -0.25 17.23
C VAL A 756 -6.07 1.24 17.21
N ASN A 757 -5.55 1.95 16.20
CA ASN A 757 -5.68 3.40 16.10
C ASN A 757 -6.70 3.84 15.07
N TRP A 758 -6.66 3.26 13.87
CA TRP A 758 -7.75 3.46 12.93
C TRP A 758 -9.04 2.81 13.45
N GLY A 759 -8.90 1.73 14.21
CA GLY A 759 -10.07 1.06 14.75
C GLY A 759 -10.71 1.82 15.89
N SER A 760 -9.93 2.60 16.63
CA SER A 760 -10.41 3.29 17.82
C SER A 760 -10.20 4.79 17.67
N SER A 761 -11.30 5.54 17.64
CA SER A 761 -11.41 7.00 17.70
C SER A 761 -10.94 7.70 16.43
N THR A 762 -10.35 6.99 15.47
CA THR A 762 -9.92 7.57 14.19
C THR A 762 -10.36 6.66 13.04
N GLN A 763 -11.64 6.28 13.04
CA GLN A 763 -12.20 5.49 11.96
C GLN A 763 -12.26 6.26 10.64
N ALA A 764 -12.01 7.58 10.67
CA ALA A 764 -11.99 8.36 9.45
C ALA A 764 -10.94 7.85 8.48
N LEU A 765 -9.84 7.31 9.00
CA LEU A 765 -8.78 6.82 8.12
C LEU A 765 -9.26 5.66 7.25
N THR A 766 -9.83 4.63 7.88
CA THR A 766 -10.31 3.50 7.11
C THR A 766 -11.55 3.86 6.29
N TYR A 767 -12.35 4.81 6.79
CA TYR A 767 -13.48 5.30 6.01
C TYR A 767 -13.01 5.91 4.70
N LEU A 768 -11.99 6.77 4.76
CA LEU A 768 -11.51 7.42 3.56
C LEU A 768 -10.78 6.43 2.65
N ASN A 769 -10.08 5.45 3.22
CA ASN A 769 -9.47 4.42 2.38
C ASN A 769 -10.54 3.62 1.63
N ALA A 770 -11.60 3.21 2.32
CA ALA A 770 -12.68 2.48 1.66
C ALA A 770 -13.36 3.32 0.60
N LEU A 771 -13.61 4.60 0.91
CA LEU A 771 -14.26 5.49 -0.05
C LEU A 771 -13.39 5.69 -1.30
N GLN A 772 -12.09 5.90 -1.10
CA GLN A 772 -11.19 6.07 -2.23
C GLN A 772 -11.11 4.82 -3.08
N HIS A 773 -11.07 3.64 -2.44
CA HIS A 773 -11.03 2.40 -3.20
C HIS A 773 -12.32 2.17 -3.97
N SER A 774 -13.46 2.52 -3.38
CA SER A 774 -14.74 2.39 -4.09
C SER A 774 -14.80 3.33 -5.28
N ILE A 775 -14.32 4.57 -5.11
CA ILE A 775 -14.30 5.52 -6.22
C ILE A 775 -13.39 5.01 -7.33
N ARG A 776 -12.23 4.46 -6.95
CA ARG A 776 -11.32 3.89 -7.94
C ARG A 776 -11.96 2.75 -8.70
N LEU A 777 -12.69 1.88 -7.97
CA LEU A 777 -13.38 0.76 -8.61
C LEU A 777 -14.45 1.27 -9.57
N SER A 778 -15.17 2.32 -9.19
CA SER A 778 -16.20 2.87 -10.08
C SER A 778 -15.59 3.46 -11.35
N GLY A 779 -14.28 3.69 -11.36
CA GLY A 779 -13.66 4.31 -12.52
C GLY A 779 -13.41 3.36 -13.67
N VAL A 780 -13.54 2.05 -13.44
CA VAL A 780 -13.26 1.09 -14.50
C VAL A 780 -14.30 1.22 -15.60
N GLU A 781 -13.86 1.11 -16.85
CA GLU A 781 -14.75 1.40 -17.97
C GLU A 781 -15.64 0.21 -18.31
N ASP A 782 -15.09 -1.00 -18.25
CA ASP A 782 -15.78 -2.20 -18.74
C ASP A 782 -16.14 -3.12 -17.59
N HIS A 783 -17.40 -3.54 -17.55
CA HIS A 783 -17.89 -4.53 -16.59
C HIS A 783 -18.29 -5.84 -17.25
N VAL A 784 -18.27 -5.91 -18.58
CA VAL A 784 -18.74 -7.10 -19.28
C VAL A 784 -17.71 -8.23 -19.17
N LYS A 785 -16.47 -7.90 -18.80
CA LYS A 785 -15.43 -8.93 -18.74
C LYS A 785 -15.68 -9.90 -17.60
N ASN A 786 -15.98 -9.39 -16.40
CA ASN A 786 -16.12 -10.22 -15.21
C ASN A 786 -17.58 -10.21 -14.76
N PHE A 787 -18.18 -11.39 -14.66
CA PHE A 787 -19.50 -11.50 -14.05
C PHE A 787 -19.46 -11.16 -12.58
N ARG A 788 -18.43 -11.64 -11.87
CA ARG A 788 -18.19 -11.32 -10.47
C ARG A 788 -19.41 -11.61 -9.60
N PRO A 789 -19.67 -12.88 -9.28
CA PRO A 789 -20.89 -13.25 -8.55
C PRO A 789 -21.07 -12.47 -7.26
N GLN A 790 -22.13 -11.66 -7.23
CA GLN A 790 -22.49 -10.84 -6.09
C GLN A 790 -23.85 -11.27 -5.59
N CYS A 791 -23.93 -11.65 -4.32
CA CYS A 791 -25.12 -12.28 -3.78
C CYS A 791 -25.80 -11.39 -2.76
N LEU A 792 -27.12 -11.33 -2.86
CA LEU A 792 -27.99 -10.73 -1.85
C LEU A 792 -28.76 -11.87 -1.22
N VAL A 793 -28.37 -12.24 0.00
CA VAL A 793 -28.96 -13.37 0.72
C VAL A 793 -30.17 -12.82 1.46
N MET A 794 -31.36 -13.30 1.10
CA MET A 794 -32.58 -12.84 1.76
C MET A 794 -32.96 -13.83 2.87
N THR A 795 -32.15 -13.83 3.92
CA THR A 795 -32.47 -14.48 5.18
C THR A 795 -32.57 -13.41 6.25
N GLY A 796 -33.72 -13.35 6.92
CA GLY A 796 -34.00 -12.23 7.80
C GLY A 796 -33.06 -12.14 8.99
N ALA A 797 -32.84 -13.27 9.67
CA ALA A 797 -31.99 -13.29 10.84
C ALA A 797 -30.68 -13.96 10.50
N PRO A 798 -29.56 -13.22 10.44
CA PRO A 798 -28.28 -13.86 10.11
C PRO A 798 -27.88 -14.95 11.08
N ASN A 799 -28.21 -14.81 12.36
CA ASN A 799 -27.89 -15.86 13.32
C ASN A 799 -28.67 -17.13 13.03
N SER A 800 -29.92 -16.99 12.60
CA SER A 800 -30.66 -18.14 12.12
C SER A 800 -30.14 -18.56 10.75
N ARG A 801 -30.37 -19.83 10.40
CA ARG A 801 -29.88 -20.44 9.17
C ARG A 801 -28.38 -20.24 8.97
N PRO A 802 -27.54 -20.71 9.91
CA PRO A 802 -26.11 -20.45 9.77
C PRO A 802 -25.45 -21.25 8.67
N ALA A 803 -25.93 -22.47 8.42
CA ALA A 803 -25.33 -23.32 7.40
C ALA A 803 -25.51 -22.70 6.02
N LEU A 804 -26.67 -22.09 5.76
CA LEU A 804 -26.89 -21.45 4.47
C LEU A 804 -25.96 -20.26 4.28
N LEU A 805 -25.75 -19.47 5.34
CA LEU A 805 -24.79 -18.37 5.25
C LEU A 805 -23.37 -18.88 5.00
N HIS A 806 -22.99 -19.98 5.64
CA HIS A 806 -21.67 -20.56 5.37
C HIS A 806 -21.56 -21.04 3.93
N LEU A 807 -22.62 -21.66 3.41
CA LEU A 807 -22.60 -22.15 2.03
C LEU A 807 -22.52 -21.00 1.04
N VAL A 808 -23.22 -19.89 1.31
CA VAL A 808 -23.06 -18.72 0.46
C VAL A 808 -21.66 -18.17 0.58
N HIS A 809 -21.11 -18.17 1.80
CA HIS A 809 -19.75 -17.66 2.02
C HIS A 809 -18.73 -18.50 1.28
N ASP A 810 -19.05 -19.76 0.99
CA ASP A 810 -18.12 -20.59 0.24
C ASP A 810 -17.85 -20.00 -1.15
N PHE A 811 -18.90 -19.64 -1.86
CA PHE A 811 -18.70 -19.15 -3.22
C PHE A 811 -18.52 -17.67 -3.38
N THR A 812 -18.70 -16.90 -2.34
CA THR A 812 -18.46 -15.48 -2.42
C THR A 812 -17.43 -15.00 -1.42
N LYS A 813 -16.59 -15.88 -0.90
CA LYS A 813 -15.68 -15.43 0.14
C LYS A 813 -14.73 -14.41 -0.35
N ASN A 814 -14.10 -14.68 -1.47
CA ASN A 814 -13.13 -13.76 -1.95
C ASN A 814 -13.32 -13.58 -3.39
N VAL A 815 -14.52 -13.83 -3.89
CA VAL A 815 -14.76 -13.54 -5.28
C VAL A 815 -15.87 -12.54 -5.46
N GLY A 816 -16.61 -12.27 -4.40
CA GLY A 816 -17.76 -11.42 -4.57
C GLY A 816 -18.36 -10.81 -3.35
N LEU A 817 -19.35 -9.96 -3.57
CA LEU A 817 -19.99 -9.29 -2.48
C LEU A 817 -21.17 -10.03 -1.97
N MET A 818 -21.20 -10.31 -0.69
CA MET A 818 -22.37 -10.89 -0.03
C MET A 818 -23.04 -9.82 0.81
N ILE A 819 -24.33 -9.64 0.62
CA ILE A 819 -25.13 -8.71 1.41
C ILE A 819 -26.27 -9.50 2.02
N CYS A 820 -26.28 -9.60 3.35
CA CYS A 820 -27.30 -10.37 4.06
C CYS A 820 -28.46 -9.43 4.36
N GLY A 821 -29.42 -9.37 3.44
CA GLY A 821 -30.53 -8.45 3.60
C GLY A 821 -31.49 -8.90 4.67
N HIS A 822 -32.22 -7.93 5.22
CA HIS A 822 -33.21 -8.19 6.26
C HIS A 822 -34.30 -7.14 6.15
N VAL A 823 -35.54 -7.59 5.95
CA VAL A 823 -36.68 -6.70 5.80
C VAL A 823 -37.42 -6.70 7.14
N HIS A 824 -37.33 -5.59 7.86
CA HIS A 824 -37.94 -5.46 9.18
C HIS A 824 -39.28 -4.74 9.05
N MET A 825 -40.37 -5.46 9.29
CA MET A 825 -41.71 -4.91 9.21
C MET A 825 -42.21 -4.58 10.61
N GLY A 826 -42.87 -3.44 10.74
CA GLY A 826 -43.43 -3.03 12.01
C GLY A 826 -43.83 -1.57 12.02
N PRO A 827 -44.08 -1.02 13.20
CA PRO A 827 -44.41 0.41 13.29
C PRO A 827 -43.21 1.26 12.88
N ARG A 828 -43.49 2.30 12.09
CA ARG A 828 -42.41 3.15 11.58
C ARG A 828 -41.81 3.99 12.70
N ARG A 829 -42.62 4.30 13.73
CA ARG A 829 -42.13 5.13 14.84
C ARG A 829 -41.01 4.43 15.61
N GLN A 830 -41.16 3.13 15.84
CA GLN A 830 -40.13 2.35 16.51
C GLN A 830 -39.20 1.63 15.53
N ALA A 831 -39.35 1.87 14.23
CA ALA A 831 -38.59 1.12 13.24
C ALA A 831 -37.11 1.46 13.30
N MET A 832 -36.77 2.73 13.50
CA MET A 832 -35.38 3.14 13.34
C MET A 832 -34.49 2.63 14.46
N LYS A 833 -34.95 2.71 15.71
CA LYS A 833 -34.16 2.21 16.82
C LYS A 833 -33.98 0.70 16.75
N GLU A 834 -35.05 -0.03 16.42
CA GLU A 834 -34.96 -1.48 16.28
C GLU A 834 -34.01 -1.85 15.15
N MET A 835 -34.08 -1.13 14.03
CA MET A 835 -33.19 -1.42 12.92
C MET A 835 -31.74 -1.12 13.28
N SER A 836 -31.50 -0.06 14.04
CA SER A 836 -30.14 0.26 14.45
C SER A 836 -29.56 -0.80 15.39
N ILE A 837 -30.33 -1.21 16.40
CA ILE A 837 -29.83 -2.22 17.32
C ILE A 837 -29.66 -3.56 16.63
N ASP A 838 -30.56 -3.88 15.69
CA ASP A 838 -30.41 -5.12 14.92
C ASP A 838 -29.19 -5.06 14.02
N GLN A 839 -28.93 -3.90 13.41
CA GLN A 839 -27.72 -3.72 12.62
C GLN A 839 -26.48 -3.98 13.46
N ALA A 840 -26.41 -3.37 14.64
CA ALA A 840 -25.25 -3.54 15.50
C ALA A 840 -25.08 -5.00 15.90
N LYS A 841 -26.16 -5.63 16.37
CA LYS A 841 -26.08 -7.01 16.87
C LYS A 841 -25.72 -7.98 15.75
N TYR A 842 -26.39 -7.89 14.60
CA TYR A 842 -26.15 -8.86 13.54
C TYR A 842 -24.85 -8.59 12.81
N GLN A 843 -24.38 -7.34 12.76
CA GLN A 843 -23.04 -7.10 12.22
C GLN A 843 -21.97 -7.64 13.15
N ARG A 844 -22.18 -7.53 14.47
CA ARG A 844 -21.27 -8.16 15.41
C ARG A 844 -21.26 -9.68 15.24
N TRP A 845 -22.44 -10.26 15.01
CA TRP A 845 -22.52 -11.70 14.76
C TRP A 845 -21.78 -12.07 13.47
N LEU A 846 -21.94 -11.26 12.41
CA LEU A 846 -21.33 -11.57 11.13
C LEU A 846 -19.81 -11.43 11.19
N ILE A 847 -19.32 -10.53 12.04
CA ILE A 847 -17.87 -10.38 12.17
C ILE A 847 -17.30 -11.45 13.11
N LYS A 848 -18.05 -11.81 14.14
CA LYS A 848 -17.57 -12.82 15.10
C LYS A 848 -17.37 -14.16 14.41
N ASN A 849 -18.36 -14.64 13.69
CA ASN A 849 -18.17 -15.77 12.79
C ASN A 849 -17.32 -15.32 11.61
N LYS A 850 -16.52 -16.24 11.09
CA LYS A 850 -15.56 -15.90 10.04
C LYS A 850 -16.30 -15.74 8.72
N MET A 851 -16.98 -14.59 8.58
CA MET A 851 -17.75 -14.27 7.39
C MET A 851 -17.42 -12.86 6.93
N LYS A 852 -17.66 -12.60 5.66
CA LYS A 852 -17.47 -11.28 5.06
C LYS A 852 -18.80 -10.87 4.42
N ALA A 853 -19.69 -10.31 5.24
CA ALA A 853 -21.03 -9.98 4.83
C ALA A 853 -21.39 -8.57 5.28
N PHE A 854 -22.22 -7.91 4.48
CA PHE A 854 -22.70 -6.57 4.79
C PHE A 854 -24.17 -6.67 5.16
N TYR A 855 -24.47 -6.46 6.43
CA TYR A 855 -25.85 -6.52 6.88
C TYR A 855 -26.59 -5.26 6.44
N ALA A 856 -27.60 -5.43 5.59
CA ALA A 856 -28.38 -4.32 5.06
C ALA A 856 -29.83 -4.46 5.49
N PRO A 857 -30.28 -3.76 6.53
CA PRO A 857 -31.70 -3.83 6.91
C PRO A 857 -32.52 -2.75 6.24
N VAL A 858 -33.75 -3.08 5.86
CA VAL A 858 -34.69 -2.13 5.28
C VAL A 858 -36.03 -2.29 5.98
N HIS A 859 -36.82 -1.23 5.95
CA HIS A 859 -38.14 -1.22 6.57
C HIS A 859 -39.19 -1.15 5.48
N ALA A 860 -40.16 -2.07 5.52
CA ALA A 860 -41.17 -2.12 4.49
C ALA A 860 -42.42 -2.80 5.04
N ASP A 861 -43.53 -2.65 4.30
CA ASP A 861 -44.79 -3.23 4.72
C ASP A 861 -44.75 -4.75 4.67
N ASP A 862 -44.07 -5.31 3.66
CA ASP A 862 -44.02 -6.76 3.50
C ASP A 862 -42.67 -7.16 2.94
N LEU A 863 -42.52 -8.47 2.70
CA LEU A 863 -41.26 -9.00 2.20
C LEU A 863 -40.93 -8.48 0.80
N ARG A 864 -41.94 -8.41 -0.08
CA ARG A 864 -41.69 -8.06 -1.47
C ARG A 864 -41.19 -6.62 -1.60
N GLU A 865 -41.79 -5.70 -0.84
CA GLU A 865 -41.38 -4.30 -0.94
C GLU A 865 -39.95 -4.09 -0.44
N GLY A 866 -39.61 -4.68 0.70
CA GLY A 866 -38.25 -4.55 1.21
C GLY A 866 -37.23 -5.21 0.31
N ALA A 867 -37.60 -6.37 -0.26
CA ALA A 867 -36.70 -7.02 -1.20
C ALA A 867 -36.53 -6.19 -2.46
N GLN A 868 -37.58 -5.50 -2.89
CA GLN A 868 -37.45 -4.58 -4.02
C GLN A 868 -36.50 -3.44 -3.69
N TYR A 869 -36.63 -2.87 -2.48
CA TYR A 869 -35.68 -1.87 -2.01
C TYR A 869 -34.25 -2.37 -2.12
N LEU A 870 -34.01 -3.58 -1.59
CA LEU A 870 -32.65 -4.11 -1.55
C LEU A 870 -32.12 -4.44 -2.94
N MET A 871 -32.97 -4.97 -3.82
CA MET A 871 -32.49 -5.41 -5.12
C MET A 871 -32.25 -4.24 -6.08
N GLN A 872 -33.04 -3.17 -5.94
CA GLN A 872 -32.87 -2.08 -6.90
C GLN A 872 -31.94 -0.98 -6.40
N ALA A 873 -31.67 -0.94 -5.09
CA ALA A 873 -30.95 0.19 -4.54
C ALA A 873 -29.66 -0.13 -3.80
N ALA A 874 -29.52 -1.33 -3.24
CA ALA A 874 -28.38 -1.62 -2.40
C ALA A 874 -27.09 -1.72 -3.23
N GLY A 875 -25.98 -1.40 -2.59
CA GLY A 875 -24.69 -1.43 -3.22
C GLY A 875 -24.20 -0.05 -3.62
N LEU A 876 -22.88 0.05 -3.82
CA LEU A 876 -22.23 1.30 -4.21
C LEU A 876 -21.44 1.10 -5.49
N GLY A 877 -21.75 1.90 -6.50
CA GLY A 877 -21.03 1.80 -7.75
C GLY A 877 -21.26 0.48 -8.42
N ARG A 878 -20.18 -0.26 -8.63
CA ARG A 878 -20.25 -1.58 -9.23
C ARG A 878 -20.26 -2.71 -8.20
N MET A 879 -20.25 -2.38 -6.91
CA MET A 879 -20.48 -3.37 -5.86
C MET A 879 -21.97 -3.53 -5.61
N LYS A 880 -22.69 -3.85 -6.68
CA LYS A 880 -24.13 -4.01 -6.61
C LYS A 880 -24.48 -5.48 -6.82
N PRO A 881 -25.32 -6.07 -5.98
CA PRO A 881 -25.66 -7.49 -6.13
C PRO A 881 -26.27 -7.79 -7.49
N ASN A 882 -25.87 -8.93 -8.06
CA ASN A 882 -26.41 -9.39 -9.33
C ASN A 882 -27.00 -10.79 -9.24
N THR A 883 -26.95 -11.42 -8.07
CA THR A 883 -27.65 -12.67 -7.81
C THR A 883 -28.42 -12.52 -6.51
N LEU A 884 -29.59 -13.14 -6.46
CA LEU A 884 -30.43 -13.20 -5.27
C LEU A 884 -30.42 -14.62 -4.75
N VAL A 885 -30.14 -14.77 -3.46
CA VAL A 885 -29.99 -16.09 -2.84
C VAL A 885 -31.08 -16.24 -1.79
N LEU A 886 -31.94 -17.23 -2.00
CA LEU A 886 -33.03 -17.53 -1.08
C LEU A 886 -32.82 -18.92 -0.50
N GLY A 887 -33.31 -19.09 0.72
CA GLY A 887 -33.43 -20.40 1.34
C GLY A 887 -34.76 -21.01 0.93
N PHE A 888 -34.77 -22.33 0.80
CA PHE A 888 -36.02 -23.01 0.48
C PHE A 888 -36.98 -22.89 1.66
N LYS A 889 -38.18 -22.40 1.39
CA LYS A 889 -39.19 -22.23 2.41
C LYS A 889 -39.69 -23.62 2.82
N LYS A 890 -39.16 -24.14 3.92
CA LYS A 890 -39.46 -25.48 4.37
C LYS A 890 -40.77 -25.57 5.13
N ASP A 891 -41.34 -24.44 5.55
CA ASP A 891 -42.60 -24.42 6.25
C ASP A 891 -43.76 -23.96 5.36
N TRP A 892 -43.60 -24.07 4.03
CA TRP A 892 -44.65 -23.61 3.12
C TRP A 892 -45.90 -24.45 3.27
N LEU A 893 -45.76 -25.70 3.72
CA LEU A 893 -46.93 -26.53 3.95
C LEU A 893 -47.77 -26.02 5.10
N GLN A 894 -47.12 -25.53 6.16
CA GLN A 894 -47.81 -25.12 7.38
C GLN A 894 -47.95 -23.60 7.50
N ALA A 895 -47.68 -22.85 6.43
CA ALA A 895 -47.77 -21.40 6.44
C ALA A 895 -48.92 -20.95 5.55
N ASP A 896 -49.33 -19.70 5.75
CA ASP A 896 -50.36 -19.11 4.91
C ASP A 896 -49.88 -19.01 3.47
N MET A 897 -50.79 -19.20 2.53
CA MET A 897 -50.40 -19.19 1.12
C MET A 897 -50.13 -17.79 0.61
N ARG A 898 -50.45 -16.76 1.40
CA ARG A 898 -50.05 -15.40 1.03
C ARG A 898 -48.53 -15.25 1.06
N ASP A 899 -47.87 -15.87 2.04
CA ASP A 899 -46.42 -15.81 2.11
C ASP A 899 -45.77 -16.57 0.95
N VAL A 900 -46.35 -17.71 0.57
CA VAL A 900 -45.86 -18.46 -0.58
C VAL A 900 -46.03 -17.64 -1.86
N ASP A 901 -47.11 -16.87 -1.95
CA ASP A 901 -47.29 -15.98 -3.09
C ASP A 901 -46.20 -14.93 -3.14
N MET A 902 -45.84 -14.34 -1.99
CA MET A 902 -44.75 -13.37 -1.98
C MET A 902 -43.41 -14.03 -2.33
N TYR A 903 -43.22 -15.28 -1.91
CA TYR A 903 -41.99 -16.00 -2.24
C TYR A 903 -41.86 -16.19 -3.76
N ILE A 904 -42.94 -16.65 -4.40
CA ILE A 904 -42.90 -16.91 -5.83
C ILE A 904 -42.80 -15.60 -6.61
N ASN A 905 -43.53 -14.57 -6.17
CA ASN A 905 -43.42 -13.28 -6.82
C ASN A 905 -42.04 -12.66 -6.61
N LEU A 906 -41.38 -13.02 -5.50
CA LEU A 906 -39.99 -12.63 -5.32
C LEU A 906 -39.09 -13.29 -6.35
N PHE A 907 -39.30 -14.57 -6.62
CA PHE A 907 -38.62 -15.21 -7.74
C PHE A 907 -38.83 -14.41 -9.03
N HIS A 908 -40.08 -14.06 -9.30
CA HIS A 908 -40.40 -13.47 -10.61
C HIS A 908 -39.83 -12.06 -10.75
N ASP A 909 -39.93 -11.22 -9.71
CA ASP A 909 -39.41 -9.88 -9.86
C ASP A 909 -37.90 -9.82 -9.60
N ALA A 910 -37.31 -10.92 -9.13
CA ALA A 910 -35.87 -11.06 -9.24
C ALA A 910 -35.47 -11.37 -10.67
N PHE A 911 -36.26 -12.20 -11.35
CA PHE A 911 -35.99 -12.48 -12.75
C PHE A 911 -36.23 -11.26 -13.63
N ASP A 912 -37.12 -10.36 -13.19
CA ASP A 912 -37.40 -9.16 -13.96
C ASP A 912 -36.21 -8.19 -13.97
N ILE A 913 -35.48 -8.10 -12.84
CA ILE A 913 -34.34 -7.20 -12.75
C ILE A 913 -33.07 -7.87 -13.27
N GLN A 914 -33.18 -9.02 -13.92
CA GLN A 914 -32.07 -9.82 -14.44
C GLN A 914 -31.15 -10.32 -13.34
N TYR A 915 -31.68 -10.55 -12.14
CA TYR A 915 -30.92 -11.20 -11.09
C TYR A 915 -30.88 -12.71 -11.34
N GLY A 916 -29.96 -13.37 -10.65
CA GLY A 916 -29.88 -14.81 -10.73
C GLY A 916 -30.31 -15.46 -9.44
N VAL A 917 -31.33 -16.29 -9.51
CA VAL A 917 -31.92 -16.87 -8.30
C VAL A 917 -31.20 -18.15 -7.92
N VAL A 918 -30.76 -18.23 -6.67
CA VAL A 918 -30.10 -19.42 -6.14
C VAL A 918 -30.86 -19.85 -4.88
N VAL A 919 -31.43 -21.04 -4.92
CA VAL A 919 -32.27 -21.56 -3.84
C VAL A 919 -31.50 -22.67 -3.14
N ILE A 920 -31.32 -22.52 -1.83
CA ILE A 920 -30.50 -23.45 -1.06
C ILE A 920 -31.40 -24.19 -0.07
N ARG A 921 -31.39 -25.52 -0.14
CA ARG A 921 -32.17 -26.35 0.78
C ARG A 921 -31.24 -27.26 1.57
N LEU A 922 -30.92 -26.82 2.79
CA LEU A 922 -30.04 -27.59 3.66
C LEU A 922 -30.81 -28.18 4.83
N LYS A 923 -30.35 -29.35 5.30
CA LYS A 923 -30.79 -29.85 6.60
C LYS A 923 -30.17 -28.98 7.68
N GLU A 924 -31.00 -28.23 8.39
CA GLU A 924 -30.49 -27.18 9.27
C GLU A 924 -29.92 -27.75 10.55
N GLY A 925 -30.16 -29.03 10.82
CA GLY A 925 -29.61 -29.64 12.02
C GLY A 925 -28.13 -29.95 11.92
N LEU A 926 -27.32 -28.91 11.70
CA LEU A 926 -25.87 -29.05 11.66
C LEU A 926 -25.19 -27.93 12.42
N LYS A 1018 -22.21 -30.34 3.90
CA LYS A 1018 -21.30 -29.44 4.58
C LYS A 1018 -19.87 -29.99 4.55
N GLN A 1019 -19.74 -31.29 4.79
CA GLN A 1019 -18.43 -31.92 4.69
C GLN A 1019 -18.17 -32.38 3.27
N GLY A 1020 -16.97 -32.09 2.77
CA GLY A 1020 -16.59 -32.44 1.42
C GLY A 1020 -15.77 -33.71 1.40
N LYS A 1021 -16.38 -34.79 0.90
CA LYS A 1021 -15.72 -36.09 0.89
C LYS A 1021 -15.44 -36.61 -0.51
N ASN A 1022 -16.47 -36.74 -1.35
CA ASN A 1022 -16.22 -37.30 -2.67
C ASN A 1022 -16.46 -36.32 -3.82
N THR A 1023 -17.68 -35.82 -3.98
CA THR A 1023 -18.08 -35.15 -5.21
C THR A 1023 -19.01 -33.98 -4.93
N ILE A 1024 -19.14 -33.13 -5.95
CA ILE A 1024 -20.16 -32.08 -6.00
C ILE A 1024 -20.88 -32.21 -7.34
N ASP A 1025 -21.99 -32.95 -7.35
CA ASP A 1025 -22.68 -33.24 -8.60
C ASP A 1025 -23.32 -32.01 -9.19
N VAL A 1026 -23.14 -31.80 -10.48
CA VAL A 1026 -23.71 -30.68 -11.21
C VAL A 1026 -24.64 -31.25 -12.27
N TRP A 1027 -25.87 -30.76 -12.31
CA TRP A 1027 -26.87 -31.21 -13.29
C TRP A 1027 -27.15 -30.07 -14.25
N TRP A 1028 -26.34 -29.96 -15.29
CA TRP A 1028 -26.52 -28.97 -16.34
C TRP A 1028 -27.69 -29.38 -17.20
N LEU A 1029 -28.88 -28.84 -16.90
CA LEU A 1029 -30.08 -29.16 -17.65
C LEU A 1029 -30.63 -27.97 -18.43
N PHE A 1030 -30.07 -26.78 -18.24
CA PHE A 1030 -30.52 -25.59 -18.95
C PHE A 1030 -29.36 -24.63 -19.07
N ASP A 1031 -29.31 -23.92 -20.20
CA ASP A 1031 -28.26 -22.95 -20.47
C ASP A 1031 -28.70 -21.62 -19.84
N ASP A 1032 -28.25 -21.38 -18.61
CA ASP A 1032 -28.63 -20.19 -17.85
C ASP A 1032 -27.52 -19.16 -17.82
N GLY A 1033 -26.68 -19.11 -18.85
CA GLY A 1033 -25.55 -18.22 -18.88
C GLY A 1033 -24.29 -18.76 -18.24
N GLY A 1034 -24.34 -19.96 -17.65
CA GLY A 1034 -23.17 -20.57 -17.05
C GLY A 1034 -23.02 -20.36 -15.56
N LEU A 1035 -24.03 -19.82 -14.88
CA LEU A 1035 -23.95 -19.66 -13.44
C LEU A 1035 -23.93 -21.01 -12.73
N THR A 1036 -24.77 -21.95 -13.19
CA THR A 1036 -24.88 -23.24 -12.51
C THR A 1036 -23.61 -24.07 -12.69
N LEU A 1037 -22.70 -23.65 -13.58
CA LEU A 1037 -21.39 -24.27 -13.64
C LEU A 1037 -20.36 -23.44 -12.89
N LEU A 1038 -20.57 -22.14 -12.79
CA LEU A 1038 -19.59 -21.27 -12.16
C LEU A 1038 -19.57 -21.45 -10.65
N ILE A 1039 -20.75 -21.60 -10.04
CA ILE A 1039 -20.82 -21.74 -8.59
C ILE A 1039 -20.12 -23.00 -8.08
N PRO A 1040 -20.34 -24.20 -8.65
CA PRO A 1040 -19.59 -25.36 -8.14
C PRO A 1040 -18.07 -25.20 -8.26
N TYR A 1041 -17.60 -24.61 -9.35
CA TYR A 1041 -16.16 -24.39 -9.50
C TYR A 1041 -15.63 -23.49 -8.40
N LEU A 1042 -16.35 -22.41 -8.11
CA LEU A 1042 -15.95 -21.53 -7.02
C LEU A 1042 -15.98 -22.25 -5.68
N LEU A 1043 -16.77 -23.33 -5.59
CA LEU A 1043 -16.78 -24.11 -4.35
C LEU A 1043 -15.48 -24.86 -4.16
N THR A 1044 -14.83 -25.26 -5.26
CA THR A 1044 -13.65 -26.12 -5.15
C THR A 1044 -12.43 -25.35 -4.65
N THR A 1045 -12.34 -24.06 -4.99
CA THR A 1045 -11.12 -23.31 -4.72
C THR A 1045 -10.98 -22.91 -3.25
N LYS A 1046 -11.96 -23.23 -2.41
CA LYS A 1046 -11.94 -22.71 -1.04
C LYS A 1046 -11.20 -23.63 -0.08
N LYS A 1047 -10.68 -24.75 -0.58
CA LYS A 1047 -9.84 -25.70 0.17
C LYS A 1047 -10.69 -26.49 1.18
N LYS A 1048 -11.94 -26.08 1.38
CA LYS A 1048 -12.87 -26.92 2.12
C LYS A 1048 -13.43 -28.02 1.23
N TRP A 1049 -13.68 -27.69 -0.03
CA TRP A 1049 -14.14 -28.64 -1.03
C TRP A 1049 -13.06 -28.96 -2.05
N LYS A 1050 -11.78 -28.86 -1.65
CA LYS A 1050 -10.68 -29.13 -2.57
C LYS A 1050 -10.69 -30.59 -3.02
N ASP A 1051 -10.98 -31.51 -2.08
CA ASP A 1051 -11.04 -32.93 -2.39
C ASP A 1051 -12.47 -33.32 -2.81
N CYS A 1052 -13.00 -32.57 -3.75
CA CYS A 1052 -14.32 -32.82 -4.30
C CYS A 1052 -14.25 -32.82 -5.82
N LYS A 1053 -14.75 -33.87 -6.43
CA LYS A 1053 -14.66 -34.09 -7.87
C LYS A 1053 -15.96 -33.68 -8.52
N ILE A 1054 -15.92 -32.69 -9.40
CA ILE A 1054 -17.10 -32.29 -10.13
C ILE A 1054 -17.49 -33.37 -11.12
N ARG A 1055 -18.74 -33.83 -11.06
CA ARG A 1055 -19.25 -34.86 -11.95
C ARG A 1055 -20.51 -34.32 -12.60
N VAL A 1056 -20.33 -33.73 -13.78
CA VAL A 1056 -21.45 -33.07 -14.45
C VAL A 1056 -22.37 -34.09 -15.08
N PHE A 1057 -23.68 -33.92 -14.86
CA PHE A 1057 -24.71 -34.73 -15.47
C PHE A 1057 -25.46 -33.87 -16.48
N ILE A 1058 -25.64 -34.39 -17.70
CA ILE A 1058 -26.37 -33.68 -18.74
C ILE A 1058 -27.33 -34.65 -19.40
N GLY A 1059 -28.36 -34.07 -20.05
CA GLY A 1059 -29.38 -34.88 -20.68
C GLY A 1059 -29.29 -34.88 -22.19
N GLY A 1060 -28.87 -36.01 -22.76
CA GLY A 1060 -28.76 -36.13 -24.20
C GLY A 1060 -29.44 -37.40 -24.68
N LYS A 1061 -29.69 -37.43 -25.98
CA LYS A 1061 -30.31 -38.60 -26.59
C LYS A 1061 -29.35 -39.78 -26.60
N ILE A 1062 -29.91 -40.98 -26.77
CA ILE A 1062 -29.11 -42.20 -26.72
C ILE A 1062 -28.17 -42.28 -27.92
N ASN A 1063 -28.63 -41.85 -29.09
CA ASN A 1063 -27.77 -41.89 -30.27
C ASN A 1063 -26.70 -40.80 -30.22
N ARG A 1064 -26.94 -39.73 -29.46
CA ARG A 1064 -26.03 -38.60 -29.39
C ARG A 1064 -25.24 -38.56 -28.08
N ILE A 1065 -24.86 -39.72 -27.53
CA ILE A 1065 -24.12 -39.72 -26.27
C ILE A 1065 -22.70 -39.19 -26.47
N ASP A 1066 -22.07 -39.55 -27.59
CA ASP A 1066 -20.67 -39.16 -27.80
C ASP A 1066 -20.54 -37.69 -28.17
N HIS A 1067 -21.42 -37.19 -29.04
CA HIS A 1067 -21.35 -35.79 -29.47
C HIS A 1067 -21.59 -34.84 -28.31
N ASP A 1068 -22.66 -35.08 -27.55
CA ASP A 1068 -22.97 -34.20 -26.42
C ASP A 1068 -21.87 -34.27 -25.37
N ARG A 1069 -21.36 -35.47 -25.07
CA ARG A 1069 -20.30 -35.59 -24.08
C ARG A 1069 -19.05 -34.84 -24.51
N ARG A 1070 -18.65 -34.98 -25.78
CA ARG A 1070 -17.45 -34.30 -26.25
C ARG A 1070 -17.61 -32.79 -26.22
N ALA A 1071 -18.74 -32.28 -26.75
CA ALA A 1071 -18.96 -30.85 -26.79
C ALA A 1071 -19.05 -30.27 -25.38
N MET A 1072 -19.73 -30.98 -24.48
CA MET A 1072 -19.85 -30.51 -23.11
C MET A 1072 -18.48 -30.51 -22.42
N ALA A 1073 -17.65 -31.51 -22.72
CA ALA A 1073 -16.30 -31.55 -22.16
C ALA A 1073 -15.48 -30.35 -22.62
N THR A 1074 -15.55 -30.02 -23.91
CA THR A 1074 -14.88 -28.81 -24.37
C THR A 1074 -15.44 -27.57 -23.70
N LEU A 1075 -16.76 -27.55 -23.45
CA LEU A 1075 -17.38 -26.38 -22.84
C LEU A 1075 -16.90 -26.18 -21.40
N LEU A 1076 -16.74 -27.29 -20.67
CA LEU A 1076 -16.14 -27.20 -19.33
C LEU A 1076 -14.67 -26.82 -19.36
N SER A 1077 -13.92 -27.31 -20.35
CA SER A 1077 -12.54 -26.86 -20.48
C SER A 1077 -12.51 -25.36 -20.73
N LYS A 1078 -13.55 -24.83 -21.37
CA LYS A 1078 -13.71 -23.38 -21.48
C LYS A 1078 -14.03 -22.76 -20.13
N PHE A 1079 -14.84 -23.44 -19.30
CA PHE A 1079 -15.04 -22.97 -17.93
C PHE A 1079 -13.93 -23.40 -16.99
N ARG A 1080 -12.96 -24.19 -17.48
CA ARG A 1080 -11.82 -24.64 -16.68
C ARG A 1080 -12.27 -25.47 -15.47
N ILE A 1081 -13.36 -26.21 -15.61
CA ILE A 1081 -13.86 -27.03 -14.50
C ILE A 1081 -12.92 -28.19 -14.21
N ASP A 1082 -12.35 -28.80 -15.26
CA ASP A 1082 -11.57 -30.03 -15.15
C ASP A 1082 -12.41 -31.14 -14.53
N PHE A 1083 -13.45 -31.52 -15.28
CA PHE A 1083 -14.43 -32.49 -14.81
C PHE A 1083 -13.79 -33.84 -14.50
N SER A 1084 -14.27 -34.48 -13.44
CA SER A 1084 -13.90 -35.86 -13.20
C SER A 1084 -14.52 -36.78 -14.25
N ASP A 1085 -15.82 -36.64 -14.48
CA ASP A 1085 -16.52 -37.41 -15.48
C ASP A 1085 -17.76 -36.64 -15.92
N ILE A 1086 -18.27 -37.02 -17.09
CA ILE A 1086 -19.53 -36.50 -17.61
C ILE A 1086 -20.41 -37.68 -17.99
N MET A 1087 -21.58 -37.77 -17.37
CA MET A 1087 -22.51 -38.86 -17.62
C MET A 1087 -23.75 -38.30 -18.30
N VAL A 1088 -24.09 -38.88 -19.45
CA VAL A 1088 -25.28 -38.48 -20.20
C VAL A 1088 -26.41 -39.45 -19.83
N LEU A 1089 -27.59 -38.90 -19.55
CA LEU A 1089 -28.72 -39.67 -19.08
C LEU A 1089 -29.87 -39.58 -20.08
N GLY A 1090 -30.31 -40.73 -20.58
CA GLY A 1090 -31.53 -40.82 -21.34
C GLY A 1090 -32.75 -41.14 -20.51
N ASP A 1091 -32.59 -41.20 -19.18
CA ASP A 1091 -33.68 -41.61 -18.33
C ASP A 1091 -34.70 -40.49 -18.12
N ILE A 1092 -34.32 -39.25 -18.45
CA ILE A 1092 -35.23 -38.13 -18.27
C ILE A 1092 -36.37 -38.24 -19.29
N ASN A 1093 -37.45 -37.50 -19.02
CA ASN A 1093 -38.65 -37.47 -19.86
C ASN A 1093 -39.30 -38.84 -19.94
N THR A 1094 -39.43 -39.50 -18.79
CA THR A 1094 -40.13 -40.77 -18.68
C THR A 1094 -41.08 -40.71 -17.50
N LYS A 1095 -42.02 -41.64 -17.46
CA LYS A 1095 -42.94 -41.72 -16.33
C LYS A 1095 -42.17 -42.16 -15.09
N PRO A 1096 -42.21 -41.38 -14.00
CA PRO A 1096 -41.32 -41.67 -12.87
C PRO A 1096 -41.54 -43.02 -12.22
N LYS A 1097 -42.72 -43.25 -11.65
CA LYS A 1097 -43.07 -44.47 -10.92
C LYS A 1097 -44.50 -44.33 -10.45
N LYS A 1098 -45.13 -45.43 -10.06
CA LYS A 1098 -46.47 -45.36 -9.48
C LYS A 1098 -46.45 -44.64 -8.14
N GLU A 1099 -45.44 -44.91 -7.31
CA GLU A 1099 -45.46 -44.44 -5.92
C GLU A 1099 -45.21 -42.94 -5.84
N ASN A 1100 -44.24 -42.43 -6.62
CA ASN A 1100 -43.81 -41.05 -6.47
C ASN A 1100 -44.89 -40.07 -6.91
N ILE A 1101 -45.61 -40.39 -7.98
CA ILE A 1101 -46.70 -39.53 -8.43
C ILE A 1101 -47.86 -39.56 -7.43
N ILE A 1102 -48.06 -40.72 -6.78
CA ILE A 1102 -49.04 -40.81 -5.71
C ILE A 1102 -48.65 -39.86 -4.58
N ALA A 1103 -47.38 -39.89 -4.18
CA ALA A 1103 -46.92 -38.99 -3.12
C ALA A 1103 -47.07 -37.52 -3.53
N PHE A 1104 -46.78 -37.22 -4.80
CA PHE A 1104 -46.91 -35.84 -5.27
C PHE A 1104 -48.36 -35.36 -5.22
N GLU A 1105 -49.30 -36.20 -5.65
CA GLU A 1105 -50.69 -35.74 -5.62
C GLU A 1105 -51.21 -35.68 -4.18
N GLU A 1106 -50.68 -36.51 -3.29
CA GLU A 1106 -51.02 -36.36 -1.87
C GLU A 1106 -50.48 -35.05 -1.31
N ILE A 1107 -49.30 -34.62 -1.76
CA ILE A 1107 -48.80 -33.31 -1.36
C ILE A 1107 -49.67 -32.19 -1.91
N ILE A 1108 -50.10 -32.32 -3.17
CA ILE A 1108 -50.98 -31.33 -3.80
C ILE A 1108 -52.34 -31.26 -3.14
N GLU A 1109 -52.85 -32.39 -2.62
CA GLU A 1109 -54.26 -32.52 -2.26
C GLU A 1109 -54.82 -31.43 -1.36
N PRO A 1110 -54.14 -30.94 -0.32
CA PRO A 1110 -54.74 -29.86 0.48
C PRO A 1110 -55.02 -28.59 -0.32
N TYR A 1111 -54.20 -28.28 -1.33
CA TYR A 1111 -54.41 -27.05 -2.08
C TYR A 1111 -55.11 -27.31 -3.40
N ARG A 1112 -55.42 -28.55 -3.71
CA ARG A 1112 -55.97 -28.86 -5.03
C ARG A 1112 -57.44 -28.46 -5.11
N LEU A 1113 -57.79 -27.77 -6.19
CA LEU A 1113 -59.16 -27.35 -6.43
C LEU A 1113 -59.82 -28.40 -7.31
N HIS A 1114 -60.63 -29.26 -6.70
CA HIS A 1114 -61.30 -30.35 -7.42
C HIS A 1114 -62.54 -29.76 -8.07
N GLU A 1115 -62.35 -29.09 -9.21
CA GLU A 1115 -63.48 -28.45 -9.87
C GLU A 1115 -64.39 -29.47 -10.54
N ASP A 1116 -63.89 -30.68 -10.79
CA ASP A 1116 -64.74 -31.73 -11.33
C ASP A 1116 -65.83 -32.13 -10.34
N ASP A 1117 -65.46 -32.34 -9.08
CA ASP A 1117 -66.44 -32.75 -8.08
C ASP A 1117 -67.37 -31.60 -7.70
N LYS A 1118 -66.82 -30.41 -7.50
CA LYS A 1118 -67.62 -29.26 -7.11
C LYS A 1118 -68.42 -28.73 -8.30
N GLU A 1119 -69.50 -28.03 -8.00
CA GLU A 1119 -70.27 -27.36 -9.03
C GLU A 1119 -69.49 -26.15 -9.55
N GLN A 1120 -69.87 -25.70 -10.75
CA GLN A 1120 -69.13 -24.63 -11.42
C GLN A 1120 -69.19 -23.34 -10.61
N ASP A 1121 -70.37 -22.99 -10.09
CA ASP A 1121 -70.48 -21.80 -9.26
C ASP A 1121 -69.69 -21.95 -7.96
N ILE A 1122 -69.75 -23.14 -7.34
CA ILE A 1122 -68.99 -23.38 -6.13
C ILE A 1122 -67.50 -23.33 -6.40
N ALA A 1123 -67.07 -23.90 -7.54
CA ALA A 1123 -65.67 -23.85 -7.91
C ALA A 1123 -65.21 -22.41 -8.14
N ASP A 1124 -66.05 -21.60 -8.80
CA ASP A 1124 -65.69 -20.20 -9.03
C ASP A 1124 -65.60 -19.44 -7.71
N LYS A 1125 -66.51 -19.70 -6.77
CA LYS A 1125 -66.44 -19.05 -5.47
C LYS A 1125 -65.17 -19.44 -4.72
N MET A 1126 -64.83 -20.74 -4.74
CA MET A 1126 -63.66 -21.21 -4.02
C MET A 1126 -62.39 -20.75 -4.71
N LYS A 1127 -62.48 -20.42 -6.00
CA LYS A 1127 -61.34 -19.85 -6.69
C LYS A 1127 -61.18 -18.37 -6.38
N GLU A 1128 -62.30 -17.64 -6.28
CA GLU A 1128 -62.21 -16.19 -6.11
C GLU A 1128 -61.83 -15.83 -4.69
N ASP A 1129 -62.31 -16.58 -3.70
CA ASP A 1129 -61.98 -16.23 -2.32
C ASP A 1129 -60.53 -16.60 -1.99
N GLU A 1130 -60.01 -17.65 -2.59
CA GLU A 1130 -58.59 -18.00 -2.50
C GLU A 1130 -58.07 -18.28 -3.90
N PRO A 1131 -57.37 -17.33 -4.53
CA PRO A 1131 -56.89 -17.54 -5.90
C PRO A 1131 -55.66 -18.42 -6.03
N TRP A 1132 -55.10 -18.92 -4.92
CA TRP A 1132 -53.91 -19.75 -5.00
C TRP A 1132 -54.23 -21.22 -5.20
N ARG A 1133 -55.51 -21.59 -5.22
CA ARG A 1133 -55.89 -22.98 -5.43
C ARG A 1133 -55.39 -23.48 -6.77
N ILE A 1134 -54.73 -24.63 -6.76
CA ILE A 1134 -54.25 -25.28 -7.97
C ILE A 1134 -55.42 -26.05 -8.60
N THR A 1135 -55.71 -25.75 -9.86
CA THR A 1135 -56.89 -26.29 -10.51
C THR A 1135 -56.56 -27.59 -11.25
N ASP A 1136 -57.62 -28.26 -11.70
CA ASP A 1136 -57.43 -29.51 -12.45
C ASP A 1136 -56.98 -29.24 -13.87
N ASN A 1137 -57.33 -28.08 -14.43
CA ASN A 1137 -56.98 -27.79 -15.82
C ASN A 1137 -55.47 -27.64 -15.99
N GLU A 1138 -54.84 -26.82 -15.14
CA GLU A 1138 -53.41 -26.58 -15.30
C GLU A 1138 -52.58 -27.65 -14.60
N LEU A 1139 -53.24 -28.57 -13.89
CA LEU A 1139 -52.55 -29.79 -13.46
C LEU A 1139 -52.29 -30.71 -14.65
N GLU A 1140 -53.30 -30.93 -15.49
CA GLU A 1140 -53.12 -31.77 -16.66
C GLU A 1140 -52.37 -31.03 -17.76
N LEU A 1141 -52.53 -29.71 -17.84
CA LEU A 1141 -51.79 -28.92 -18.81
C LEU A 1141 -50.29 -28.99 -18.55
N TYR A 1142 -49.89 -28.94 -17.28
CA TYR A 1142 -48.50 -28.98 -16.88
C TYR A 1142 -48.07 -30.37 -16.41
N LYS A 1143 -48.69 -31.42 -16.96
CA LYS A 1143 -48.40 -32.78 -16.49
C LYS A 1143 -46.97 -33.18 -16.81
N THR A 1144 -46.48 -32.81 -18.00
CA THR A 1144 -45.14 -33.24 -18.40
C THR A 1144 -44.06 -32.57 -17.56
N LYS A 1145 -44.27 -31.31 -17.18
CA LYS A 1145 -43.30 -30.63 -16.31
C LYS A 1145 -43.26 -31.28 -14.94
N THR A 1146 -44.42 -31.61 -14.38
CA THR A 1146 -44.47 -32.28 -13.08
C THR A 1146 -43.79 -33.64 -13.13
N TYR A 1147 -44.08 -34.42 -14.18
CA TYR A 1147 -43.44 -35.73 -14.32
C TYR A 1147 -41.94 -35.58 -14.49
N ARG A 1148 -41.50 -34.52 -15.18
CA ARG A 1148 -40.06 -34.28 -15.32
C ARG A 1148 -39.43 -33.96 -13.98
N GLN A 1149 -40.09 -33.17 -13.14
CA GLN A 1149 -39.53 -32.86 -11.82
C GLN A 1149 -39.43 -34.11 -10.96
N ILE A 1150 -40.48 -34.94 -10.96
CA ILE A 1150 -40.44 -36.15 -10.15
C ILE A 1150 -39.38 -37.11 -10.67
N ARG A 1151 -39.25 -37.23 -12.00
CA ARG A 1151 -38.23 -38.11 -12.57
C ARG A 1151 -36.83 -37.61 -12.26
N LEU A 1152 -36.64 -36.28 -12.29
CA LEU A 1152 -35.34 -35.72 -11.92
C LEU A 1152 -35.03 -36.01 -10.46
N ASN A 1153 -36.03 -35.94 -9.58
CA ASN A 1153 -35.80 -36.31 -8.20
C ASN A 1153 -35.40 -37.77 -8.06
N GLU A 1154 -36.05 -38.65 -8.83
CA GLU A 1154 -35.66 -40.07 -8.80
C GLU A 1154 -34.22 -40.25 -9.24
N LEU A 1155 -33.82 -39.56 -10.32
CA LEU A 1155 -32.46 -39.68 -10.81
C LEU A 1155 -31.46 -39.12 -9.81
N LEU A 1156 -31.84 -38.04 -9.11
CA LEU A 1156 -30.98 -37.49 -8.06
C LEU A 1156 -30.79 -38.48 -6.93
N LYS A 1157 -31.88 -39.14 -6.51
CA LYS A 1157 -31.76 -40.13 -5.44
C LYS A 1157 -30.94 -41.33 -5.88
N GLU A 1158 -30.97 -41.65 -7.17
CA GLU A 1158 -30.21 -42.82 -7.64
C GLU A 1158 -28.73 -42.50 -7.81
N HIS A 1159 -28.40 -41.40 -8.47
CA HIS A 1159 -27.03 -41.11 -8.85
C HIS A 1159 -26.33 -40.13 -7.93
N SER A 1160 -27.05 -39.19 -7.33
CA SER A 1160 -26.44 -38.14 -6.53
C SER A 1160 -26.78 -38.25 -5.04
N SER A 1161 -27.16 -39.44 -4.58
CA SER A 1161 -27.41 -39.63 -3.16
C SER A 1161 -26.13 -39.48 -2.34
N THR A 1162 -25.02 -39.99 -2.87
CA THR A 1162 -23.72 -39.89 -2.20
C THR A 1162 -22.98 -38.72 -2.85
N ALA A 1163 -23.30 -37.51 -2.42
CA ALA A 1163 -22.65 -36.31 -2.94
C ALA A 1163 -22.74 -35.23 -1.89
N ASN A 1164 -21.67 -34.43 -1.79
CA ASN A 1164 -21.64 -33.39 -0.77
C ASN A 1164 -22.60 -32.26 -1.09
N ILE A 1165 -22.58 -31.77 -2.34
CA ILE A 1165 -23.47 -30.71 -2.79
C ILE A 1165 -23.99 -31.09 -4.17
N ILE A 1166 -25.28 -30.86 -4.38
CA ILE A 1166 -25.92 -31.07 -5.67
C ILE A 1166 -26.29 -29.71 -6.24
N VAL A 1167 -25.95 -29.48 -7.50
CA VAL A 1167 -26.27 -28.23 -8.19
C VAL A 1167 -27.10 -28.57 -9.42
N MET A 1168 -28.28 -27.94 -9.51
CA MET A 1168 -29.19 -28.13 -10.63
C MET A 1168 -29.79 -26.78 -10.99
N SER A 1169 -30.37 -26.70 -12.18
CA SER A 1169 -31.08 -25.51 -12.64
C SER A 1169 -32.52 -25.59 -12.16
N LEU A 1170 -32.97 -24.54 -11.47
CA LEU A 1170 -34.32 -24.55 -10.91
C LEU A 1170 -35.35 -24.35 -12.02
N PRO A 1171 -36.49 -25.03 -11.96
CA PRO A 1171 -37.54 -24.81 -12.95
C PRO A 1171 -38.15 -23.43 -12.82
N VAL A 1172 -38.62 -22.90 -13.93
CA VAL A 1172 -39.31 -21.61 -13.93
C VAL A 1172 -40.61 -21.76 -14.69
N ALA A 1173 -41.46 -20.74 -14.57
CA ALA A 1173 -42.70 -20.66 -15.32
C ALA A 1173 -43.04 -19.19 -15.54
N ARG A 1174 -43.88 -18.95 -16.54
CA ARG A 1174 -44.31 -17.59 -16.84
C ARG A 1174 -45.12 -17.03 -15.67
N LYS A 1175 -45.07 -15.71 -15.51
CA LYS A 1175 -45.75 -15.06 -14.40
C LYS A 1175 -47.26 -15.28 -14.50
N GLY A 1176 -47.81 -16.01 -13.52
CA GLY A 1176 -49.21 -16.35 -13.52
C GLY A 1176 -49.57 -17.57 -14.32
N ALA A 1177 -48.62 -18.19 -15.02
CA ALA A 1177 -48.91 -19.41 -15.75
C ALA A 1177 -49.21 -20.58 -14.81
N VAL A 1178 -48.51 -20.62 -13.68
CA VAL A 1178 -48.71 -21.67 -12.67
C VAL A 1178 -49.13 -21.01 -11.37
N SER A 1179 -49.91 -21.75 -10.58
CA SER A 1179 -50.19 -21.30 -9.23
C SER A 1179 -48.92 -21.36 -8.39
N SER A 1180 -48.86 -20.51 -7.37
CA SER A 1180 -47.70 -20.52 -6.48
C SER A 1180 -47.58 -21.83 -5.72
N ALA A 1181 -48.72 -22.43 -5.36
CA ALA A 1181 -48.69 -23.72 -4.69
C ALA A 1181 -48.08 -24.80 -5.58
N LEU A 1182 -48.45 -24.81 -6.86
CA LEU A 1182 -47.87 -25.78 -7.79
C LEU A 1182 -46.38 -25.55 -7.97
N TYR A 1183 -45.95 -24.30 -8.06
CA TYR A 1183 -44.53 -24.03 -8.26
C TYR A 1183 -43.71 -24.45 -7.04
N MET A 1184 -44.20 -24.14 -5.84
CA MET A 1184 -43.49 -24.59 -4.64
C MET A 1184 -43.56 -26.10 -4.51
N ALA A 1185 -44.61 -26.73 -5.01
CA ALA A 1185 -44.69 -28.18 -4.97
C ALA A 1185 -43.70 -28.81 -5.94
N TRP A 1186 -43.46 -28.17 -7.09
CA TRP A 1186 -42.42 -28.63 -7.99
C TRP A 1186 -41.04 -28.48 -7.36
N LEU A 1187 -40.80 -27.36 -6.68
CA LEU A 1187 -39.52 -27.17 -6.01
C LEU A 1187 -39.34 -28.15 -4.86
N GLU A 1188 -40.43 -28.51 -4.18
CA GLU A 1188 -40.34 -29.46 -3.08
C GLU A 1188 -40.16 -30.89 -3.57
N ALA A 1189 -40.82 -31.24 -4.68
CA ALA A 1189 -40.69 -32.59 -5.22
C ALA A 1189 -39.32 -32.81 -5.85
N LEU A 1190 -38.76 -31.77 -6.47
CA LEU A 1190 -37.44 -31.89 -7.07
C LEU A 1190 -36.37 -32.11 -6.02
N SER A 1191 -36.41 -31.34 -4.93
CA SER A 1191 -35.46 -31.46 -3.84
C SER A 1191 -36.20 -32.02 -2.63
N LYS A 1192 -36.26 -33.34 -2.54
CA LYS A 1192 -37.13 -33.97 -1.55
C LYS A 1192 -36.37 -34.46 -0.33
N ASP A 1193 -35.37 -35.32 -0.52
CA ASP A 1193 -34.60 -35.87 0.59
C ASP A 1193 -33.11 -35.96 0.27
N LEU A 1194 -32.62 -35.14 -0.64
CA LEU A 1194 -31.25 -35.23 -1.11
C LEU A 1194 -30.29 -34.57 -0.12
N PRO A 1195 -28.98 -34.74 -0.33
CA PRO A 1195 -28.00 -33.90 0.37
C PRO A 1195 -28.15 -32.44 0.00
N PRO A 1196 -27.35 -31.53 0.61
CA PRO A 1196 -27.44 -30.10 0.26
C PRO A 1196 -27.53 -29.81 -1.23
N ILE A 1197 -28.66 -29.27 -1.65
CA ILE A 1197 -28.96 -29.04 -3.06
C ILE A 1197 -29.04 -27.54 -3.30
N LEU A 1198 -28.50 -27.11 -4.44
CA LEU A 1198 -28.29 -25.69 -4.75
C LEU A 1198 -28.90 -25.42 -6.12
N LEU A 1199 -30.18 -25.07 -6.14
CA LEU A 1199 -30.85 -24.84 -7.42
C LEU A 1199 -30.50 -23.47 -7.96
N VAL A 1200 -29.88 -23.41 -9.13
CA VAL A 1200 -29.30 -22.18 -9.66
C VAL A 1200 -29.93 -21.84 -11.00
N ARG A 1201 -30.43 -20.62 -11.13
CA ARG A 1201 -30.83 -20.06 -12.40
C ARG A 1201 -30.20 -18.69 -12.55
N GLY A 1202 -29.58 -18.44 -13.70
CA GLY A 1202 -28.82 -17.23 -13.91
C GLY A 1202 -29.34 -16.43 -15.09
N ASN A 1203 -29.02 -15.14 -15.07
CA ASN A 1203 -29.36 -14.26 -16.18
C ASN A 1203 -28.60 -14.70 -17.43
N HIS A 1204 -29.23 -14.49 -18.60
CA HIS A 1204 -28.75 -15.13 -19.81
C HIS A 1204 -27.43 -14.55 -20.30
N GLN A 1205 -27.03 -13.39 -19.78
CA GLN A 1205 -25.74 -12.83 -20.16
C GLN A 1205 -24.61 -13.71 -19.62
N SER A 1206 -23.55 -13.84 -20.42
CA SER A 1206 -22.51 -14.81 -20.14
C SER A 1206 -21.71 -14.44 -18.89
N VAL A 1207 -21.21 -15.46 -18.19
CA VAL A 1207 -20.46 -15.27 -16.96
C VAL A 1207 -18.97 -15.53 -17.13
N LEU A 1208 -18.52 -15.77 -18.36
CA LEU A 1208 -17.09 -16.04 -18.60
C LEU A 1208 -16.26 -14.78 -18.41
N TRP B 287 4.88 -25.64 -24.49
CA TRP B 287 5.42 -26.96 -24.16
C TRP B 287 6.95 -26.95 -24.26
N ILE B 288 7.58 -28.12 -24.22
CA ILE B 288 8.99 -28.17 -23.87
C ILE B 288 9.89 -27.63 -24.99
N LYS B 289 9.92 -28.29 -26.16
CA LYS B 289 10.97 -27.97 -27.12
C LYS B 289 10.66 -26.68 -27.87
N GLY B 290 9.42 -26.20 -27.78
CA GLY B 290 9.09 -24.93 -28.39
C GLY B 290 9.78 -23.76 -27.74
N VAL B 291 9.91 -23.79 -26.41
CA VAL B 291 10.43 -22.64 -25.68
C VAL B 291 11.82 -22.94 -25.11
N LEU B 292 12.17 -24.21 -24.97
CA LEU B 292 13.48 -24.56 -24.44
C LEU B 292 14.59 -24.07 -25.37
N VAL B 293 14.37 -24.14 -26.68
CA VAL B 293 15.37 -23.67 -27.63
C VAL B 293 15.62 -22.17 -27.44
N ARG B 294 14.54 -21.39 -27.33
CA ARG B 294 14.68 -19.96 -27.13
C ARG B 294 15.37 -19.64 -25.81
N CYS B 295 14.96 -20.31 -24.74
CA CYS B 295 15.55 -20.04 -23.43
C CYS B 295 17.03 -20.42 -23.38
N MET B 296 17.39 -21.54 -24.01
CA MET B 296 18.78 -21.97 -24.02
C MET B 296 19.63 -21.07 -24.88
N LEU B 297 19.09 -20.59 -26.01
CA LEU B 297 19.81 -19.58 -26.80
C LEU B 297 20.00 -18.30 -26.00
N ASN B 298 19.00 -17.90 -25.22
CA ASN B 298 19.12 -16.69 -24.43
C ASN B 298 20.19 -16.82 -23.35
N ILE B 299 20.12 -17.89 -22.55
CA ILE B 299 21.02 -18.02 -21.40
C ILE B 299 22.44 -18.36 -21.85
N TRP B 300 22.59 -19.25 -22.83
CA TRP B 300 23.90 -19.56 -23.38
C TRP B 300 24.31 -18.40 -24.27
N GLY B 301 24.96 -17.40 -23.68
CA GLY B 301 25.27 -16.18 -24.39
C GLY B 301 26.74 -16.00 -24.69
N VAL B 302 27.21 -14.75 -24.65
CA VAL B 302 28.61 -14.46 -24.96
C VAL B 302 29.51 -14.97 -23.84
N MET B 303 29.00 -14.98 -22.61
CA MET B 303 29.87 -15.19 -21.45
C MET B 303 30.17 -16.68 -21.24
N LEU B 304 29.52 -17.55 -22.01
CA LEU B 304 29.81 -18.98 -21.90
C LEU B 304 31.21 -19.31 -22.40
N PHE B 305 31.66 -18.62 -23.44
CA PHE B 305 32.82 -19.05 -24.20
C PHE B 305 34.08 -18.28 -23.87
N ILE B 306 34.05 -16.96 -24.01
CA ILE B 306 35.28 -16.17 -23.92
C ILE B 306 35.66 -15.89 -22.47
N ARG B 307 34.67 -15.74 -21.59
CA ARG B 307 34.93 -15.31 -20.22
C ARG B 307 34.92 -16.45 -19.21
N LEU B 308 34.33 -17.60 -19.54
CA LEU B 308 34.29 -18.70 -18.58
C LEU B 308 35.68 -19.21 -18.27
N SER B 309 36.53 -19.34 -19.29
CA SER B 309 37.91 -19.76 -19.06
C SER B 309 38.65 -18.74 -18.21
N TRP B 310 38.43 -17.45 -18.47
CA TRP B 310 39.09 -16.42 -17.68
C TRP B 310 38.60 -16.45 -16.23
N ILE B 311 37.30 -16.69 -16.02
CA ILE B 311 36.75 -16.74 -14.67
C ILE B 311 37.32 -17.94 -13.91
N VAL B 312 37.38 -19.11 -14.56
CA VAL B 312 37.93 -20.28 -13.88
C VAL B 312 39.45 -20.19 -13.82
N GLY B 313 40.05 -19.20 -14.48
CA GLY B 313 41.46 -18.95 -14.27
C GLY B 313 41.72 -18.06 -13.07
N GLN B 314 41.03 -16.91 -13.00
CA GLN B 314 41.18 -16.02 -11.86
C GLN B 314 40.68 -16.68 -10.58
N ALA B 315 39.46 -17.19 -10.60
CA ALA B 315 38.95 -17.94 -9.47
C ALA B 315 39.25 -19.42 -9.66
N GLY B 316 39.40 -20.12 -8.54
CA GLY B 316 39.67 -21.54 -8.60
C GLY B 316 38.46 -22.33 -9.06
N ILE B 317 38.69 -23.62 -9.34
CA ILE B 317 37.58 -24.49 -9.73
C ILE B 317 36.54 -24.56 -8.62
N GLY B 318 36.97 -24.61 -7.37
CA GLY B 318 36.02 -24.55 -6.26
C GLY B 318 35.25 -23.23 -6.24
N LEU B 319 35.95 -22.11 -6.46
CA LEU B 319 35.26 -20.83 -6.51
C LEU B 319 34.37 -20.71 -7.74
N SER B 320 34.78 -21.29 -8.87
CA SER B 320 33.93 -21.27 -10.05
C SER B 320 32.66 -22.07 -9.81
N VAL B 321 32.77 -23.22 -9.16
CA VAL B 321 31.60 -24.02 -8.82
C VAL B 321 30.70 -23.25 -7.85
N LEU B 322 31.28 -22.57 -6.88
CA LEU B 322 30.49 -21.77 -5.94
C LEU B 322 29.75 -20.65 -6.68
N VAL B 323 30.45 -19.96 -7.59
CA VAL B 323 29.86 -18.86 -8.35
C VAL B 323 28.70 -19.36 -9.21
N ILE B 324 28.94 -20.42 -9.98
CA ILE B 324 27.90 -20.94 -10.86
C ILE B 324 26.73 -21.46 -10.05
N MET B 325 27.00 -22.14 -8.94
CA MET B 325 25.93 -22.70 -8.11
C MET B 325 25.08 -21.60 -7.49
N MET B 326 25.70 -20.53 -7.00
CA MET B 326 24.91 -19.51 -6.31
C MET B 326 24.16 -18.63 -7.32
N ALA B 327 24.76 -18.40 -8.49
CA ALA B 327 24.01 -17.77 -9.58
C ALA B 327 22.83 -18.63 -10.00
N THR B 328 23.03 -19.95 -10.03
CA THR B 328 21.94 -20.88 -10.31
C THR B 328 20.86 -20.78 -9.25
N VAL B 329 21.25 -20.63 -7.98
CA VAL B 329 20.28 -20.48 -6.90
C VAL B 329 19.44 -19.23 -7.13
N VAL B 330 20.08 -18.11 -7.48
CA VAL B 330 19.35 -16.87 -7.73
C VAL B 330 18.39 -17.04 -8.91
N THR B 331 18.89 -17.61 -10.00
CA THR B 331 18.06 -17.78 -11.19
C THR B 331 16.88 -18.72 -10.92
N THR B 332 17.11 -19.77 -10.13
CA THR B 332 16.03 -20.70 -9.83
C THR B 332 15.00 -20.08 -8.90
N ILE B 333 15.43 -19.25 -7.95
CA ILE B 333 14.47 -18.56 -7.09
C ILE B 333 13.60 -17.63 -7.92
N THR B 334 14.21 -16.90 -8.85
CA THR B 334 13.42 -16.07 -9.77
C THR B 334 12.53 -16.93 -10.66
N GLY B 335 12.99 -18.14 -11.01
CA GLY B 335 12.16 -19.02 -11.82
C GLY B 335 10.92 -19.51 -11.09
N LEU B 336 11.07 -19.87 -9.81
CA LEU B 336 9.91 -20.21 -9.00
C LEU B 336 8.98 -19.01 -8.83
N SER B 337 9.54 -17.81 -8.65
CA SER B 337 8.69 -16.63 -8.54
C SER B 337 7.86 -16.40 -9.79
N THR B 338 8.51 -16.44 -10.97
CA THR B 338 7.76 -16.21 -12.20
C THR B 338 6.86 -17.39 -12.54
N SER B 339 7.20 -18.58 -12.05
CA SER B 339 6.32 -19.73 -12.23
C SER B 339 5.04 -19.56 -11.43
N ALA B 340 5.14 -19.09 -10.19
CA ALA B 340 3.94 -18.77 -9.43
C ALA B 340 3.14 -17.66 -10.10
N ILE B 341 3.85 -16.67 -10.65
CA ILE B 341 3.18 -15.56 -11.33
C ILE B 341 2.38 -16.08 -12.52
N ALA B 342 2.99 -16.98 -13.31
CA ALA B 342 2.29 -17.51 -14.49
C ALA B 342 1.16 -18.46 -14.09
N THR B 343 1.35 -19.23 -13.02
CA THR B 343 0.30 -20.15 -12.57
C THR B 343 -0.81 -19.44 -11.83
N ASN B 344 -0.69 -18.15 -11.56
CA ASN B 344 -1.84 -17.38 -11.08
C ASN B 344 -2.98 -17.49 -12.09
N GLY B 345 -4.20 -17.58 -11.57
CA GLY B 345 -5.33 -18.09 -12.33
C GLY B 345 -5.90 -17.23 -13.44
N PHE B 346 -5.10 -16.92 -14.46
CA PHE B 346 -5.63 -16.32 -15.68
C PHE B 346 -5.03 -17.09 -16.86
N VAL B 347 -5.87 -17.37 -17.87
CA VAL B 347 -5.57 -18.46 -18.80
C VAL B 347 -4.35 -18.15 -19.67
N ARG B 348 -4.26 -16.96 -20.24
CA ARG B 348 -3.16 -16.64 -21.15
C ARG B 348 -3.00 -15.14 -21.28
N GLY B 349 -1.89 -14.63 -20.75
CA GLY B 349 -1.56 -13.23 -20.91
C GLY B 349 -0.49 -13.00 -21.95
N GLY B 350 -0.74 -12.09 -22.88
CA GLY B 350 0.19 -11.82 -23.96
C GLY B 350 1.52 -11.27 -23.49
N GLY B 351 1.48 -10.29 -22.59
CA GLY B 351 2.70 -9.68 -22.10
C GLY B 351 3.09 -10.19 -20.73
N ALA B 352 4.36 -10.59 -20.60
CA ALA B 352 4.87 -11.00 -19.30
C ALA B 352 4.83 -9.85 -18.30
N TYR B 353 5.18 -8.64 -18.75
CA TYR B 353 4.95 -7.45 -17.92
C TYR B 353 3.48 -7.32 -17.57
N TYR B 354 2.58 -7.59 -18.52
CA TYR B 354 1.17 -7.49 -18.22
C TYR B 354 0.73 -8.60 -17.27
N LEU B 355 1.40 -9.75 -17.32
CA LEU B 355 1.17 -10.78 -16.31
C LEU B 355 1.56 -10.28 -14.92
N ILE B 356 2.74 -9.66 -14.81
CA ILE B 356 3.17 -9.07 -13.55
C ILE B 356 2.16 -8.03 -13.08
N SER B 357 1.63 -7.24 -14.02
CA SER B 357 0.69 -6.19 -13.66
C SER B 357 -0.62 -6.77 -13.16
N ARG B 358 -1.20 -7.74 -13.88
CA ARG B 358 -2.50 -8.27 -13.48
C ARG B 358 -2.40 -9.15 -12.25
N SER B 359 -1.22 -9.68 -11.93
CA SER B 359 -1.05 -10.53 -10.77
C SER B 359 -0.66 -9.76 -9.52
N LEU B 360 0.22 -8.77 -9.64
CA LEU B 360 0.74 -8.09 -8.46
C LEU B 360 0.10 -6.71 -8.29
N GLY B 361 0.04 -5.92 -9.35
CA GLY B 361 -0.54 -4.60 -9.28
C GLY B 361 0.07 -3.62 -10.26
N PRO B 362 -0.51 -2.43 -10.36
CA PRO B 362 0.03 -1.43 -11.31
C PRO B 362 1.37 -0.88 -10.89
N GLU B 363 1.56 -0.62 -9.59
CA GLU B 363 2.80 -0.01 -9.11
C GLU B 363 3.99 -0.92 -9.34
N PHE B 364 3.96 -2.11 -8.75
CA PHE B 364 5.05 -3.07 -8.93
C PHE B 364 5.15 -3.50 -10.39
N GLY B 365 4.01 -3.66 -11.08
CA GLY B 365 4.06 -4.00 -12.49
C GLY B 365 4.87 -3.01 -13.30
N GLY B 366 4.61 -1.71 -13.09
CA GLY B 366 5.39 -0.70 -13.77
C GLY B 366 6.84 -0.69 -13.34
N ALA B 367 7.10 -0.95 -12.05
CA ALA B 367 8.48 -0.92 -11.56
C ALA B 367 9.33 -2.00 -12.24
N ILE B 368 8.88 -3.25 -12.16
CA ILE B 368 9.60 -4.33 -12.86
C ILE B 368 9.62 -4.09 -14.37
N GLY B 369 8.53 -3.56 -14.94
CA GLY B 369 8.54 -3.32 -16.38
C GLY B 369 9.63 -2.37 -16.80
N LEU B 370 9.73 -1.22 -16.12
CA LEU B 370 10.75 -0.24 -16.45
C LEU B 370 12.15 -0.77 -16.21
N ILE B 371 12.39 -1.38 -15.04
CA ILE B 371 13.73 -1.86 -14.71
C ILE B 371 14.17 -2.96 -15.67
N PHE B 372 13.28 -3.91 -15.97
CA PHE B 372 13.63 -5.02 -16.83
C PHE B 372 13.84 -4.55 -18.27
N ALA B 373 13.04 -3.58 -18.72
CA ALA B 373 13.23 -3.03 -20.06
C ALA B 373 14.58 -2.34 -20.17
N PHE B 374 14.95 -1.55 -19.16
CA PHE B 374 16.25 -0.88 -19.19
C PHE B 374 17.39 -1.90 -19.12
N ALA B 375 17.22 -2.95 -18.32
CA ALA B 375 18.25 -3.99 -18.23
C ALA B 375 18.45 -4.69 -19.56
N ASN B 376 17.36 -5.01 -20.26
CA ASN B 376 17.49 -5.62 -21.58
C ASN B 376 18.15 -4.66 -22.56
N ALA B 377 17.78 -3.37 -22.48
CA ALA B 377 18.34 -2.37 -23.39
C ALA B 377 19.85 -2.25 -23.22
N VAL B 378 20.33 -2.26 -21.97
CA VAL B 378 21.78 -2.16 -21.78
C VAL B 378 22.45 -3.50 -22.07
N ALA B 379 21.74 -4.61 -21.91
CA ALA B 379 22.30 -5.92 -22.22
C ALA B 379 22.52 -6.10 -23.72
N VAL B 380 21.68 -5.47 -24.55
CA VAL B 380 21.91 -5.50 -25.99
C VAL B 380 23.29 -4.95 -26.31
N ALA B 381 23.66 -3.84 -25.68
CA ALA B 381 24.98 -3.27 -25.89
C ALA B 381 26.07 -4.22 -25.40
N MET B 382 25.83 -4.92 -24.29
CA MET B 382 26.79 -5.89 -23.79
C MET B 382 27.07 -6.99 -24.82
N TYR B 383 26.00 -7.54 -25.40
CA TYR B 383 26.21 -8.60 -26.39
C TYR B 383 26.84 -8.08 -27.67
N VAL B 384 26.50 -6.85 -28.08
CA VAL B 384 27.17 -6.25 -29.24
C VAL B 384 28.66 -6.09 -28.97
N VAL B 385 29.01 -5.64 -27.76
CA VAL B 385 30.43 -5.52 -27.41
C VAL B 385 31.11 -6.88 -27.42
N GLY B 386 30.43 -7.92 -26.95
CA GLY B 386 30.99 -9.25 -26.98
C GLY B 386 31.28 -9.75 -28.38
N PHE B 387 30.30 -9.57 -29.27
CA PHE B 387 30.50 -9.97 -30.67
C PHE B 387 31.62 -9.16 -31.32
N ALA B 388 31.68 -7.85 -31.03
CA ALA B 388 32.75 -7.02 -31.56
C ALA B 388 34.10 -7.44 -30.99
N GLU B 389 34.13 -7.86 -29.73
CA GLU B 389 35.35 -8.40 -29.13
C GLU B 389 35.85 -9.60 -29.91
N THR B 390 34.95 -10.56 -30.17
CA THR B 390 35.36 -11.75 -30.90
C THR B 390 35.83 -11.39 -32.31
N VAL B 391 35.13 -10.46 -32.97
CA VAL B 391 35.51 -10.06 -34.32
C VAL B 391 36.87 -9.38 -34.33
N VAL B 392 37.12 -8.49 -33.38
CA VAL B 392 38.38 -7.75 -33.36
C VAL B 392 39.54 -8.65 -33.01
N GLU B 393 39.36 -9.57 -32.05
CA GLU B 393 40.44 -10.48 -31.71
C GLU B 393 40.63 -11.55 -32.78
N LEU B 394 39.61 -11.82 -33.59
CA LEU B 394 39.81 -12.65 -34.77
C LEU B 394 40.60 -11.89 -35.84
N LEU B 395 40.39 -10.57 -35.93
CA LEU B 395 41.23 -9.75 -36.79
C LEU B 395 42.67 -9.75 -36.32
N LYS B 396 42.88 -9.70 -35.00
CA LYS B 396 44.22 -9.83 -34.44
C LYS B 396 44.80 -11.22 -34.72
N GLU B 397 43.95 -12.24 -34.77
CA GLU B 397 44.42 -13.56 -35.20
C GLU B 397 44.90 -13.50 -36.65
N HIS B 398 44.19 -12.77 -37.50
CA HIS B 398 44.64 -12.53 -38.86
C HIS B 398 45.68 -11.40 -38.88
N SER B 399 46.04 -10.98 -40.08
CA SER B 399 47.08 -9.97 -40.21
C SER B 399 46.51 -8.55 -40.23
N ILE B 400 45.30 -8.39 -40.74
CA ILE B 400 44.73 -7.06 -40.96
C ILE B 400 44.22 -6.49 -39.65
N LEU B 401 44.63 -5.26 -39.34
CA LEU B 401 44.16 -4.53 -38.17
C LEU B 401 44.24 -3.04 -38.47
N MET B 402 43.07 -2.39 -38.57
CA MET B 402 43.03 -1.02 -39.05
C MET B 402 43.64 -0.05 -38.04
N ILE B 403 43.24 -0.15 -36.78
CA ILE B 403 43.66 0.79 -35.74
C ILE B 403 43.84 0.01 -34.45
N ASP B 404 44.19 0.69 -33.36
CA ASP B 404 44.28 0.03 -32.05
C ASP B 404 42.98 -0.70 -31.73
N GLU B 405 43.12 -1.86 -31.07
CA GLU B 405 41.99 -2.76 -30.90
C GLU B 405 40.87 -2.13 -30.08
N ILE B 406 41.19 -1.15 -29.23
CA ILE B 406 40.18 -0.52 -28.39
C ILE B 406 39.17 0.23 -29.23
N ASN B 407 39.65 0.99 -30.23
CA ASN B 407 38.74 1.75 -31.09
C ASN B 407 38.05 0.84 -32.10
N ASP B 408 38.73 -0.23 -32.52
CA ASP B 408 38.10 -1.23 -33.38
C ASP B 408 36.88 -1.82 -32.71
N ILE B 409 36.91 -1.98 -31.39
CA ILE B 409 35.72 -2.42 -30.66
C ILE B 409 34.56 -1.46 -30.92
N ARG B 410 34.84 -0.15 -30.84
CA ARG B 410 33.78 0.83 -31.05
C ARG B 410 33.22 0.78 -32.47
N ILE B 411 34.10 0.74 -33.48
CA ILE B 411 33.61 0.80 -34.85
C ILE B 411 32.89 -0.48 -35.24
N ILE B 412 33.42 -1.64 -34.82
CA ILE B 412 32.75 -2.90 -35.12
C ILE B 412 31.44 -3.01 -34.35
N GLY B 413 31.40 -2.50 -33.11
CA GLY B 413 30.16 -2.48 -32.38
C GLY B 413 29.09 -1.64 -33.06
N ALA B 414 29.50 -0.48 -33.57
CA ALA B 414 28.55 0.36 -34.31
C ALA B 414 28.05 -0.33 -35.57
N ILE B 415 28.96 -0.92 -36.35
CA ILE B 415 28.55 -1.58 -37.59
C ILE B 415 27.65 -2.77 -37.30
N THR B 416 27.93 -3.50 -36.22
CA THR B 416 27.11 -4.66 -35.87
C THR B 416 25.77 -4.23 -35.31
N VAL B 417 25.71 -3.09 -34.63
CA VAL B 417 24.41 -2.52 -34.25
C VAL B 417 23.61 -2.18 -35.50
N VAL B 418 24.28 -1.66 -36.53
CA VAL B 418 23.59 -1.34 -37.78
C VAL B 418 23.02 -2.60 -38.43
N ILE B 419 23.84 -3.66 -38.53
CA ILE B 419 23.34 -4.88 -39.19
C ILE B 419 22.27 -5.55 -38.34
N LEU B 420 22.37 -5.40 -37.02
CA LEU B 420 21.37 -5.99 -36.13
C LEU B 420 20.07 -5.20 -36.18
N LEU B 421 20.14 -3.89 -36.46
CA LEU B 421 18.95 -3.14 -36.82
C LEU B 421 18.35 -3.64 -38.12
N GLY B 422 19.20 -3.89 -39.12
CA GLY B 422 18.70 -4.38 -40.40
C GLY B 422 17.96 -5.70 -40.27
N ILE B 423 18.46 -6.59 -39.39
CA ILE B 423 17.77 -7.84 -39.14
C ILE B 423 16.63 -7.67 -38.13
N SER B 424 16.64 -6.59 -37.35
CA SER B 424 15.78 -6.50 -36.18
C SER B 424 14.36 -6.05 -36.53
N VAL B 425 14.21 -5.28 -37.62
CA VAL B 425 12.92 -4.63 -37.90
C VAL B 425 11.84 -5.67 -38.18
N ALA B 426 12.16 -6.70 -38.97
CA ALA B 426 11.19 -7.74 -39.28
C ALA B 426 11.97 -9.02 -39.58
N GLY B 427 12.07 -9.90 -38.59
CA GLY B 427 12.81 -11.13 -38.74
C GLY B 427 12.01 -12.37 -38.41
N MET B 428 10.74 -12.40 -38.84
CA MET B 428 9.83 -13.47 -38.45
C MET B 428 10.38 -14.84 -38.83
N GLU B 429 11.01 -14.95 -40.00
CA GLU B 429 11.65 -16.21 -40.37
C GLU B 429 12.94 -16.41 -39.58
N TRP B 430 13.64 -15.32 -39.25
CA TRP B 430 14.86 -15.44 -38.45
C TRP B 430 14.52 -15.64 -36.97
N GLU B 431 13.41 -15.07 -36.50
CA GLU B 431 13.04 -15.22 -35.10
C GLU B 431 12.63 -16.65 -34.77
N ALA B 432 11.93 -17.31 -35.69
CA ALA B 432 11.39 -18.65 -35.43
C ALA B 432 12.23 -19.76 -36.04
N LYS B 433 12.46 -19.71 -37.35
CA LYS B 433 13.12 -20.82 -38.04
C LYS B 433 14.61 -20.88 -37.74
N ALA B 434 15.26 -19.73 -37.58
CA ALA B 434 16.71 -19.71 -37.47
C ALA B 434 17.18 -20.14 -36.08
N GLN B 435 16.31 -20.05 -35.07
CA GLN B 435 16.76 -20.29 -33.70
C GLN B 435 17.12 -21.75 -33.46
N ILE B 436 16.36 -22.68 -34.05
CA ILE B 436 16.70 -24.09 -33.87
C ILE B 436 18.02 -24.41 -34.55
N VAL B 437 18.29 -23.78 -35.70
CA VAL B 437 19.57 -23.97 -36.38
C VAL B 437 20.70 -23.40 -35.54
N LEU B 438 20.47 -22.23 -34.92
CA LEU B 438 21.49 -21.64 -34.06
C LEU B 438 21.78 -22.53 -32.86
N LEU B 439 20.74 -23.13 -32.27
CA LEU B 439 20.93 -24.08 -31.18
C LEU B 439 21.72 -25.30 -31.65
N VAL B 440 21.42 -25.80 -32.85
CA VAL B 440 22.16 -26.93 -33.40
C VAL B 440 23.64 -26.57 -33.52
N ILE B 441 23.92 -25.37 -34.03
CA ILE B 441 25.31 -24.93 -34.16
C ILE B 441 25.97 -24.78 -32.80
N LEU B 442 25.22 -24.33 -31.80
CA LEU B 442 25.81 -24.13 -30.46
C LEU B 442 26.16 -25.47 -29.81
N LEU B 443 25.25 -26.45 -29.88
CA LEU B 443 25.60 -27.78 -29.38
C LEU B 443 26.71 -28.42 -30.20
N LEU B 444 26.76 -28.13 -31.51
CA LEU B 444 27.89 -28.59 -32.31
C LEU B 444 29.19 -28.00 -31.80
N ALA B 445 29.18 -26.70 -31.47
CA ALA B 445 30.39 -26.03 -30.99
C ALA B 445 30.83 -26.60 -29.64
N ILE B 446 29.89 -26.85 -28.72
CA ILE B 446 30.30 -27.41 -27.44
C ILE B 446 30.81 -28.84 -27.63
N GLY B 447 30.26 -29.55 -28.62
CA GLY B 447 30.82 -30.85 -28.97
C GLY B 447 32.26 -30.76 -29.46
N ASP B 448 32.55 -29.78 -30.32
CA ASP B 448 33.93 -29.60 -30.76
C ASP B 448 34.81 -29.19 -29.59
N PHE B 449 34.27 -28.46 -28.62
CA PHE B 449 35.04 -28.12 -27.44
C PHE B 449 35.45 -29.37 -26.67
N VAL B 450 34.51 -30.29 -26.47
CA VAL B 450 34.84 -31.53 -25.76
C VAL B 450 35.85 -32.35 -26.56
N ILE B 451 35.64 -32.45 -27.87
CA ILE B 451 36.58 -33.20 -28.71
C ILE B 451 37.97 -32.58 -28.65
N GLY B 452 38.03 -31.25 -28.61
CA GLY B 452 39.31 -30.58 -28.45
C GLY B 452 39.96 -30.85 -27.11
N THR B 453 39.15 -30.94 -26.05
CA THR B 453 39.69 -31.35 -24.75
C THR B 453 40.30 -32.73 -24.82
N PHE B 454 39.70 -33.64 -25.58
CA PHE B 454 40.19 -35.01 -25.63
C PHE B 454 41.23 -35.25 -26.74
N ILE B 455 41.75 -34.22 -27.40
CA ILE B 455 42.74 -34.38 -28.46
C ILE B 455 43.96 -33.56 -28.09
N PRO B 456 45.04 -34.18 -27.62
CA PRO B 456 46.31 -33.45 -27.46
C PRO B 456 47.01 -33.21 -28.79
N LEU B 457 47.72 -32.09 -28.91
CA LEU B 457 48.53 -31.79 -30.08
C LEU B 457 49.80 -31.07 -29.66
N GLU B 458 50.82 -31.14 -30.53
CA GLU B 458 52.12 -30.57 -30.19
C GLU B 458 52.08 -29.05 -30.18
N SER B 459 51.31 -28.43 -31.07
CA SER B 459 51.24 -26.98 -31.11
C SER B 459 50.52 -26.42 -29.88
N LYS B 460 49.72 -27.26 -29.22
CA LYS B 460 49.07 -26.84 -28.00
C LYS B 460 50.02 -26.88 -26.80
N LYS B 461 51.10 -27.64 -26.92
CA LYS B 461 52.06 -27.77 -25.83
C LYS B 461 52.75 -26.47 -25.41
N PRO B 462 53.20 -25.59 -26.33
CA PRO B 462 53.79 -24.32 -25.85
C PRO B 462 52.86 -23.51 -24.98
N LYS B 463 51.57 -23.48 -25.31
CA LYS B 463 50.59 -22.88 -24.43
C LYS B 463 50.12 -23.90 -23.41
N GLY B 464 49.13 -23.50 -22.60
CA GLY B 464 48.60 -24.41 -21.61
C GLY B 464 47.66 -25.41 -22.24
N PHE B 465 48.05 -26.68 -22.30
CA PHE B 465 47.15 -27.72 -22.81
C PHE B 465 47.65 -29.08 -22.32
N PHE B 466 46.97 -29.62 -21.30
CA PHE B 466 47.22 -30.97 -20.82
C PHE B 466 45.89 -31.61 -20.44
N GLY B 467 45.47 -32.60 -21.22
CA GLY B 467 44.10 -33.08 -21.17
C GLY B 467 43.72 -33.95 -19.98
N TYR B 468 42.93 -33.39 -19.08
CA TYR B 468 42.28 -34.11 -17.99
C TYR B 468 43.31 -34.83 -17.11
N LYS B 469 44.16 -34.05 -16.47
CA LYS B 469 45.21 -34.57 -15.62
C LYS B 469 45.24 -33.81 -14.30
N SER B 470 45.59 -34.50 -13.22
CA SER B 470 45.58 -33.89 -11.90
C SER B 470 46.78 -32.98 -11.68
N GLU B 471 47.83 -33.14 -12.49
CA GLU B 471 49.07 -32.41 -12.24
C GLU B 471 48.88 -30.91 -12.42
N ILE B 472 48.08 -30.49 -13.40
CA ILE B 472 47.72 -29.08 -13.53
C ILE B 472 46.43 -28.76 -12.78
N PHE B 473 45.62 -29.77 -12.46
CA PHE B 473 44.44 -29.54 -11.64
C PHE B 473 44.83 -29.10 -10.24
N ASN B 474 46.01 -29.51 -9.78
CA ASN B 474 46.49 -29.08 -8.47
C ASN B 474 46.82 -27.59 -8.45
N GLU B 475 47.55 -27.11 -9.46
CA GLU B 475 47.91 -25.69 -9.48
C GLU B 475 46.72 -24.83 -9.84
N ASN B 476 45.77 -25.37 -10.61
CA ASN B 476 44.66 -24.55 -11.09
C ASN B 476 43.53 -24.45 -10.09
N PHE B 477 43.49 -25.37 -9.11
CA PHE B 477 42.39 -25.35 -8.14
C PHE B 477 42.46 -24.12 -7.23
N GLY B 478 43.67 -23.64 -6.96
CA GLY B 478 43.87 -22.55 -6.02
C GLY B 478 43.30 -21.23 -6.49
N PRO B 479 42.91 -20.38 -5.54
CA PRO B 479 42.45 -19.02 -5.87
C PRO B 479 43.63 -18.11 -6.14
N ASP B 480 43.68 -17.57 -7.36
CA ASP B 480 44.74 -16.64 -7.76
C ASP B 480 44.10 -15.40 -8.38
N PHE B 481 43.72 -14.44 -7.54
CA PHE B 481 43.19 -13.18 -8.05
C PHE B 481 44.33 -12.24 -8.41
N ARG B 482 44.14 -11.50 -9.49
CA ARG B 482 45.20 -10.70 -10.07
C ARG B 482 44.65 -9.36 -10.54
N GLU B 483 45.41 -8.29 -10.28
CA GLU B 483 45.10 -6.94 -10.76
C GLU B 483 43.74 -6.46 -10.30
N GLU B 484 43.60 -6.30 -8.98
CA GLU B 484 42.46 -5.70 -8.28
C GLU B 484 41.20 -6.56 -8.38
N GLU B 485 41.26 -7.76 -8.94
CA GLU B 485 40.07 -8.58 -9.05
C GLU B 485 39.67 -9.16 -7.70
N THR B 486 38.36 -9.23 -7.47
CA THR B 486 37.80 -9.73 -6.23
C THR B 486 36.87 -10.89 -6.55
N PHE B 487 36.40 -11.56 -5.51
CA PHE B 487 35.48 -12.69 -5.71
C PHE B 487 34.18 -12.23 -6.34
N PHE B 488 33.67 -11.07 -5.93
CA PHE B 488 32.38 -10.62 -6.44
C PHE B 488 32.52 -9.98 -7.82
N SER B 489 33.72 -9.54 -8.19
CA SER B 489 33.90 -8.94 -9.50
C SER B 489 33.77 -9.96 -10.62
N VAL B 490 34.41 -11.12 -10.47
CA VAL B 490 34.25 -12.19 -11.45
C VAL B 490 32.81 -12.70 -11.43
N PHE B 491 32.19 -12.72 -10.26
CA PHE B 491 30.75 -13.01 -10.23
C PHE B 491 29.95 -11.91 -10.90
N ALA B 492 30.39 -10.65 -10.76
CA ALA B 492 29.68 -9.55 -11.38
C ALA B 492 29.70 -9.67 -12.89
N ILE B 493 30.79 -10.17 -13.46
CA ILE B 493 30.80 -10.35 -14.91
C ILE B 493 30.16 -11.68 -15.28
N PHE B 494 30.09 -12.64 -14.36
CA PHE B 494 29.51 -13.93 -14.70
C PHE B 494 27.98 -13.88 -14.72
N PHE B 495 27.37 -13.13 -13.79
CA PHE B 495 25.91 -13.05 -13.76
C PHE B 495 25.24 -12.71 -15.09
N PRO B 496 25.82 -11.91 -15.99
CA PRO B 496 25.22 -11.77 -17.32
C PRO B 496 24.93 -13.07 -18.03
N ALA B 497 25.75 -14.11 -17.82
CA ALA B 497 25.49 -15.39 -18.45
C ALA B 497 24.16 -15.99 -17.97
N ALA B 498 23.88 -15.90 -16.68
CA ALA B 498 22.67 -16.48 -16.09
C ALA B 498 21.59 -15.41 -15.95
N THR B 499 21.12 -14.91 -17.10
CA THR B 499 20.10 -13.88 -17.14
C THR B 499 19.10 -14.21 -18.25
N GLY B 500 18.02 -13.43 -18.29
CA GLY B 500 17.05 -13.53 -19.35
C GLY B 500 16.12 -14.72 -19.27
N ILE B 501 15.97 -15.33 -18.10
CA ILE B 501 15.10 -16.50 -17.97
C ILE B 501 13.66 -16.12 -18.28
N LEU B 502 13.30 -14.86 -18.07
CA LEU B 502 11.99 -14.38 -18.51
C LEU B 502 11.99 -14.10 -20.01
N ALA B 503 13.11 -13.60 -20.53
CA ALA B 503 13.15 -13.14 -21.91
C ALA B 503 13.08 -14.30 -22.90
N GLY B 504 13.58 -15.47 -22.49
CA GLY B 504 13.63 -16.60 -23.41
C GLY B 504 12.25 -17.10 -23.82
N ALA B 505 11.36 -17.27 -22.85
CA ALA B 505 10.05 -17.86 -23.12
C ALA B 505 8.89 -17.04 -22.58
N ASN B 506 9.06 -16.42 -21.41
CA ASN B 506 7.91 -15.81 -20.73
C ASN B 506 7.47 -14.52 -21.41
N ILE B 507 8.41 -13.78 -21.99
CA ILE B 507 8.08 -12.49 -22.61
C ILE B 507 7.25 -12.69 -23.86
N SER B 508 7.54 -13.74 -24.63
CA SER B 508 6.83 -13.97 -25.90
C SER B 508 5.35 -14.20 -25.67
N GLY B 509 5.00 -14.99 -24.66
CA GLY B 509 3.59 -15.20 -24.31
C GLY B 509 2.79 -15.90 -25.39
N ASP B 510 3.41 -16.83 -26.11
CA ASP B 510 2.75 -17.63 -27.14
C ASP B 510 3.04 -19.10 -26.86
N LEU B 511 2.24 -19.71 -25.98
CA LEU B 511 2.44 -21.08 -25.55
C LEU B 511 1.13 -21.83 -25.58
N ALA B 512 1.19 -23.13 -25.87
CA ALA B 512 -0.01 -23.95 -25.87
C ALA B 512 -0.58 -24.11 -24.46
N ASP B 513 0.28 -24.20 -23.45
CA ASP B 513 -0.13 -24.35 -22.06
C ASP B 513 0.58 -23.29 -21.24
N PRO B 514 0.12 -22.03 -21.31
CA PRO B 514 0.84 -20.95 -20.61
C PRO B 514 0.91 -21.13 -19.11
N GLN B 515 -0.04 -21.84 -18.51
CA GLN B 515 -0.02 -22.04 -17.07
C GLN B 515 1.07 -23.03 -16.65
N SER B 516 1.25 -24.11 -17.42
CA SER B 516 2.15 -25.19 -17.02
C SER B 516 3.45 -25.23 -17.81
N ALA B 517 3.47 -24.76 -19.06
CA ALA B 517 4.68 -24.86 -19.85
C ALA B 517 5.70 -23.80 -19.44
N ILE B 518 5.23 -22.65 -18.94
CA ILE B 518 6.15 -21.60 -18.49
C ILE B 518 7.05 -22.06 -17.35
N PRO B 519 6.55 -22.71 -16.28
CA PRO B 519 7.49 -23.21 -15.26
C PRO B 519 8.45 -24.25 -15.77
N LYS B 520 7.97 -25.24 -16.53
CA LYS B 520 8.85 -26.29 -17.03
C LYS B 520 9.75 -25.76 -18.16
N GLY B 521 9.33 -24.70 -18.83
CA GLY B 521 10.14 -24.14 -19.90
C GLY B 521 11.42 -23.51 -19.39
N THR B 522 11.34 -22.78 -18.27
CA THR B 522 12.49 -22.04 -17.79
C THR B 522 13.33 -22.88 -16.84
N LEU B 523 12.71 -23.44 -15.80
CA LEU B 523 13.45 -24.12 -14.74
C LEU B 523 14.32 -25.25 -15.28
N LEU B 524 13.72 -26.16 -16.05
CA LEU B 524 14.49 -27.24 -16.65
C LEU B 524 15.61 -26.68 -17.53
N ALA B 525 15.34 -25.57 -18.22
CA ALA B 525 16.38 -24.92 -19.02
C ALA B 525 17.58 -24.55 -18.15
N ILE B 526 17.32 -23.96 -16.98
CA ILE B 526 18.42 -23.66 -16.06
C ILE B 526 19.17 -24.94 -15.71
N LEU B 527 18.43 -26.03 -15.48
CA LEU B 527 19.06 -27.29 -15.11
C LEU B 527 19.88 -27.86 -16.26
N ILE B 528 19.50 -27.55 -17.51
CA ILE B 528 20.29 -28.05 -18.63
C ILE B 528 21.33 -27.00 -19.02
N THR B 529 21.29 -25.84 -18.36
CA THR B 529 22.29 -24.82 -18.64
C THR B 529 23.45 -24.89 -17.67
N THR B 530 23.19 -24.65 -16.38
CA THR B 530 24.25 -24.34 -15.43
C THR B 530 25.18 -25.54 -15.22
N LEU B 531 24.61 -26.76 -15.18
CA LEU B 531 25.45 -27.94 -15.07
C LEU B 531 26.44 -28.01 -16.22
N VAL B 532 25.99 -27.71 -17.45
CA VAL B 532 26.90 -27.61 -18.57
C VAL B 532 27.98 -26.58 -18.27
N TYR B 533 27.57 -25.42 -17.76
CA TYR B 533 28.54 -24.43 -17.28
C TYR B 533 29.54 -25.06 -16.33
N VAL B 534 29.03 -25.78 -15.32
CA VAL B 534 29.90 -26.40 -14.33
C VAL B 534 30.86 -27.37 -15.02
N GLY B 535 30.35 -28.13 -16.00
CA GLY B 535 31.20 -29.05 -16.72
C GLY B 535 32.39 -28.35 -17.35
N ILE B 536 32.13 -27.21 -18.02
CA ILE B 536 33.22 -26.45 -18.61
C ILE B 536 34.14 -25.95 -17.52
N ALA B 537 33.56 -25.48 -16.40
CA ALA B 537 34.36 -24.97 -15.29
C ALA B 537 35.27 -26.05 -14.74
N VAL B 538 34.90 -27.32 -14.93
CA VAL B 538 35.81 -28.40 -14.58
C VAL B 538 36.81 -28.63 -15.69
N SER B 539 36.32 -28.80 -16.92
CA SER B 539 37.16 -29.31 -18.00
C SER B 539 38.29 -28.34 -18.32
N VAL B 540 37.97 -27.05 -18.41
CA VAL B 540 39.01 -26.04 -18.62
C VAL B 540 40.01 -26.09 -17.48
N GLY B 541 39.53 -26.21 -16.24
CA GLY B 541 40.42 -26.31 -15.10
C GLY B 541 41.28 -27.56 -15.14
N SER B 542 40.85 -28.56 -15.90
CA SER B 542 41.62 -29.78 -16.00
C SER B 542 42.51 -29.80 -17.25
N CYS B 543 42.40 -28.77 -18.10
CA CYS B 543 43.05 -28.88 -19.40
C CYS B 543 44.15 -27.84 -19.65
N VAL B 544 43.99 -26.61 -19.17
CA VAL B 544 44.87 -25.50 -19.52
C VAL B 544 45.46 -24.88 -18.26
N VAL B 545 46.72 -24.43 -18.35
CA VAL B 545 47.47 -24.06 -17.16
C VAL B 545 47.32 -22.56 -16.87
N ARG B 546 47.44 -22.21 -15.58
CA ARG B 546 47.15 -20.84 -15.13
C ARG B 546 48.18 -19.84 -15.65
N ASP B 547 49.36 -20.31 -16.02
CA ASP B 547 50.41 -19.45 -16.57
C ASP B 547 51.08 -20.17 -17.72
N ALA B 548 50.88 -19.66 -18.94
CA ALA B 548 51.37 -20.31 -20.15
C ALA B 548 52.12 -19.29 -21.00
N THR B 549 53.36 -19.61 -21.36
CA THR B 549 54.18 -18.76 -22.20
C THR B 549 53.85 -19.02 -23.66
N GLY B 550 53.54 -17.96 -24.40
CA GLY B 550 53.24 -18.13 -25.82
C GLY B 550 54.48 -18.46 -26.64
N ASN B 551 55.65 -18.14 -26.12
CA ASN B 551 56.89 -18.34 -26.87
C ASN B 551 57.21 -19.83 -26.98
N VAL B 552 57.76 -20.21 -28.14
CA VAL B 552 58.28 -21.55 -28.36
C VAL B 552 59.74 -21.66 -27.91
N ASN B 553 60.32 -20.56 -27.44
CA ASN B 553 61.72 -20.57 -27.04
C ASN B 553 61.95 -21.47 -25.83
N ASP B 554 61.01 -21.48 -24.89
CA ASP B 554 61.21 -22.18 -23.61
C ASP B 554 60.70 -23.61 -23.66
N THR B 555 61.15 -24.34 -24.68
CA THR B 555 61.02 -25.79 -24.70
C THR B 555 62.24 -26.38 -24.00
N ILE B 556 62.08 -26.73 -22.73
CA ILE B 556 63.19 -27.24 -21.95
C ILE B 556 63.46 -28.68 -22.39
N VAL B 557 64.76 -29.02 -22.53
CA VAL B 557 65.14 -30.41 -22.72
C VAL B 557 64.82 -31.16 -21.42
N THR B 558 64.65 -32.48 -21.52
CA THR B 558 64.41 -33.28 -20.34
C THR B 558 65.55 -33.10 -19.35
N GLU B 559 65.23 -32.42 -18.24
CA GLU B 559 66.23 -31.96 -17.29
C GLU B 559 65.69 -32.12 -15.89
N LEU B 560 66.60 -32.36 -14.94
CA LEU B 560 66.24 -32.63 -13.56
C LEU B 560 66.10 -31.32 -12.78
N THR B 561 64.96 -30.66 -13.01
CA THR B 561 64.61 -29.43 -12.32
C THR B 561 63.31 -29.65 -11.54
N ASN B 562 63.27 -29.14 -10.31
CA ASN B 562 62.15 -29.45 -9.42
C ASN B 562 60.84 -28.85 -9.92
N CYS B 563 60.78 -27.52 -9.99
CA CYS B 563 59.54 -26.82 -10.36
C CYS B 563 58.34 -27.27 -9.53
N THR B 564 58.33 -26.89 -8.25
CA THR B 564 57.19 -27.18 -7.38
C THR B 564 55.88 -26.69 -8.00
N SER B 565 55.93 -25.62 -8.80
CA SER B 565 54.75 -25.16 -9.53
C SER B 565 54.29 -26.23 -10.53
N ALA B 566 52.99 -26.25 -10.79
CA ALA B 566 52.41 -27.29 -11.63
C ALA B 566 52.81 -27.14 -13.09
N ALA B 567 53.46 -26.03 -13.44
CA ALA B 567 53.87 -25.80 -14.82
C ALA B 567 54.85 -26.87 -15.31
N CYS B 568 55.88 -27.17 -14.51
CA CYS B 568 56.90 -28.14 -14.92
C CYS B 568 56.62 -29.56 -14.43
N LYS B 569 55.42 -29.82 -13.87
CA LYS B 569 55.09 -31.20 -13.52
C LYS B 569 55.11 -32.08 -14.76
N LEU B 570 54.56 -31.59 -15.86
CA LEU B 570 54.97 -32.05 -17.18
C LEU B 570 56.04 -31.09 -17.71
N ASN B 571 56.97 -31.66 -18.49
CA ASN B 571 58.33 -31.12 -18.59
C ASN B 571 58.36 -29.63 -18.94
N PHE B 572 57.46 -29.17 -19.81
CA PHE B 572 57.53 -27.82 -20.34
C PHE B 572 57.44 -26.78 -19.21
N ASP B 573 58.32 -25.78 -19.26
CA ASP B 573 58.59 -24.98 -18.07
C ASP B 573 57.51 -23.95 -17.79
N PHE B 574 56.97 -23.29 -18.83
CA PHE B 574 56.10 -22.12 -18.68
C PHE B 574 56.74 -21.05 -17.80
N SER B 575 58.02 -20.79 -18.04
CA SER B 575 58.77 -19.82 -17.23
C SER B 575 58.70 -18.44 -17.88
N SER B 576 59.04 -17.42 -17.09
CA SER B 576 59.17 -16.03 -17.53
C SER B 576 57.84 -15.40 -17.94
N CYS B 577 56.73 -16.14 -17.83
CA CYS B 577 55.42 -15.54 -18.06
C CYS B 577 54.77 -15.14 -16.75
N GLU B 578 55.22 -15.73 -15.64
CA GLU B 578 54.71 -15.30 -14.33
C GLU B 578 55.56 -14.15 -13.77
N SER B 579 56.83 -14.08 -14.15
CA SER B 579 57.67 -12.98 -13.69
C SER B 579 57.34 -11.69 -14.43
N SER B 580 57.09 -11.79 -15.72
CA SER B 580 56.79 -10.64 -16.58
C SER B 580 55.31 -10.68 -16.94
N PRO B 581 54.76 -9.65 -17.59
CA PRO B 581 53.40 -9.77 -18.13
C PRO B 581 53.29 -10.93 -19.10
N CYS B 582 52.19 -11.67 -18.99
CA CYS B 582 51.99 -12.89 -19.76
C CYS B 582 51.04 -12.62 -20.93
N SER B 583 50.81 -13.64 -21.76
CA SER B 583 49.88 -13.47 -22.87
C SER B 583 48.93 -14.64 -23.08
N TYR B 584 49.05 -15.75 -22.35
CA TYR B 584 48.14 -16.87 -22.48
C TYR B 584 47.93 -17.53 -21.12
N GLY B 585 47.06 -18.54 -21.09
CA GLY B 585 46.89 -19.38 -19.91
C GLY B 585 45.79 -18.99 -18.94
N LEU B 586 44.57 -18.83 -19.42
CA LEU B 586 43.33 -18.50 -18.71
C LEU B 586 43.35 -17.09 -18.16
N MET B 587 44.43 -16.34 -18.31
CA MET B 587 44.56 -15.01 -17.72
C MET B 587 44.72 -13.90 -18.73
N ASN B 588 45.70 -13.99 -19.64
CA ASN B 588 46.00 -12.89 -20.54
C ASN B 588 45.60 -13.19 -21.97
N ASN B 589 44.80 -14.23 -22.18
CA ASN B 589 44.20 -14.51 -23.47
C ASN B 589 42.81 -15.08 -23.24
N PHE B 590 41.94 -14.91 -24.24
CA PHE B 590 40.60 -15.45 -24.21
C PHE B 590 40.35 -16.46 -25.31
N GLN B 591 41.32 -16.65 -26.21
CA GLN B 591 41.32 -17.73 -27.19
C GLN B 591 41.82 -19.05 -26.62
N VAL B 592 41.96 -19.15 -25.30
CA VAL B 592 42.44 -20.39 -24.71
C VAL B 592 41.41 -21.50 -24.88
N MET B 593 40.12 -21.17 -24.77
CA MET B 593 39.09 -22.16 -25.04
C MET B 593 39.05 -22.53 -26.51
N SER B 594 39.27 -21.55 -27.39
CA SER B 594 39.43 -21.87 -28.81
C SER B 594 40.74 -22.59 -29.07
N MET B 595 41.75 -22.34 -28.24
CA MET B 595 42.99 -23.12 -28.35
C MET B 595 42.74 -24.59 -28.00
N VAL B 596 41.85 -24.85 -27.04
CA VAL B 596 41.52 -26.22 -26.68
C VAL B 596 40.84 -26.94 -27.84
N SER B 597 39.81 -26.32 -28.41
CA SER B 597 38.97 -27.00 -29.38
C SER B 597 39.57 -26.97 -30.77
N GLY B 598 39.60 -28.12 -31.43
CA GLY B 598 39.92 -28.18 -32.84
C GLY B 598 38.79 -27.61 -33.68
N PHE B 599 39.11 -27.33 -34.94
CA PHE B 599 38.19 -26.70 -35.88
C PHE B 599 37.69 -25.37 -35.33
N THR B 600 38.63 -24.44 -35.17
CA THR B 600 38.31 -23.15 -34.57
C THR B 600 37.33 -22.27 -35.37
N PRO B 601 37.19 -22.39 -36.71
CA PRO B 601 36.06 -21.67 -37.34
C PRO B 601 34.71 -22.10 -36.79
N LEU B 602 34.55 -23.39 -36.51
CA LEU B 602 33.29 -23.88 -35.96
C LEU B 602 33.03 -23.30 -34.57
N ILE B 603 34.07 -23.25 -33.73
CA ILE B 603 33.86 -22.71 -32.39
C ILE B 603 33.59 -21.22 -32.44
N SER B 604 34.28 -20.49 -33.33
CA SER B 604 34.02 -19.07 -33.49
C SER B 604 32.60 -18.82 -33.97
N ALA B 605 32.11 -19.66 -34.88
CA ALA B 605 30.71 -19.62 -35.27
C ALA B 605 29.80 -19.90 -34.08
N GLY B 606 30.26 -20.74 -33.16
CA GLY B 606 29.49 -20.97 -31.94
C GLY B 606 29.34 -19.72 -31.10
N ILE B 607 30.45 -19.00 -30.85
CA ILE B 607 30.36 -17.71 -30.16
C ILE B 607 29.43 -16.77 -30.90
N PHE B 608 29.59 -16.67 -32.23
CA PHE B 608 28.80 -15.73 -33.01
C PHE B 608 27.31 -16.04 -32.88
N SER B 609 26.94 -17.31 -33.06
CA SER B 609 25.54 -17.71 -33.02
C SER B 609 24.95 -17.47 -31.63
N ALA B 610 25.65 -17.87 -30.57
CA ALA B 610 25.12 -17.71 -29.22
C ALA B 610 24.91 -16.23 -28.89
N THR B 611 25.92 -15.41 -29.17
CA THR B 611 25.85 -14.00 -28.81
C THR B 611 24.75 -13.28 -29.60
N LEU B 612 24.66 -13.54 -30.91
CA LEU B 612 23.65 -12.87 -31.72
C LEU B 612 22.25 -13.36 -31.37
N SER B 613 22.11 -14.63 -31.01
CA SER B 613 20.81 -15.13 -30.60
C SER B 613 20.35 -14.47 -29.30
N SER B 614 21.26 -14.33 -28.34
CA SER B 614 20.91 -13.65 -27.09
C SER B 614 20.55 -12.20 -27.34
N ALA B 615 21.32 -11.51 -28.20
CA ALA B 615 21.02 -10.11 -28.52
C ALA B 615 19.67 -9.98 -29.21
N LEU B 616 19.36 -10.91 -30.13
CA LEU B 616 18.08 -10.89 -30.80
C LEU B 616 16.92 -11.15 -29.85
N ALA B 617 17.09 -12.05 -28.89
CA ALA B 617 16.05 -12.24 -27.88
C ALA B 617 15.84 -10.99 -27.05
N SER B 618 16.93 -10.33 -26.64
CA SER B 618 16.79 -9.12 -25.82
C SER B 618 16.12 -7.99 -26.60
N LEU B 619 16.47 -7.82 -27.87
CA LEU B 619 15.92 -6.70 -28.64
C LEU B 619 14.47 -6.95 -29.04
N VAL B 620 14.01 -8.20 -28.90
CA VAL B 620 12.58 -8.47 -29.05
C VAL B 620 11.87 -8.26 -27.73
N SER B 621 12.52 -8.64 -26.62
CA SER B 621 11.89 -8.55 -25.31
C SER B 621 11.67 -7.10 -24.88
N ALA B 622 12.70 -6.26 -24.99
CA ALA B 622 12.63 -4.93 -24.39
C ALA B 622 11.61 -4.00 -25.03
N PRO B 623 11.57 -3.80 -26.37
CA PRO B 623 10.57 -2.86 -26.92
C PRO B 623 9.13 -3.29 -26.69
N LYS B 624 8.85 -4.60 -26.68
CA LYS B 624 7.49 -5.05 -26.44
C LYS B 624 7.03 -4.69 -25.04
N ILE B 625 7.89 -4.93 -24.04
CA ILE B 625 7.57 -4.58 -22.66
C ILE B 625 7.45 -3.07 -22.51
N PHE B 626 8.32 -2.32 -23.20
CA PHE B 626 8.25 -0.87 -23.12
C PHE B 626 6.95 -0.33 -23.70
N GLN B 627 6.51 -0.88 -24.84
CA GLN B 627 5.26 -0.43 -25.43
C GLN B 627 4.06 -0.87 -24.59
N ALA B 628 4.18 -2.02 -23.92
CA ALA B 628 3.11 -2.44 -23.01
C ALA B 628 3.03 -1.50 -21.81
N LEU B 629 4.17 -1.01 -21.33
CA LEU B 629 4.17 0.01 -20.29
C LEU B 629 3.42 1.25 -20.72
N CYS B 630 3.65 1.71 -21.94
CA CYS B 630 3.00 2.93 -22.43
C CYS B 630 1.50 2.70 -22.65
N LYS B 631 1.14 1.55 -23.22
CA LYS B 631 -0.26 1.25 -23.49
C LYS B 631 -1.05 1.06 -22.20
N ASP B 632 -0.38 0.56 -21.15
CA ASP B 632 -1.03 0.45 -19.86
C ASP B 632 -1.23 1.80 -19.18
N ASN B 633 -0.64 2.87 -19.73
CA ASN B 633 -0.79 4.24 -19.24
C ASN B 633 -0.30 4.43 -17.82
N ILE B 634 0.69 3.64 -17.39
CA ILE B 634 1.30 3.89 -16.08
C ILE B 634 2.14 5.16 -16.13
N TYR B 635 2.85 5.39 -17.23
CA TYR B 635 3.64 6.61 -17.42
C TYR B 635 2.96 7.48 -18.47
N PRO B 636 2.37 8.61 -18.08
CA PRO B 636 1.70 9.46 -19.09
C PRO B 636 2.68 10.12 -20.05
N ALA B 637 3.88 10.44 -19.58
CA ALA B 637 4.86 11.13 -20.44
C ALA B 637 5.42 10.19 -21.49
N PHE B 638 5.33 8.89 -21.27
CA PHE B 638 5.88 7.90 -22.19
C PHE B 638 4.91 7.51 -23.30
N GLN B 639 3.71 8.11 -23.35
CA GLN B 639 2.67 7.64 -24.26
C GLN B 639 3.07 7.75 -25.72
N MET B 640 4.05 8.60 -26.04
CA MET B 640 4.46 8.77 -27.43
C MET B 640 5.20 7.52 -27.93
N PHE B 641 5.71 6.70 -27.02
CA PHE B 641 6.41 5.49 -27.43
C PHE B 641 5.46 4.38 -27.84
N ALA B 642 4.17 4.51 -27.51
CA ALA B 642 3.23 3.42 -27.73
C ALA B 642 2.95 3.20 -29.21
N LYS B 643 2.87 4.27 -29.99
CA LYS B 643 2.42 4.16 -31.37
C LYS B 643 3.45 3.43 -32.24
N GLY B 644 2.96 2.61 -33.16
CA GLY B 644 3.79 1.88 -34.08
C GLY B 644 2.96 1.29 -35.20
N TYR B 645 3.61 1.08 -36.34
CA TYR B 645 2.94 0.59 -37.54
C TYR B 645 3.72 -0.59 -38.11
N GLY B 646 3.00 -1.52 -38.73
CA GLY B 646 3.61 -2.66 -39.37
C GLY B 646 2.59 -3.76 -39.58
N LYS B 647 3.09 -4.92 -40.01
CA LYS B 647 2.25 -6.11 -40.06
C LYS B 647 1.77 -6.49 -38.67
N ASN B 648 2.68 -6.50 -37.70
CA ASN B 648 2.36 -6.52 -36.28
C ASN B 648 2.95 -5.25 -35.67
N ASN B 649 2.15 -4.55 -34.88
CA ASN B 649 2.56 -3.22 -34.41
C ASN B 649 3.77 -3.32 -33.48
N GLU B 650 4.85 -2.62 -33.87
CA GLU B 650 6.07 -2.58 -33.11
C GLU B 650 6.49 -1.13 -32.89
N PRO B 651 7.14 -0.82 -31.76
CA PRO B 651 7.50 0.58 -31.48
C PRO B 651 8.83 0.95 -32.14
N LEU B 652 8.76 1.89 -33.10
CA LEU B 652 9.98 2.42 -33.68
C LEU B 652 10.69 3.38 -32.74
N ARG B 653 9.94 4.12 -31.91
CA ARG B 653 10.55 4.99 -30.92
C ARG B 653 11.36 4.16 -29.91
N GLY B 654 10.80 3.04 -29.46
CA GLY B 654 11.56 2.16 -28.59
C GLY B 654 12.80 1.62 -29.26
N TYR B 655 12.69 1.25 -30.54
CA TYR B 655 13.86 0.77 -31.29
C TYR B 655 14.95 1.83 -31.32
N ILE B 656 14.61 3.07 -31.68
CA ILE B 656 15.64 4.09 -31.82
C ILE B 656 16.25 4.43 -30.46
N LEU B 657 15.44 4.44 -29.38
CA LEU B 657 16.01 4.79 -28.09
C LEU B 657 16.90 3.68 -27.55
N THR B 658 16.48 2.42 -27.70
CA THR B 658 17.32 1.32 -27.23
C THR B 658 18.60 1.21 -28.03
N PHE B 659 18.54 1.34 -29.36
CA PHE B 659 19.75 1.20 -30.15
C PHE B 659 20.50 2.52 -30.27
N LEU B 660 20.01 3.56 -29.59
CA LEU B 660 20.84 4.74 -29.37
C LEU B 660 21.60 4.62 -28.05
N ILE B 661 20.92 4.19 -26.98
CA ILE B 661 21.62 4.03 -25.71
C ILE B 661 22.59 2.84 -25.77
N ALA B 662 22.32 1.87 -26.64
CA ALA B 662 23.28 0.80 -26.86
C ALA B 662 24.59 1.34 -27.41
N LEU B 663 24.51 2.15 -28.48
CA LEU B 663 25.71 2.80 -29.02
C LEU B 663 26.33 3.73 -27.99
N GLY B 664 25.51 4.31 -27.11
CA GLY B 664 26.05 5.06 -26.00
C GLY B 664 26.90 4.20 -25.07
N PHE B 665 26.52 2.92 -24.92
CA PHE B 665 27.33 2.01 -24.14
C PHE B 665 28.41 1.34 -24.98
N ILE B 666 28.29 1.37 -26.31
CA ILE B 666 29.37 0.89 -27.16
C ILE B 666 30.61 1.78 -27.00
N LEU B 667 30.39 3.08 -26.79
CA LEU B 667 31.49 4.02 -26.62
C LEU B 667 32.41 3.61 -25.49
N ILE B 668 31.86 3.02 -24.43
CA ILE B 668 32.69 2.40 -23.39
C ILE B 668 33.08 1.02 -23.88
N ALA B 669 34.27 0.91 -24.48
CA ALA B 669 34.68 -0.35 -25.08
C ALA B 669 35.24 -1.35 -24.08
N GLU B 670 35.55 -0.90 -22.86
CA GLU B 670 36.19 -1.78 -21.89
C GLU B 670 35.20 -2.78 -21.31
N LEU B 671 35.56 -4.07 -21.38
CA LEU B 671 34.60 -5.17 -21.26
C LEU B 671 34.07 -5.30 -19.84
N ASN B 672 34.98 -5.51 -18.87
CA ASN B 672 34.58 -5.83 -17.51
C ASN B 672 34.10 -4.60 -16.76
N VAL B 673 33.87 -3.50 -17.48
CA VAL B 673 33.12 -2.38 -16.90
C VAL B 673 31.69 -2.39 -17.43
N ILE B 674 31.50 -2.78 -18.69
CA ILE B 674 30.16 -2.96 -19.21
C ILE B 674 29.44 -4.08 -18.47
N ALA B 675 30.08 -5.25 -18.35
CA ALA B 675 29.38 -6.40 -17.75
C ALA B 675 28.79 -6.14 -16.37
N PRO B 676 29.45 -5.47 -15.42
CA PRO B 676 28.82 -5.26 -14.10
C PRO B 676 27.51 -4.48 -14.12
N ILE B 677 27.33 -3.51 -15.02
CA ILE B 677 26.12 -2.69 -14.92
C ILE B 677 24.91 -3.46 -15.46
N ILE B 678 25.10 -4.25 -16.51
CA ILE B 678 24.06 -5.18 -16.94
C ILE B 678 23.75 -6.19 -15.84
N SER B 679 24.78 -6.70 -15.16
CA SER B 679 24.52 -7.62 -14.05
C SER B 679 23.69 -6.95 -12.97
N ASN B 680 24.03 -5.70 -12.64
CA ASN B 680 23.31 -4.97 -11.60
C ASN B 680 21.86 -4.71 -11.98
N PHE B 681 21.61 -4.35 -13.24
CA PHE B 681 20.23 -4.07 -13.64
C PHE B 681 19.39 -5.34 -13.73
N PHE B 682 19.97 -6.45 -14.18
CA PHE B 682 19.24 -7.71 -14.17
C PHE B 682 18.97 -8.16 -12.73
N LEU B 683 19.94 -7.96 -11.84
CA LEU B 683 19.70 -8.22 -10.43
C LEU B 683 18.59 -7.34 -9.89
N ALA B 684 18.52 -6.09 -10.34
CA ALA B 684 17.43 -5.20 -9.91
C ALA B 684 16.09 -5.73 -10.36
N SER B 685 15.99 -6.17 -11.61
CA SER B 685 14.75 -6.75 -12.10
C SER B 685 14.36 -7.98 -11.28
N TYR B 686 15.32 -8.88 -11.04
CA TYR B 686 15.01 -10.12 -10.31
C TYR B 686 14.62 -9.83 -8.86
N ALA B 687 15.32 -8.89 -8.22
CA ALA B 687 15.00 -8.55 -6.84
C ALA B 687 13.63 -7.92 -6.72
N LEU B 688 13.28 -7.02 -7.66
CA LEU B 688 11.95 -6.44 -7.62
C LEU B 688 10.87 -7.49 -7.87
N ILE B 689 11.11 -8.43 -8.80
CA ILE B 689 10.15 -9.51 -9.02
C ILE B 689 9.93 -10.31 -7.73
N ASN B 690 11.03 -10.75 -7.11
CA ASN B 690 10.92 -11.59 -5.93
C ASN B 690 10.26 -10.86 -4.77
N PHE B 691 10.65 -9.60 -4.54
CA PHE B 691 10.07 -8.85 -3.44
C PHE B 691 8.59 -8.57 -3.68
N SER B 692 8.20 -8.25 -4.92
CA SER B 692 6.80 -7.99 -5.20
C SER B 692 5.96 -9.26 -5.04
N VAL B 693 6.47 -10.39 -5.50
CA VAL B 693 5.73 -11.65 -5.32
C VAL B 693 5.58 -11.98 -3.84
N PHE B 694 6.66 -11.81 -3.07
CA PHE B 694 6.58 -12.07 -1.63
C PHE B 694 5.63 -11.11 -0.94
N HIS B 695 5.62 -9.85 -1.36
CA HIS B 695 4.71 -8.86 -0.77
C HIS B 695 3.26 -9.19 -1.07
N ALA B 696 2.98 -9.60 -2.31
CA ALA B 696 1.61 -10.00 -2.65
C ALA B 696 1.18 -11.23 -1.86
N SER B 697 2.09 -12.19 -1.69
CA SER B 697 1.77 -13.38 -0.89
C SER B 697 1.53 -13.01 0.58
N LEU B 698 2.34 -12.09 1.10
CA LEU B 698 2.28 -11.76 2.52
C LEU B 698 1.00 -11.02 2.87
N ALA B 699 0.72 -9.91 2.18
CA ALA B 699 -0.40 -9.05 2.52
C ALA B 699 -1.75 -9.61 2.08
N LYS B 700 -1.78 -10.84 1.57
CA LYS B 700 -3.00 -11.48 1.07
C LYS B 700 -3.65 -10.61 0.01
N SER B 701 -2.94 -10.43 -1.10
CA SER B 701 -3.44 -9.61 -2.20
C SER B 701 -4.68 -10.27 -2.81
N PRO B 702 -5.56 -9.46 -3.42
CA PRO B 702 -6.83 -10.03 -3.93
C PRO B 702 -6.64 -11.16 -4.93
N GLY B 703 -5.94 -10.92 -6.03
CA GLY B 703 -5.74 -11.97 -7.02
C GLY B 703 -4.48 -12.77 -6.77
N TRP B 704 -4.46 -13.54 -5.67
CA TRP B 704 -3.30 -14.36 -5.31
C TRP B 704 -3.76 -15.79 -5.00
N ARG B 705 -3.91 -16.59 -6.06
CA ARG B 705 -4.04 -18.05 -5.95
C ARG B 705 -3.13 -18.69 -6.99
N PRO B 706 -1.81 -18.66 -6.77
CA PRO B 706 -0.90 -19.21 -7.78
C PRO B 706 -0.99 -20.73 -7.89
N ALA B 707 -1.00 -21.44 -6.77
CA ALA B 707 -1.12 -22.90 -6.72
C ALA B 707 -0.03 -23.60 -7.53
N PHE B 708 1.19 -23.07 -7.51
CA PHE B 708 2.29 -23.70 -8.19
C PHE B 708 2.72 -24.96 -7.43
N LYS B 709 3.33 -25.91 -8.16
CA LYS B 709 3.65 -27.21 -7.58
C LYS B 709 4.59 -27.10 -6.39
N TYR B 710 5.69 -26.36 -6.54
CA TYR B 710 6.65 -26.16 -5.45
C TYR B 710 7.06 -24.68 -5.42
N TYR B 711 6.30 -23.90 -4.65
CA TYR B 711 6.57 -22.49 -4.41
C TYR B 711 6.51 -22.20 -2.92
N ASN B 712 7.36 -21.28 -2.45
CA ASN B 712 7.33 -20.79 -1.08
C ASN B 712 7.58 -19.29 -1.09
N MET B 713 6.82 -18.56 -0.26
CA MET B 713 6.99 -17.12 -0.17
C MET B 713 8.30 -16.75 0.54
N TRP B 714 8.70 -17.57 1.52
CA TRP B 714 9.95 -17.30 2.22
C TRP B 714 11.15 -17.47 1.30
N ILE B 715 11.06 -18.40 0.36
CA ILE B 715 12.11 -18.58 -0.65
C ILE B 715 12.25 -17.32 -1.49
N SER B 716 11.12 -16.73 -1.91
CA SER B 716 11.18 -15.52 -2.70
C SER B 716 11.74 -14.34 -1.90
N LEU B 717 11.36 -14.24 -0.63
CA LEU B 717 11.90 -13.17 0.22
C LEU B 717 13.41 -13.31 0.39
N LEU B 718 13.88 -14.53 0.65
CA LEU B 718 15.32 -14.76 0.80
C LEU B 718 16.05 -14.49 -0.51
N GLY B 719 15.44 -14.86 -1.63
CA GLY B 719 16.05 -14.56 -2.92
C GLY B 719 16.16 -13.08 -3.18
N ALA B 720 15.12 -12.31 -2.85
CA ALA B 720 15.18 -10.87 -3.01
C ALA B 720 16.27 -10.26 -2.13
N ILE B 721 16.38 -10.74 -0.88
CA ILE B 721 17.41 -10.22 0.02
C ILE B 721 18.80 -10.53 -0.52
N LEU B 722 19.02 -11.76 -0.99
CA LEU B 722 20.32 -12.13 -1.55
C LEU B 722 20.63 -11.31 -2.79
N CYS B 723 19.62 -11.08 -3.65
CA CYS B 723 19.82 -10.26 -4.82
C CYS B 723 20.21 -8.83 -4.45
N CYS B 724 19.57 -8.26 -3.43
CA CYS B 724 19.95 -6.91 -3.00
C CYS B 724 21.37 -6.88 -2.44
N ILE B 725 21.74 -7.89 -1.65
CA ILE B 725 23.07 -7.90 -1.05
C ILE B 725 24.15 -8.00 -2.14
N VAL B 726 24.00 -8.96 -3.05
CA VAL B 726 25.02 -9.12 -4.08
C VAL B 726 24.91 -8.02 -5.12
N MET B 727 23.76 -7.35 -5.18
CA MET B 727 23.62 -6.14 -5.97
C MET B 727 24.54 -5.07 -5.44
N PHE B 728 24.52 -4.87 -4.12
CA PHE B 728 25.38 -3.86 -3.52
C PHE B 728 26.86 -4.23 -3.66
N VAL B 729 27.22 -5.46 -3.29
CA VAL B 729 28.63 -5.76 -3.00
C VAL B 729 29.50 -5.55 -4.23
N ILE B 730 28.95 -5.83 -5.42
CA ILE B 730 29.75 -5.73 -6.64
C ILE B 730 30.08 -4.27 -6.96
N ASN B 731 29.15 -3.35 -6.70
CA ASN B 731 29.35 -1.95 -7.04
C ASN B 731 28.47 -1.09 -6.16
N TRP B 732 29.03 -0.02 -5.58
CA TRP B 732 28.28 0.76 -4.60
C TRP B 732 27.52 1.90 -5.24
N TRP B 733 28.15 2.63 -6.16
CA TRP B 733 27.46 3.77 -6.77
C TRP B 733 26.34 3.32 -7.70
N ALA B 734 26.55 2.24 -8.44
CA ALA B 734 25.49 1.71 -9.30
C ALA B 734 24.32 1.21 -8.47
N ALA B 735 24.61 0.52 -7.36
CA ALA B 735 23.54 0.06 -6.48
C ALA B 735 22.78 1.23 -5.87
N LEU B 736 23.50 2.29 -5.47
CA LEU B 736 22.83 3.45 -4.91
C LEU B 736 21.96 4.15 -5.94
N LEU B 737 22.45 4.26 -7.18
CA LEU B 737 21.64 4.86 -8.24
C LEU B 737 20.39 4.04 -8.52
N THR B 738 20.53 2.71 -8.55
CA THR B 738 19.37 1.85 -8.76
C THR B 738 18.38 1.98 -7.61
N TYR B 739 18.88 2.02 -6.37
CA TYR B 739 18.00 2.17 -5.22
C TYR B 739 17.24 3.48 -5.27
N VAL B 740 17.93 4.59 -5.58
CA VAL B 740 17.27 5.88 -5.57
C VAL B 740 16.26 5.98 -6.72
N ILE B 741 16.58 5.40 -7.89
CA ILE B 741 15.63 5.51 -9.00
C ILE B 741 14.40 4.64 -8.74
N VAL B 742 14.57 3.44 -8.17
CA VAL B 742 13.40 2.61 -7.91
C VAL B 742 12.58 3.20 -6.76
N LEU B 743 13.23 3.87 -5.81
CA LEU B 743 12.49 4.50 -4.72
C LEU B 743 11.70 5.70 -5.22
N GLY B 744 12.30 6.50 -6.11
CA GLY B 744 11.57 7.59 -6.73
C GLY B 744 10.40 7.09 -7.56
N LEU B 745 10.60 5.98 -8.28
CA LEU B 745 9.50 5.39 -9.04
C LEU B 745 8.38 4.91 -8.12
N TYR B 746 8.75 4.28 -6.99
CA TYR B 746 7.74 3.85 -6.03
C TYR B 746 6.98 5.03 -5.46
N ILE B 747 7.69 6.12 -5.13
CA ILE B 747 7.03 7.32 -4.62
C ILE B 747 6.08 7.90 -5.65
N TYR B 748 6.50 7.92 -6.92
CA TYR B 748 5.65 8.43 -7.99
C TYR B 748 4.39 7.59 -8.14
N VAL B 749 4.51 6.26 -8.03
CA VAL B 749 3.35 5.39 -8.21
C VAL B 749 2.55 5.18 -6.94
N THR B 750 2.98 5.75 -5.81
CA THR B 750 2.16 5.66 -4.60
C THR B 750 0.77 6.27 -4.79
N TYR B 751 0.70 7.58 -5.03
CA TYR B 751 -0.60 8.24 -5.11
C TYR B 751 -0.69 9.19 -6.29
N LYS B 752 0.46 9.62 -6.83
CA LYS B 752 0.45 10.56 -7.94
C LYS B 752 -0.19 9.93 -9.18
N LYS B 753 0.12 8.67 -9.44
CA LYS B 753 -0.53 7.96 -10.54
C LYS B 753 -1.92 7.45 -10.14
N PRO B 754 -2.12 6.87 -8.95
CA PRO B 754 -3.50 6.52 -8.54
C PRO B 754 -4.37 7.71 -8.17
N ASP B 755 -3.93 8.94 -8.43
CA ASP B 755 -4.74 10.12 -8.10
C ASP B 755 -6.04 10.12 -8.89
N VAL B 756 -5.97 9.89 -10.20
CA VAL B 756 -7.17 9.84 -11.04
C VAL B 756 -7.24 8.50 -11.75
N ASN B 757 -6.24 8.20 -12.57
CA ASN B 757 -6.21 6.98 -13.37
C ASN B 757 -5.02 6.15 -12.92
N TRP B 758 -5.28 5.11 -12.13
CA TRP B 758 -4.22 4.22 -11.66
C TRP B 758 -3.56 3.50 -12.82
N GLY B 759 -4.33 3.06 -13.81
CA GLY B 759 -3.78 2.54 -15.04
C GLY B 759 -4.06 1.07 -15.32
N SER B 760 -4.50 0.29 -14.34
CA SER B 760 -4.77 -1.12 -14.58
C SER B 760 -6.08 -1.29 -15.34
N SER B 761 -6.02 -2.03 -16.44
CA SER B 761 -7.21 -2.35 -17.23
C SER B 761 -7.87 -3.64 -16.75
N THR B 762 -7.34 -4.28 -15.72
CA THR B 762 -7.97 -5.44 -15.09
C THR B 762 -8.78 -4.95 -13.90
N GLN B 763 -10.07 -5.27 -13.90
CA GLN B 763 -10.96 -4.79 -12.85
C GLN B 763 -10.66 -5.47 -11.52
N ALA B 764 -10.22 -6.73 -11.55
CA ALA B 764 -10.14 -7.55 -10.34
C ALA B 764 -9.29 -6.90 -9.26
N LEU B 765 -8.06 -6.49 -9.61
CA LEU B 765 -7.15 -5.92 -8.63
C LEU B 765 -7.76 -4.69 -7.96
N THR B 766 -8.65 -3.98 -8.65
CA THR B 766 -9.42 -2.95 -7.97
C THR B 766 -10.54 -3.57 -7.16
N TYR B 767 -11.41 -4.33 -7.83
CA TYR B 767 -12.72 -4.68 -7.26
C TYR B 767 -12.58 -5.36 -5.91
N LEU B 768 -12.01 -6.57 -5.90
CA LEU B 768 -11.88 -7.32 -4.65
C LEU B 768 -11.17 -6.49 -3.59
N ASN B 769 -10.22 -5.64 -4.00
CA ASN B 769 -9.53 -4.79 -3.04
C ASN B 769 -10.51 -3.96 -2.23
N ALA B 770 -11.39 -3.22 -2.91
CA ALA B 770 -12.38 -2.40 -2.21
C ALA B 770 -13.19 -3.25 -1.26
N LEU B 771 -13.46 -4.51 -1.66
CA LEU B 771 -14.15 -5.46 -0.80
C LEU B 771 -13.59 -5.45 0.62
N GLN B 772 -12.30 -5.79 0.78
CA GLN B 772 -11.79 -5.86 2.15
C GLN B 772 -11.93 -4.51 2.83
N HIS B 773 -11.67 -3.44 2.09
CA HIS B 773 -11.74 -2.11 2.70
C HIS B 773 -13.14 -1.79 3.18
N SER B 774 -14.16 -2.14 2.39
CA SER B 774 -15.52 -1.95 2.88
C SER B 774 -15.78 -2.82 4.10
N ILE B 775 -15.25 -4.04 4.07
CA ILE B 775 -15.26 -4.89 5.25
C ILE B 775 -14.42 -4.26 6.35
N ARG B 776 -13.26 -3.69 5.99
CA ARG B 776 -12.48 -2.91 6.94
C ARG B 776 -13.30 -1.77 7.52
N LEU B 777 -14.27 -1.26 6.75
CA LEU B 777 -15.13 -0.22 7.28
C LEU B 777 -16.29 -0.80 8.07
N SER B 778 -16.73 -2.01 7.72
CA SER B 778 -17.91 -2.57 8.38
C SER B 778 -17.57 -3.15 9.75
N GLY B 779 -16.37 -3.70 9.91
CA GLY B 779 -16.00 -4.36 11.14
C GLY B 779 -15.76 -3.42 12.31
N VAL B 780 -15.46 -2.17 12.04
CA VAL B 780 -15.13 -1.22 13.11
C VAL B 780 -16.39 -0.83 13.85
N GLU B 781 -16.31 -0.77 15.17
CA GLU B 781 -17.44 -0.37 16.01
C GLU B 781 -17.40 1.15 16.16
N ASP B 782 -18.01 1.85 15.20
CA ASP B 782 -17.97 3.30 15.20
C ASP B 782 -18.88 3.92 16.24
N HIS B 783 -19.82 3.14 16.79
CA HIS B 783 -20.85 3.63 17.73
C HIS B 783 -21.62 4.74 17.02
N VAL B 784 -21.91 5.85 17.68
CA VAL B 784 -22.45 7.04 17.03
C VAL B 784 -21.38 8.15 17.03
N LYS B 785 -20.15 7.78 17.41
CA LYS B 785 -19.07 8.76 17.55
C LYS B 785 -18.71 9.42 16.23
N ASN B 786 -18.68 8.64 15.15
CA ASN B 786 -18.26 9.14 13.85
C ASN B 786 -19.48 9.54 13.04
N PHE B 787 -19.69 10.85 12.90
CA PHE B 787 -20.69 11.39 11.98
C PHE B 787 -19.95 12.03 10.81
N ARG B 788 -20.33 11.66 9.59
CA ARG B 788 -19.76 12.27 8.41
C ARG B 788 -20.88 12.75 7.51
N PRO B 789 -20.67 13.83 6.75
CA PRO B 789 -21.71 14.26 5.82
C PRO B 789 -21.79 13.29 4.64
N GLN B 790 -22.82 12.45 4.66
CA GLN B 790 -23.03 11.45 3.62
C GLN B 790 -24.30 11.81 2.87
N CYS B 791 -24.12 12.35 1.67
CA CYS B 791 -25.18 13.04 0.96
C CYS B 791 -25.77 12.17 -0.13
N LEU B 792 -27.10 12.22 -0.24
CA LEU B 792 -27.82 11.59 -1.35
C LEU B 792 -28.40 12.73 -2.19
N VAL B 793 -27.63 13.19 -3.17
CA VAL B 793 -28.11 14.24 -4.05
C VAL B 793 -29.16 13.68 -4.99
N MET B 794 -30.28 14.38 -5.12
CA MET B 794 -31.37 13.96 -6.00
C MET B 794 -31.48 14.97 -7.15
N THR B 795 -30.67 14.76 -8.17
CA THR B 795 -30.77 15.46 -9.45
C THR B 795 -30.65 14.40 -10.55
N GLY B 796 -31.67 14.32 -11.40
CA GLY B 796 -31.73 13.21 -12.34
C GLY B 796 -30.60 13.22 -13.35
N ALA B 797 -30.34 14.37 -13.95
CA ALA B 797 -29.31 14.49 -14.97
C ALA B 797 -28.14 15.26 -14.40
N PRO B 798 -27.01 14.61 -14.11
CA PRO B 798 -25.83 15.35 -13.64
C PRO B 798 -25.31 16.36 -14.65
N ASN B 799 -25.59 16.18 -15.94
CA ASN B 799 -25.22 17.21 -16.91
C ASN B 799 -25.93 18.52 -16.63
N SER B 800 -27.22 18.46 -16.31
CA SER B 800 -27.91 19.61 -15.79
C SER B 800 -27.49 19.87 -14.34
N ARG B 801 -27.55 21.13 -13.94
CA ARG B 801 -27.14 21.57 -12.62
C ARG B 801 -25.73 21.11 -12.23
N PRO B 802 -24.71 21.48 -13.00
CA PRO B 802 -23.35 21.08 -12.60
C PRO B 802 -22.83 21.90 -11.43
N ALA B 803 -23.25 23.16 -11.33
CA ALA B 803 -22.78 24.02 -10.25
C ALA B 803 -23.29 23.54 -8.90
N LEU B 804 -24.53 23.05 -8.85
CA LEU B 804 -25.06 22.49 -7.61
C LEU B 804 -24.27 21.26 -7.20
N LEU B 805 -23.91 20.42 -8.17
CA LEU B 805 -23.11 19.25 -7.85
C LEU B 805 -21.72 19.65 -7.35
N HIS B 806 -21.14 20.70 -7.93
CA HIS B 806 -19.86 21.20 -7.42
C HIS B 806 -20.00 21.73 -6.00
N LEU B 807 -21.09 22.43 -5.72
CA LEU B 807 -21.31 22.95 -4.37
C LEU B 807 -21.46 21.82 -3.36
N VAL B 808 -22.15 20.74 -3.74
CA VAL B 808 -22.24 19.59 -2.85
C VAL B 808 -20.88 18.93 -2.69
N HIS B 809 -20.11 18.86 -3.78
CA HIS B 809 -18.78 18.27 -3.72
C HIS B 809 -17.83 19.10 -2.85
N ASP B 810 -18.14 20.39 -2.67
CA ASP B 810 -17.27 21.25 -1.88
C ASP B 810 -17.21 20.82 -0.43
N PHE B 811 -18.34 20.45 0.16
CA PHE B 811 -18.33 20.05 1.57
C PHE B 811 -18.37 18.55 1.77
N THR B 812 -18.23 17.75 0.71
CA THR B 812 -18.13 16.29 0.83
C THR B 812 -17.02 15.72 -0.04
N LYS B 813 -15.98 16.50 -0.34
CA LYS B 813 -14.92 16.01 -1.21
C LYS B 813 -14.10 14.92 -0.53
N ASN B 814 -13.64 15.18 0.69
CA ASN B 814 -12.77 14.25 1.41
C ASN B 814 -13.22 14.01 2.84
N VAL B 815 -14.46 14.33 3.18
CA VAL B 815 -14.97 14.18 4.54
C VAL B 815 -16.24 13.34 4.57
N GLY B 816 -16.68 12.82 3.45
CA GLY B 816 -17.92 12.06 3.46
C GLY B 816 -18.20 11.42 2.12
N LEU B 817 -19.43 10.94 1.99
CA LEU B 817 -19.90 10.20 0.84
C LEU B 817 -20.94 11.03 0.09
N MET B 818 -20.86 11.04 -1.23
CA MET B 818 -21.81 11.78 -2.05
C MET B 818 -22.34 10.87 -3.15
N ILE B 819 -23.65 10.60 -3.10
CA ILE B 819 -24.28 9.66 -4.02
C ILE B 819 -25.31 10.39 -4.86
N CYS B 820 -24.98 10.68 -6.12
CA CYS B 820 -25.96 11.25 -7.03
C CYS B 820 -26.96 10.17 -7.44
N GLY B 821 -28.23 10.41 -7.16
CA GLY B 821 -29.26 9.42 -7.43
C GLY B 821 -30.23 9.89 -8.48
N HIS B 822 -30.71 8.93 -9.27
CA HIS B 822 -31.62 9.20 -10.37
C HIS B 822 -32.74 8.18 -10.36
N VAL B 823 -33.98 8.66 -10.37
CA VAL B 823 -35.16 7.81 -10.45
C VAL B 823 -35.59 7.77 -11.91
N HIS B 824 -35.33 6.66 -12.58
CA HIS B 824 -35.68 6.49 -13.97
C HIS B 824 -37.16 6.15 -14.10
N MET B 825 -37.89 6.95 -14.87
CA MET B 825 -39.31 6.75 -15.12
C MET B 825 -39.49 6.26 -16.55
N GLY B 826 -40.28 5.21 -16.72
CA GLY B 826 -40.58 4.72 -18.05
C GLY B 826 -41.08 3.29 -18.05
N PRO B 827 -41.10 2.67 -19.24
CA PRO B 827 -41.52 1.27 -19.33
C PRO B 827 -40.56 0.35 -18.60
N ARG B 828 -41.11 -0.70 -18.00
CA ARG B 828 -40.29 -1.66 -17.26
C ARG B 828 -39.45 -2.50 -18.21
N ARG B 829 -39.98 -2.82 -19.39
CA ARG B 829 -39.29 -3.72 -20.31
C ARG B 829 -37.98 -3.11 -20.81
N GLN B 830 -38.01 -1.83 -21.20
CA GLN B 830 -36.82 -1.13 -21.67
C GLN B 830 -36.05 -0.43 -20.55
N ALA B 831 -36.44 -0.64 -19.30
CA ALA B 831 -35.80 0.08 -18.20
C ALA B 831 -34.35 -0.32 -18.03
N MET B 832 -34.05 -1.63 -18.06
CA MET B 832 -32.72 -2.10 -17.69
C MET B 832 -31.66 -1.59 -18.67
N LYS B 833 -31.94 -1.64 -19.97
CA LYS B 833 -30.96 -1.15 -20.94
C LYS B 833 -30.80 0.37 -20.85
N GLU B 834 -31.92 1.09 -20.65
CA GLU B 834 -31.84 2.53 -20.49
C GLU B 834 -31.07 2.91 -19.23
N MET B 835 -31.33 2.20 -18.12
CA MET B 835 -30.60 2.45 -16.89
C MET B 835 -29.12 2.14 -17.05
N SER B 836 -28.78 1.08 -17.78
CA SER B 836 -27.36 0.75 -17.98
C SER B 836 -26.65 1.82 -18.81
N ILE B 837 -27.29 2.26 -19.90
CA ILE B 837 -26.68 3.30 -20.74
C ILE B 837 -26.54 4.59 -19.96
N ASP B 838 -27.58 4.99 -19.22
CA ASP B 838 -27.51 6.22 -18.43
C ASP B 838 -26.44 6.10 -17.34
N GLN B 839 -26.34 4.93 -16.70
CA GLN B 839 -25.33 4.75 -15.66
C GLN B 839 -23.93 4.90 -16.22
N ALA B 840 -23.68 4.26 -17.38
CA ALA B 840 -22.37 4.38 -18.00
C ALA B 840 -22.06 5.83 -18.37
N LYS B 841 -23.01 6.50 -19.02
CA LYS B 841 -22.76 7.87 -19.49
C LYS B 841 -22.56 8.84 -18.32
N TYR B 842 -23.45 8.78 -17.33
CA TYR B 842 -23.36 9.74 -16.23
C TYR B 842 -22.19 9.43 -15.31
N GLN B 843 -21.81 8.15 -15.17
CA GLN B 843 -20.62 7.85 -14.39
C GLN B 843 -19.36 8.33 -15.11
N ARG B 844 -19.33 8.20 -16.44
CA ARG B 844 -18.22 8.75 -17.20
C ARG B 844 -18.15 10.27 -17.07
N TRP B 845 -19.31 10.92 -17.08
CA TRP B 845 -19.34 12.37 -16.88
C TRP B 845 -18.87 12.75 -15.48
N LEU B 846 -19.29 11.99 -14.46
CA LEU B 846 -18.93 12.34 -13.09
C LEU B 846 -17.48 12.03 -12.79
N ILE B 847 -16.86 11.13 -13.56
CA ILE B 847 -15.46 10.82 -13.34
C ILE B 847 -14.58 11.70 -14.23
N LYS B 848 -15.14 12.22 -15.32
CA LYS B 848 -14.39 13.16 -16.16
C LYS B 848 -14.19 14.48 -15.44
N ASN B 849 -15.28 15.15 -15.07
CA ASN B 849 -15.20 16.28 -14.15
C ASN B 849 -14.73 15.77 -12.80
N LYS B 850 -13.93 16.59 -12.10
CA LYS B 850 -13.31 16.16 -10.85
C LYS B 850 -14.37 16.10 -9.75
N MET B 851 -15.20 15.06 -9.83
CA MET B 851 -16.23 14.79 -8.83
C MET B 851 -16.06 13.37 -8.32
N LYS B 852 -16.11 13.21 -7.00
CA LYS B 852 -16.01 11.90 -6.37
C LYS B 852 -17.40 11.48 -5.92
N ALA B 853 -18.17 10.95 -6.87
CA ALA B 853 -19.57 10.62 -6.63
C ALA B 853 -19.90 9.26 -7.24
N PHE B 854 -20.96 8.65 -6.72
CA PHE B 854 -21.46 7.38 -7.22
C PHE B 854 -22.84 7.62 -7.82
N TYR B 855 -22.97 7.38 -9.12
CA TYR B 855 -24.27 7.44 -9.76
C TYR B 855 -25.07 6.19 -9.42
N ALA B 856 -26.18 6.38 -8.71
CA ALA B 856 -27.01 5.27 -8.26
C ALA B 856 -28.39 5.40 -8.88
N PRO B 857 -28.68 4.72 -9.99
CA PRO B 857 -30.02 4.81 -10.58
C PRO B 857 -30.96 3.75 -10.05
N VAL B 858 -32.19 4.14 -9.74
CA VAL B 858 -33.24 3.20 -9.34
C VAL B 858 -34.43 3.45 -10.25
N HIS B 859 -35.24 2.41 -10.44
CA HIS B 859 -36.39 2.46 -11.32
C HIS B 859 -37.67 2.45 -10.48
N ALA B 860 -38.51 3.44 -10.69
CA ALA B 860 -39.78 3.53 -9.97
C ALA B 860 -40.78 4.30 -10.82
N ASP B 861 -42.06 4.11 -10.51
CA ASP B 861 -43.12 4.80 -11.24
C ASP B 861 -43.08 6.30 -11.00
N ASP B 862 -42.84 6.71 -9.76
CA ASP B 862 -42.82 8.11 -9.40
C ASP B 862 -41.53 8.43 -8.64
N LEU B 863 -41.29 9.73 -8.45
CA LEU B 863 -40.07 10.18 -7.80
C LEU B 863 -40.03 9.76 -6.34
N ARG B 864 -41.17 9.76 -5.67
CA ARG B 864 -41.20 9.44 -4.25
C ARG B 864 -40.77 8.00 -3.99
N GLU B 865 -41.24 7.06 -4.81
CA GLU B 865 -40.86 5.66 -4.63
C GLU B 865 -39.38 5.44 -4.88
N GLY B 866 -38.82 6.04 -5.92
CA GLY B 866 -37.40 5.90 -6.18
C GLY B 866 -36.55 6.53 -5.09
N ALA B 867 -36.98 7.69 -4.60
CA ALA B 867 -36.27 8.31 -3.49
C ALA B 867 -36.35 7.45 -2.23
N GLN B 868 -37.50 6.80 -2.01
CA GLN B 868 -37.60 5.89 -0.87
C GLN B 868 -36.66 4.70 -1.03
N TYR B 869 -36.55 4.16 -2.25
CA TYR B 869 -35.60 3.09 -2.50
C TYR B 869 -34.18 3.54 -2.15
N LEU B 870 -33.78 4.70 -2.66
CA LEU B 870 -32.42 5.18 -2.44
C LEU B 870 -32.16 5.49 -0.97
N MET B 871 -33.13 6.08 -0.27
CA MET B 871 -32.93 6.42 1.13
C MET B 871 -32.89 5.16 2.00
N GLN B 872 -33.70 4.16 1.67
CA GLN B 872 -33.75 2.96 2.50
C GLN B 872 -32.54 2.07 2.28
N ALA B 873 -32.10 1.88 1.04
CA ALA B 873 -31.22 0.76 0.74
C ALA B 873 -29.86 1.13 0.15
N ALA B 874 -29.68 2.35 -0.35
CA ALA B 874 -28.43 2.68 -1.04
C ALA B 874 -27.26 2.67 -0.09
N GLY B 875 -26.09 2.33 -0.63
CA GLY B 875 -24.89 2.20 0.16
C GLY B 875 -24.81 0.85 0.86
N LEU B 876 -23.62 0.52 1.33
CA LEU B 876 -23.38 -0.75 2.01
C LEU B 876 -22.48 -0.52 3.21
N GLY B 877 -22.73 -1.25 4.28
CA GLY B 877 -21.92 -1.10 5.48
C GLY B 877 -22.14 0.24 6.12
N ARG B 878 -21.04 0.90 6.49
CA ARG B 878 -21.10 2.22 7.10
C ARG B 878 -21.11 3.34 6.08
N MET B 879 -20.96 3.03 4.79
CA MET B 879 -21.03 4.03 3.73
C MET B 879 -22.47 4.12 3.22
N LYS B 880 -23.34 4.60 4.10
CA LYS B 880 -24.75 4.76 3.84
C LYS B 880 -25.12 6.22 3.92
N PRO B 881 -25.99 6.72 3.04
CA PRO B 881 -26.35 8.14 3.07
C PRO B 881 -26.90 8.57 4.41
N ASN B 882 -26.48 9.77 4.84
CA ASN B 882 -26.91 10.33 6.10
C ASN B 882 -27.71 11.61 5.93
N THR B 883 -27.59 12.30 4.80
CA THR B 883 -28.34 13.51 4.54
C THR B 883 -28.89 13.44 3.12
N LEU B 884 -29.97 14.17 2.90
CA LEU B 884 -30.61 14.28 1.59
C LEU B 884 -30.36 15.68 1.05
N VAL B 885 -29.81 15.75 -0.17
CA VAL B 885 -29.52 17.03 -0.81
C VAL B 885 -30.51 17.21 -1.94
N LEU B 886 -31.29 18.28 -1.88
CA LEU B 886 -32.32 18.55 -2.87
C LEU B 886 -32.13 19.95 -3.42
N GLY B 887 -32.03 20.06 -4.75
CA GLY B 887 -32.06 21.37 -5.35
C GLY B 887 -33.42 22.01 -5.22
N PHE B 888 -33.44 23.33 -5.16
CA PHE B 888 -34.72 24.03 -5.06
C PHE B 888 -35.47 23.91 -6.37
N LYS B 889 -36.74 23.52 -6.29
CA LYS B 889 -37.56 23.27 -7.46
C LYS B 889 -37.94 24.61 -8.07
N LYS B 890 -37.05 25.16 -8.87
CA LYS B 890 -37.38 26.35 -9.62
C LYS B 890 -38.42 26.01 -10.70
N ASP B 891 -39.11 27.05 -11.17
CA ASP B 891 -40.23 26.92 -12.10
C ASP B 891 -41.32 26.03 -11.53
N TRP B 892 -41.51 26.04 -10.21
CA TRP B 892 -42.61 25.30 -9.61
C TRP B 892 -43.94 25.98 -9.89
N LEU B 893 -43.90 27.28 -10.24
CA LEU B 893 -45.11 27.95 -10.67
C LEU B 893 -45.65 27.34 -11.96
N GLN B 894 -44.75 27.01 -12.89
CA GLN B 894 -45.17 26.44 -14.16
C GLN B 894 -45.56 24.97 -14.00
N ALA B 895 -44.88 24.24 -13.12
CA ALA B 895 -45.09 22.81 -13.00
C ALA B 895 -46.43 22.51 -12.32
N ASP B 896 -46.94 21.30 -12.58
CA ASP B 896 -48.16 20.85 -11.96
C ASP B 896 -47.98 20.69 -10.45
N MET B 897 -49.03 20.98 -9.70
CA MET B 897 -48.91 21.00 -8.25
C MET B 897 -48.79 19.62 -7.65
N ARG B 898 -49.12 18.56 -8.41
CA ARG B 898 -48.86 17.20 -7.93
C ARG B 898 -47.37 16.96 -7.77
N ASP B 899 -46.57 17.45 -8.73
CA ASP B 899 -45.12 17.32 -8.63
C ASP B 899 -44.58 18.10 -7.44
N VAL B 900 -45.12 19.30 -7.20
CA VAL B 900 -44.70 20.09 -6.04
C VAL B 900 -45.07 19.38 -4.75
N ASP B 901 -46.25 18.75 -4.72
CA ASP B 901 -46.67 18.02 -3.53
C ASP B 901 -45.75 16.83 -3.26
N MET B 902 -45.35 16.12 -4.31
CA MET B 902 -44.41 15.02 -4.14
C MET B 902 -43.04 15.54 -3.68
N TYR B 903 -42.60 16.66 -4.24
CA TYR B 903 -41.32 17.24 -3.84
C TYR B 903 -41.34 17.65 -2.37
N ILE B 904 -42.47 18.16 -1.89
CA ILE B 904 -42.59 18.52 -0.48
C ILE B 904 -42.65 17.27 0.39
N ASN B 905 -43.37 16.23 -0.07
CA ASN B 905 -43.44 14.99 0.70
C ASN B 905 -42.10 14.31 0.81
N LEU B 906 -41.18 14.63 -0.12
CA LEU B 906 -39.80 14.16 0.04
C LEU B 906 -39.20 14.66 1.35
N PHE B 907 -39.49 15.90 1.74
CA PHE B 907 -38.99 16.45 2.99
C PHE B 907 -39.45 15.60 4.17
N HIS B 908 -40.74 15.29 4.22
CA HIS B 908 -41.28 14.58 5.37
C HIS B 908 -40.86 13.12 5.37
N ASP B 909 -40.56 12.56 4.22
CA ASP B 909 -40.05 11.20 4.20
C ASP B 909 -38.62 11.17 4.68
N ALA B 910 -37.82 12.15 4.32
CA ALA B 910 -36.46 12.20 4.77
C ALA B 910 -36.39 12.36 6.24
N PHE B 911 -37.22 13.18 6.80
CA PHE B 911 -37.24 13.38 8.24
C PHE B 911 -37.62 12.13 8.98
N ASP B 912 -38.55 11.36 8.47
CA ASP B 912 -38.93 10.09 9.08
C ASP B 912 -37.83 9.05 9.11
N ILE B 913 -36.99 8.99 8.09
CA ILE B 913 -35.92 8.02 8.01
C ILE B 913 -34.76 8.65 8.72
N GLN B 914 -35.01 9.74 9.44
CA GLN B 914 -33.95 10.45 10.14
C GLN B 914 -32.81 10.95 9.29
N TYR B 915 -33.13 11.69 8.24
CA TYR B 915 -32.14 12.23 7.35
C TYR B 915 -32.05 13.72 7.47
N GLY B 916 -31.01 14.33 6.95
CA GLY B 916 -30.82 15.76 6.92
C GLY B 916 -31.13 16.28 5.53
N VAL B 917 -31.86 17.38 5.47
CA VAL B 917 -32.31 17.96 4.20
C VAL B 917 -31.65 19.31 4.03
N VAL B 918 -30.95 19.48 2.91
CA VAL B 918 -30.44 20.78 2.49
C VAL B 918 -31.11 21.13 1.17
N VAL B 919 -31.52 22.39 1.04
CA VAL B 919 -32.23 22.86 -0.13
C VAL B 919 -31.43 23.99 -0.76
N ILE B 920 -30.56 23.65 -1.70
CA ILE B 920 -29.72 24.64 -2.36
C ILE B 920 -30.52 25.37 -3.42
N ARG B 921 -30.49 26.69 -3.39
CA ARG B 921 -31.14 27.50 -4.43
C ARG B 921 -30.03 28.31 -5.11
N LEU B 922 -28.97 27.61 -5.47
CA LEU B 922 -27.91 28.16 -6.30
C LEU B 922 -28.45 28.65 -7.64
N LYS B 923 -28.02 29.84 -8.02
CA LYS B 923 -28.38 30.40 -9.32
C LYS B 923 -27.62 29.66 -10.41
N GLU B 924 -28.33 29.26 -11.46
CA GLU B 924 -27.77 28.43 -12.51
C GLU B 924 -27.26 29.26 -13.69
N GLY B 925 -27.32 30.59 -13.58
CA GLY B 925 -26.84 31.43 -14.68
C GLY B 925 -25.37 31.25 -14.96
N LEU B 926 -24.57 30.99 -13.93
CA LEU B 926 -23.14 30.75 -14.11
C LEU B 926 -22.87 29.32 -14.54
N GLY B 1020 -19.17 41.62 3.50
CA GLY B 1020 -18.16 42.35 2.73
C GLY B 1020 -17.08 41.46 2.16
N LYS B 1021 -16.73 41.71 0.90
CA LYS B 1021 -15.69 40.97 0.17
C LYS B 1021 -16.13 39.51 0.09
N ASN B 1022 -15.27 38.55 0.41
CA ASN B 1022 -15.60 37.14 0.35
C ASN B 1022 -16.08 36.69 1.73
N THR B 1023 -17.34 36.27 1.81
CA THR B 1023 -17.98 36.00 3.09
C THR B 1023 -18.95 34.84 2.95
N ILE B 1024 -18.98 33.99 3.98
CA ILE B 1024 -19.94 32.90 4.08
C ILE B 1024 -20.84 33.12 5.29
N ASP B 1025 -22.01 33.68 5.06
CA ASP B 1025 -22.92 34.01 6.15
C ASP B 1025 -23.66 32.76 6.64
N VAL B 1026 -23.81 32.65 7.95
CA VAL B 1026 -24.51 31.54 8.58
C VAL B 1026 -25.58 32.13 9.49
N TRP B 1027 -26.84 31.90 9.15
CA TRP B 1027 -27.97 32.32 9.97
C TRP B 1027 -28.41 31.12 10.80
N TRP B 1028 -28.11 31.14 12.08
CA TRP B 1028 -28.38 30.04 13.00
C TRP B 1028 -29.63 30.37 13.80
N LEU B 1029 -30.79 29.96 13.30
CA LEU B 1029 -32.06 30.23 13.95
C LEU B 1029 -32.66 29.01 14.62
N PHE B 1030 -32.08 27.82 14.42
CA PHE B 1030 -32.60 26.60 15.03
C PHE B 1030 -31.45 25.69 15.40
N ASP B 1031 -31.66 24.90 16.44
CA ASP B 1031 -30.68 23.91 16.88
C ASP B 1031 -31.06 22.56 16.26
N ASP B 1032 -30.39 22.22 15.17
CA ASP B 1032 -30.70 21.00 14.41
C ASP B 1032 -29.55 20.01 14.41
N GLY B 1033 -28.77 19.96 15.48
CA GLY B 1033 -27.64 19.07 15.56
C GLY B 1033 -26.35 19.62 14.99
N GLY B 1034 -26.26 20.92 14.75
CA GLY B 1034 -25.02 21.52 14.33
C GLY B 1034 -24.68 21.35 12.87
N LEU B 1035 -25.56 20.75 12.06
CA LEU B 1035 -25.30 20.65 10.63
C LEU B 1035 -25.24 22.03 9.99
N THR B 1036 -26.09 22.95 10.47
CA THR B 1036 -26.10 24.32 9.94
C THR B 1036 -24.75 24.99 10.14
N LEU B 1037 -24.00 24.58 11.17
CA LEU B 1037 -22.67 25.12 11.37
C LEU B 1037 -21.60 24.18 10.83
N LEU B 1038 -21.91 22.88 10.71
CA LEU B 1038 -20.93 21.94 10.18
C LEU B 1038 -20.67 22.16 8.70
N ILE B 1039 -21.72 22.46 7.92
CA ILE B 1039 -21.54 22.64 6.48
C ILE B 1039 -20.60 23.80 6.16
N PRO B 1040 -20.74 25.00 6.74
CA PRO B 1040 -19.77 26.07 6.43
C PRO B 1040 -18.33 25.72 6.81
N TYR B 1041 -18.12 25.02 7.92
CA TYR B 1041 -16.76 24.65 8.29
C TYR B 1041 -16.14 23.72 7.25
N LEU B 1042 -16.92 22.75 6.76
CA LEU B 1042 -16.42 21.87 5.72
C LEU B 1042 -16.20 22.65 4.42
N LEU B 1043 -16.98 23.71 4.20
CA LEU B 1043 -16.72 24.57 3.05
C LEU B 1043 -15.38 25.29 3.18
N THR B 1044 -15.05 25.76 4.38
CA THR B 1044 -13.85 26.58 4.55
C THR B 1044 -12.57 25.78 4.33
N THR B 1045 -12.57 24.49 4.62
CA THR B 1045 -11.36 23.69 4.45
C THR B 1045 -11.20 23.27 2.99
N LYS B 1046 -11.28 24.23 2.07
CA LYS B 1046 -11.15 23.98 0.65
C LYS B 1046 -10.36 25.11 0.02
N LYS B 1047 -9.77 24.83 -1.15
CA LYS B 1047 -8.91 25.81 -1.80
C LYS B 1047 -9.71 27.02 -2.28
N LYS B 1048 -10.88 26.80 -2.88
CA LYS B 1048 -11.64 27.92 -3.43
C LYS B 1048 -12.30 28.74 -2.33
N TRP B 1049 -12.58 28.13 -1.18
CA TRP B 1049 -13.12 28.84 -0.04
C TRP B 1049 -12.08 29.09 1.04
N LYS B 1050 -10.82 29.28 0.66
CA LYS B 1050 -9.77 29.54 1.65
C LYS B 1050 -10.02 30.85 2.38
N ASP B 1051 -10.39 31.89 1.65
CA ASP B 1051 -10.82 33.14 2.26
C ASP B 1051 -12.31 33.06 2.60
N CYS B 1052 -12.61 32.97 3.90
CA CYS B 1052 -13.95 32.63 4.35
C CYS B 1052 -14.66 33.81 5.01
N LYS B 1053 -14.09 34.36 6.09
CA LYS B 1053 -14.70 35.47 6.84
C LYS B 1053 -16.14 35.14 7.23
N ILE B 1054 -16.31 34.05 7.98
CA ILE B 1054 -17.65 33.62 8.36
C ILE B 1054 -18.28 34.60 9.31
N ARG B 1055 -19.48 35.07 8.97
CA ARG B 1055 -20.30 35.89 9.85
C ARG B 1055 -21.51 35.07 10.27
N VAL B 1056 -21.68 34.90 11.59
CA VAL B 1056 -22.76 34.09 12.13
C VAL B 1056 -23.79 35.01 12.75
N PHE B 1057 -24.97 35.07 12.15
CA PHE B 1057 -26.07 35.87 12.67
C PHE B 1057 -27.01 34.97 13.47
N ILE B 1058 -27.50 35.48 14.59
CA ILE B 1058 -28.41 34.75 15.45
C ILE B 1058 -29.53 35.66 15.93
N GLY B 1059 -30.71 35.07 16.06
CA GLY B 1059 -31.85 35.79 16.59
C GLY B 1059 -32.09 35.50 18.05
N GLY B 1060 -31.95 36.52 18.89
CA GLY B 1060 -32.17 36.37 20.32
C GLY B 1060 -33.04 37.48 20.84
N LYS B 1061 -33.76 37.20 21.92
CA LYS B 1061 -34.64 38.18 22.53
C LYS B 1061 -33.83 39.32 23.15
N ILE B 1062 -34.50 40.45 23.36
CA ILE B 1062 -33.82 41.63 23.88
C ILE B 1062 -33.38 41.39 25.32
N ASN B 1063 -32.06 41.42 25.53
CA ASN B 1063 -31.44 41.22 26.83
C ASN B 1063 -30.02 41.74 26.76
N ARG B 1064 -29.17 41.37 27.71
CA ARG B 1064 -27.75 41.61 27.57
C ARG B 1064 -27.28 40.79 26.37
N ILE B 1065 -27.01 41.48 25.27
CA ILE B 1065 -26.71 40.81 24.00
C ILE B 1065 -25.41 40.03 24.10
N ASP B 1066 -24.45 40.55 24.87
CA ASP B 1066 -23.12 39.93 24.93
C ASP B 1066 -23.17 38.56 25.56
N HIS B 1067 -24.16 38.30 26.42
CA HIS B 1067 -24.32 36.97 26.99
C HIS B 1067 -24.61 35.93 25.92
N ASP B 1068 -25.63 36.17 25.10
CA ASP B 1068 -25.95 35.26 24.01
C ASP B 1068 -24.82 35.21 23.00
N ARG B 1069 -24.17 36.36 22.75
CA ARG B 1069 -23.07 36.39 21.80
C ARG B 1069 -21.90 35.51 22.26
N ARG B 1070 -21.53 35.59 23.54
CA ARG B 1070 -20.41 34.77 24.00
C ARG B 1070 -20.80 33.30 24.13
N ALA B 1071 -22.06 33.00 24.47
CA ALA B 1071 -22.47 31.61 24.50
C ALA B 1071 -22.41 30.99 23.10
N MET B 1072 -22.90 31.73 22.11
CA MET B 1072 -22.83 31.24 20.73
C MET B 1072 -21.38 31.18 20.27
N ALA B 1073 -20.54 32.09 20.76
CA ALA B 1073 -19.12 32.08 20.41
C ALA B 1073 -18.42 30.85 20.96
N THR B 1074 -18.74 30.45 22.19
CA THR B 1074 -18.19 29.20 22.73
C THR B 1074 -18.67 28.00 21.94
N LEU B 1075 -19.97 27.98 21.58
CA LEU B 1075 -20.48 26.86 20.79
C LEU B 1075 -19.80 26.79 19.43
N LEU B 1076 -19.49 27.95 18.85
CA LEU B 1076 -18.73 28.01 17.61
C LEU B 1076 -17.29 27.53 17.80
N SER B 1077 -16.67 27.94 18.90
CA SER B 1077 -15.28 27.54 19.17
C SER B 1077 -15.19 26.04 19.39
N LYS B 1078 -16.29 25.41 19.81
CA LYS B 1078 -16.33 23.95 19.78
C LYS B 1078 -16.19 23.42 18.36
N PHE B 1079 -16.79 24.11 17.38
CA PHE B 1079 -16.83 23.63 16.01
C PHE B 1079 -15.58 23.97 15.19
N ARG B 1080 -14.58 24.62 15.79
CA ARG B 1080 -13.37 25.04 15.09
C ARG B 1080 -13.68 25.92 13.87
N ILE B 1081 -14.59 26.87 14.03
CA ILE B 1081 -15.13 27.56 12.87
C ILE B 1081 -14.27 28.77 12.49
N ASP B 1082 -13.55 29.33 13.46
CA ASP B 1082 -12.75 30.54 13.28
C ASP B 1082 -13.64 31.68 12.76
N PHE B 1083 -14.58 32.09 13.60
CA PHE B 1083 -15.55 33.11 13.21
C PHE B 1083 -14.89 34.46 12.99
N SER B 1084 -15.53 35.29 12.15
CA SER B 1084 -15.10 36.68 12.05
C SER B 1084 -15.88 37.56 13.04
N ASP B 1085 -17.20 37.38 13.10
CA ASP B 1085 -18.02 38.06 14.10
C ASP B 1085 -19.35 37.35 14.20
N ILE B 1086 -19.88 37.29 15.43
CA ILE B 1086 -21.23 36.83 15.70
C ILE B 1086 -22.11 38.05 15.89
N MET B 1087 -23.08 38.22 15.01
CA MET B 1087 -24.00 39.34 15.07
C MET B 1087 -25.34 38.85 15.58
N VAL B 1088 -25.82 39.46 16.66
CA VAL B 1088 -27.10 39.13 17.25
C VAL B 1088 -28.10 40.18 16.82
N LEU B 1089 -29.15 39.75 16.12
CA LEU B 1089 -30.17 40.65 15.60
C LEU B 1089 -31.54 40.19 16.10
N GLY B 1090 -32.31 41.14 16.62
CA GLY B 1090 -33.63 40.84 17.16
C GLY B 1090 -34.75 41.41 16.32
N ASP B 1091 -34.46 41.70 15.06
CA ASP B 1091 -35.44 42.28 14.16
C ASP B 1091 -36.37 41.26 13.53
N ILE B 1092 -36.20 39.97 13.85
CA ILE B 1092 -37.15 38.95 13.43
C ILE B 1092 -38.36 39.06 14.33
N ASN B 1093 -39.45 38.37 13.97
CA ASN B 1093 -40.70 38.39 14.73
C ASN B 1093 -41.29 39.79 14.80
N THR B 1094 -41.23 40.51 13.68
CA THR B 1094 -41.88 41.80 13.53
C THR B 1094 -42.61 41.83 12.21
N LYS B 1095 -43.56 42.76 12.08
CA LYS B 1095 -44.31 42.85 10.84
C LYS B 1095 -43.45 43.47 9.75
N PRO B 1096 -43.32 42.82 8.60
CA PRO B 1096 -42.49 43.36 7.52
C PRO B 1096 -43.17 44.52 6.81
N LYS B 1097 -42.48 45.04 5.80
CA LYS B 1097 -43.03 46.11 4.98
C LYS B 1097 -44.21 45.61 4.17
N LYS B 1098 -45.11 46.53 3.83
CA LYS B 1098 -46.35 46.13 3.16
C LYS B 1098 -46.11 45.72 1.72
N GLU B 1099 -45.01 46.19 1.11
CA GLU B 1099 -44.70 45.79 -0.25
C GLU B 1099 -44.40 44.30 -0.33
N ASN B 1100 -43.62 43.78 0.62
CA ASN B 1100 -43.23 42.38 0.59
C ASN B 1100 -44.42 41.47 0.88
N ILE B 1101 -45.31 41.88 1.78
CA ILE B 1101 -46.48 41.05 2.11
C ILE B 1101 -47.39 40.92 0.91
N ILE B 1102 -47.69 42.03 0.23
CA ILE B 1102 -48.57 41.95 -0.93
C ILE B 1102 -47.86 41.24 -2.09
N ALA B 1103 -46.53 41.35 -2.16
CA ALA B 1103 -45.79 40.57 -3.15
C ALA B 1103 -45.97 39.08 -2.92
N PHE B 1104 -45.87 38.64 -1.66
CA PHE B 1104 -46.13 37.24 -1.32
C PHE B 1104 -47.56 36.87 -1.66
N GLU B 1105 -48.51 37.77 -1.42
CA GLU B 1105 -49.91 37.47 -1.70
C GLU B 1105 -50.13 37.26 -3.20
N GLU B 1106 -49.50 38.07 -4.05
CA GLU B 1106 -49.61 37.82 -5.49
C GLU B 1106 -48.87 36.55 -5.89
N ILE B 1107 -47.80 36.20 -5.17
CA ILE B 1107 -47.11 34.94 -5.45
C ILE B 1107 -48.04 33.75 -5.22
N ILE B 1108 -48.75 33.74 -4.09
CA ILE B 1108 -49.61 32.60 -3.75
C ILE B 1108 -51.03 32.74 -4.28
N GLU B 1109 -51.36 33.82 -4.98
CA GLU B 1109 -52.74 34.04 -5.40
C GLU B 1109 -53.30 32.97 -6.33
N PRO B 1110 -52.60 32.50 -7.38
CA PRO B 1110 -53.22 31.48 -8.24
C PRO B 1110 -53.52 30.17 -7.55
N TYR B 1111 -52.86 29.87 -6.43
CA TYR B 1111 -53.05 28.61 -5.72
C TYR B 1111 -53.88 28.76 -4.46
N ARG B 1112 -54.65 29.84 -4.34
CA ARG B 1112 -55.36 30.15 -3.11
C ARG B 1112 -56.85 29.91 -3.29
N LEU B 1113 -57.43 29.16 -2.36
CA LEU B 1113 -58.87 28.88 -2.36
C LEU B 1113 -59.54 29.90 -1.46
N HIS B 1114 -60.18 30.91 -2.07
CA HIS B 1114 -60.83 31.98 -1.31
C HIS B 1114 -62.14 31.44 -0.74
N GLU B 1115 -62.01 30.68 0.35
CA GLU B 1115 -63.18 30.06 0.96
C GLU B 1115 -64.12 31.10 1.54
N ASP B 1116 -63.58 32.21 2.06
CA ASP B 1116 -64.43 33.23 2.64
C ASP B 1116 -65.15 34.04 1.56
N ASP B 1117 -64.49 34.27 0.42
CA ASP B 1117 -65.10 35.08 -0.63
C ASP B 1117 -66.25 34.37 -1.31
N LYS B 1118 -66.09 33.09 -1.63
CA LYS B 1118 -67.10 32.34 -2.36
C LYS B 1118 -67.96 31.52 -1.40
N GLU B 1119 -68.94 30.83 -1.97
CA GLU B 1119 -69.86 30.03 -1.18
C GLU B 1119 -69.21 28.73 -0.73
N GLN B 1120 -69.88 28.04 0.20
CA GLN B 1120 -69.30 26.86 0.83
C GLN B 1120 -69.16 25.71 -0.17
N ASP B 1121 -70.17 25.49 -1.01
CA ASP B 1121 -70.16 24.30 -1.87
C ASP B 1121 -69.17 24.42 -3.02
N ILE B 1122 -69.01 25.63 -3.60
CA ILE B 1122 -67.94 25.80 -4.59
C ILE B 1122 -66.59 25.53 -3.95
N ALA B 1123 -66.39 26.02 -2.73
CA ALA B 1123 -65.13 25.80 -2.01
C ALA B 1123 -64.92 24.31 -1.75
N ASP B 1124 -65.97 23.59 -1.38
CA ASP B 1124 -65.85 22.15 -1.14
C ASP B 1124 -65.49 21.42 -2.43
N LYS B 1125 -66.13 21.78 -3.54
CA LYS B 1125 -65.80 21.17 -4.83
C LYS B 1125 -64.35 21.42 -5.21
N MET B 1126 -63.88 22.65 -5.03
CA MET B 1126 -62.50 22.99 -5.40
C MET B 1126 -61.50 22.32 -4.45
N LYS B 1127 -61.88 22.15 -3.19
CA LYS B 1127 -60.99 21.50 -2.23
C LYS B 1127 -60.85 20.01 -2.52
N GLU B 1128 -61.98 19.32 -2.74
CA GLU B 1128 -61.90 17.88 -3.00
C GLU B 1128 -61.35 17.60 -4.39
N ASP B 1129 -61.54 18.53 -5.34
CA ASP B 1129 -60.91 18.38 -6.64
C ASP B 1129 -59.41 18.66 -6.57
N GLU B 1130 -59.02 19.72 -5.86
CA GLU B 1130 -57.62 20.10 -5.71
C GLU B 1130 -57.29 20.24 -4.23
N PRO B 1131 -56.81 19.17 -3.58
CA PRO B 1131 -56.49 19.27 -2.15
C PRO B 1131 -55.34 20.22 -1.84
N TRP B 1132 -54.51 20.55 -2.83
CA TRP B 1132 -53.33 21.36 -2.56
C TRP B 1132 -53.64 22.85 -2.43
N ARG B 1133 -54.88 23.26 -2.69
CA ARG B 1133 -55.25 24.66 -2.58
C ARG B 1133 -55.09 25.15 -1.15
N ILE B 1134 -54.45 26.30 -0.99
CA ILE B 1134 -54.26 26.89 0.33
C ILE B 1134 -55.52 27.66 0.73
N THR B 1135 -56.04 27.35 1.91
CA THR B 1135 -57.26 27.99 2.38
C THR B 1135 -56.93 29.32 3.04
N ASP B 1136 -57.98 30.10 3.30
CA ASP B 1136 -57.81 31.33 4.07
C ASP B 1136 -57.53 31.03 5.53
N ASN B 1137 -57.98 29.86 6.01
CA ASN B 1137 -57.72 29.49 7.40
C ASN B 1137 -56.25 29.17 7.63
N GLU B 1138 -55.60 28.54 6.63
CA GLU B 1138 -54.17 28.29 6.75
C GLU B 1138 -53.39 29.60 6.76
N LEU B 1139 -53.83 30.58 5.98
CA LEU B 1139 -53.16 31.88 5.97
C LEU B 1139 -53.37 32.61 7.29
N GLU B 1140 -54.58 32.51 7.85
CA GLU B 1140 -54.86 33.19 9.11
C GLU B 1140 -54.12 32.53 10.28
N LEU B 1141 -54.05 31.20 10.28
CA LEU B 1141 -53.33 30.49 11.33
C LEU B 1141 -51.83 30.74 11.24
N TYR B 1142 -51.26 30.64 10.05
CA TYR B 1142 -49.83 30.75 9.82
C TYR B 1142 -49.42 32.16 9.40
N LYS B 1143 -50.16 33.18 9.81
CA LYS B 1143 -49.80 34.55 9.47
C LYS B 1143 -48.46 34.93 10.06
N THR B 1144 -48.23 34.56 11.33
CA THR B 1144 -46.97 34.90 11.98
C THR B 1144 -45.80 34.20 11.31
N LYS B 1145 -45.97 32.94 10.92
CA LYS B 1145 -44.88 32.21 10.27
C LYS B 1145 -44.55 32.81 8.91
N THR B 1146 -45.57 33.15 8.11
CA THR B 1146 -45.34 33.76 6.82
C THR B 1146 -44.65 35.11 6.97
N TYR B 1147 -45.11 35.92 7.93
CA TYR B 1147 -44.46 37.19 8.19
C TYR B 1147 -43.01 36.98 8.60
N ARG B 1148 -42.74 35.94 9.38
CA ARG B 1148 -41.36 35.65 9.78
C ARG B 1148 -40.50 35.28 8.59
N GLN B 1149 -41.02 34.46 7.67
CA GLN B 1149 -40.23 34.09 6.50
C GLN B 1149 -39.92 35.31 5.63
N ILE B 1150 -40.91 36.14 5.36
CA ILE B 1150 -40.66 37.27 4.47
C ILE B 1150 -39.80 38.33 5.17
N ARG B 1151 -39.94 38.47 6.49
CA ARG B 1151 -39.07 39.37 7.25
C ARG B 1151 -37.64 38.85 7.26
N LEU B 1152 -37.47 37.53 7.32
CA LEU B 1152 -36.15 36.93 7.21
C LEU B 1152 -35.54 37.20 5.84
N ASN B 1153 -36.37 37.17 4.79
CA ASN B 1153 -35.87 37.53 3.47
C ASN B 1153 -35.40 38.98 3.42
N GLU B 1154 -36.18 39.89 4.02
CA GLU B 1154 -35.73 41.29 4.07
C GLU B 1154 -34.43 41.43 4.84
N LEU B 1155 -34.29 40.70 5.95
CA LEU B 1155 -33.05 40.77 6.73
C LEU B 1155 -31.88 40.18 5.97
N LEU B 1156 -32.11 39.12 5.18
CA LEU B 1156 -31.05 38.58 4.35
C LEU B 1156 -30.63 39.57 3.27
N LYS B 1157 -31.60 40.26 2.67
CA LYS B 1157 -31.24 41.26 1.67
C LYS B 1157 -30.49 42.43 2.30
N GLU B 1158 -30.87 42.83 3.51
CA GLU B 1158 -30.23 43.99 4.15
C GLU B 1158 -28.83 43.65 4.65
N HIS B 1159 -28.68 42.53 5.36
CA HIS B 1159 -27.44 42.19 6.03
C HIS B 1159 -26.52 41.32 5.19
N SER B 1160 -27.07 40.50 4.30
CA SER B 1160 -26.30 39.49 3.61
C SER B 1160 -26.46 39.56 2.09
N SER B 1161 -26.61 40.76 1.54
CA SER B 1161 -26.75 40.89 0.09
C SER B 1161 -25.46 40.49 -0.61
N THR B 1162 -24.32 40.88 -0.06
CA THR B 1162 -23.01 40.59 -0.66
C THR B 1162 -22.31 39.52 0.17
N ALA B 1163 -22.44 38.27 -0.26
CA ALA B 1163 -21.77 37.15 0.37
C ALA B 1163 -21.60 36.05 -0.66
N ASN B 1164 -20.60 35.20 -0.44
CA ASN B 1164 -20.38 34.10 -1.37
C ASN B 1164 -21.42 33.00 -1.17
N ILE B 1165 -21.71 32.66 0.08
CA ILE B 1165 -22.68 31.62 0.43
C ILE B 1165 -23.51 32.13 1.60
N ILE B 1166 -24.79 31.79 1.58
CA ILE B 1166 -25.67 31.98 2.73
C ILE B 1166 -26.14 30.60 3.18
N VAL B 1167 -26.12 30.35 4.48
CA VAL B 1167 -26.59 29.09 5.04
C VAL B 1167 -27.60 29.39 6.13
N MET B 1168 -28.87 29.08 5.89
CA MET B 1168 -29.93 29.32 6.87
C MET B 1168 -30.67 28.03 7.17
N SER B 1169 -31.14 27.93 8.41
CA SER B 1169 -31.97 26.80 8.83
C SER B 1169 -33.25 26.74 8.02
N LEU B 1170 -33.59 25.54 7.57
CA LEU B 1170 -34.74 25.29 6.71
C LEU B 1170 -36.04 25.41 7.50
N PRO B 1171 -37.04 26.12 6.97
CA PRO B 1171 -38.37 26.08 7.57
C PRO B 1171 -38.95 24.67 7.53
N VAL B 1172 -39.68 24.32 8.58
CA VAL B 1172 -40.27 22.99 8.68
C VAL B 1172 -41.67 23.11 9.25
N ALA B 1173 -42.58 22.29 8.73
CA ALA B 1173 -43.95 22.21 9.22
C ALA B 1173 -44.33 20.75 9.36
N ARG B 1174 -45.31 20.49 10.22
CA ARG B 1174 -45.77 19.13 10.43
C ARG B 1174 -46.46 18.60 9.18
N LYS B 1175 -46.49 17.29 9.06
CA LYS B 1175 -47.06 16.66 7.87
C LYS B 1175 -48.56 16.90 7.80
N GLY B 1176 -49.02 17.42 6.65
CA GLY B 1176 -50.41 17.72 6.45
C GLY B 1176 -50.88 19.02 7.06
N ALA B 1177 -50.03 19.71 7.82
CA ALA B 1177 -50.44 20.96 8.46
C ALA B 1177 -50.62 22.07 7.44
N VAL B 1178 -49.66 22.22 6.53
CA VAL B 1178 -49.71 23.26 5.51
C VAL B 1178 -49.82 22.60 4.15
N SER B 1179 -50.49 23.28 3.23
CA SER B 1179 -50.53 22.81 1.85
C SER B 1179 -49.16 22.95 1.22
N SER B 1180 -48.88 22.08 0.24
CA SER B 1180 -47.58 22.13 -0.43
C SER B 1180 -47.36 23.45 -1.13
N ALA B 1181 -48.44 24.09 -1.63
CA ALA B 1181 -48.30 25.40 -2.23
C ALA B 1181 -47.81 26.43 -1.22
N LEU B 1182 -48.39 26.43 -0.02
CA LEU B 1182 -47.95 27.36 1.01
C LEU B 1182 -46.52 27.06 1.45
N TYR B 1183 -46.17 25.78 1.57
CA TYR B 1183 -44.83 25.42 1.99
C TYR B 1183 -43.79 25.90 0.98
N MET B 1184 -44.03 25.66 -0.31
CA MET B 1184 -43.04 26.10 -1.29
C MET B 1184 -43.08 27.60 -1.47
N ALA B 1185 -44.21 28.24 -1.16
CA ALA B 1185 -44.26 29.70 -1.18
C ALA B 1185 -43.44 30.27 -0.03
N TRP B 1186 -43.41 29.60 1.12
CA TRP B 1186 -42.53 30.00 2.20
C TRP B 1186 -41.07 29.83 1.79
N LEU B 1187 -40.75 28.70 1.15
CA LEU B 1187 -39.36 28.46 0.75
C LEU B 1187 -38.93 29.42 -0.35
N GLU B 1188 -39.85 29.88 -1.19
CA GLU B 1188 -39.51 30.83 -2.23
C GLU B 1188 -39.43 32.25 -1.69
N ALA B 1189 -40.32 32.61 -0.77
CA ALA B 1189 -40.31 33.95 -0.19
C ALA B 1189 -39.05 34.17 0.63
N LEU B 1190 -38.61 33.15 1.37
CA LEU B 1190 -37.42 33.29 2.20
C LEU B 1190 -36.18 33.56 1.35
N SER B 1191 -36.00 32.80 0.29
CA SER B 1191 -34.84 32.91 -0.59
C SER B 1191 -35.31 33.43 -1.94
N LYS B 1192 -35.33 34.75 -2.09
CA LYS B 1192 -35.91 35.38 -3.28
C LYS B 1192 -34.85 35.98 -4.17
N ASP B 1193 -34.04 36.92 -3.68
CA ASP B 1193 -32.95 37.52 -4.44
C ASP B 1193 -31.72 37.56 -3.54
N LEU B 1194 -30.98 36.46 -3.52
CA LEU B 1194 -29.87 36.26 -2.60
C LEU B 1194 -28.75 35.51 -3.31
N PRO B 1195 -27.54 35.55 -2.73
CA PRO B 1195 -26.46 34.68 -3.22
C PRO B 1195 -26.81 33.21 -3.05
N PRO B 1196 -25.93 32.28 -3.50
CA PRO B 1196 -26.15 30.86 -3.26
C PRO B 1196 -26.56 30.53 -1.83
N ILE B 1197 -27.79 30.05 -1.65
CA ILE B 1197 -28.36 29.87 -0.33
C ILE B 1197 -28.64 28.40 -0.09
N LEU B 1198 -28.26 27.92 1.09
CA LEU B 1198 -28.47 26.55 1.51
C LEU B 1198 -29.38 26.54 2.73
N LEU B 1199 -30.54 25.91 2.61
CA LEU B 1199 -31.49 25.77 3.70
C LEU B 1199 -31.27 24.41 4.33
N VAL B 1200 -30.68 24.39 5.52
CA VAL B 1200 -30.15 23.17 6.12
C VAL B 1200 -30.97 22.83 7.36
N ARG B 1201 -31.44 21.59 7.42
CA ARG B 1201 -32.00 21.01 8.63
C ARG B 1201 -31.41 19.63 8.81
N GLY B 1202 -31.01 19.31 10.05
CA GLY B 1202 -30.33 18.06 10.31
C GLY B 1202 -30.97 17.31 11.47
N ASN B 1203 -30.76 16.00 11.45
CA ASN B 1203 -31.12 15.18 12.59
C ASN B 1203 -30.22 15.53 13.78
N HIS B 1204 -30.76 15.34 14.98
CA HIS B 1204 -30.07 15.73 16.21
C HIS B 1204 -29.00 14.69 16.56
N GLN B 1205 -27.98 14.62 15.71
CA GLN B 1205 -26.92 13.63 15.85
C GLN B 1205 -25.53 14.25 15.96
N SER B 1206 -25.20 15.22 15.11
CA SER B 1206 -23.82 15.71 14.99
C SER B 1206 -23.49 16.75 16.06
N VAL B 1207 -23.70 16.36 17.32
CA VAL B 1207 -23.37 17.23 18.44
C VAL B 1207 -21.90 17.06 18.79
N LEU B 1208 -21.03 17.77 18.06
CA LEU B 1208 -19.58 17.79 18.19
C LEU B 1208 -18.97 16.43 17.93
N THR B 1209 -19.72 15.50 17.32
CA THR B 1209 -19.20 14.16 17.11
C THR B 1209 -18.19 14.11 15.97
N PHE B 1210 -18.27 15.07 15.04
CA PHE B 1210 -17.35 15.10 13.92
C PHE B 1210 -15.96 15.55 14.35
N1 FUN C . -36.81 -18.88 3.13
S1 FUN C . -38.10 -18.10 3.95
O1 FUN C . -39.31 -18.06 3.14
O2 FUN C . -38.54 -18.89 5.10
C1 FUN C . -37.58 -16.43 4.45
C2 FUN C . -37.33 -15.47 3.48
CL1 FUN C . -37.50 -15.87 1.75
C3 FUN C . -36.93 -14.19 3.87
C4 FUN C . -36.81 -13.88 5.21
N2 FUN C . -36.39 -12.55 5.59
C5 FUN C . -37.33 -11.44 5.57
C6 FUN C . -37.75 -11.10 7.00
C7 FUN C . -39.03 -11.02 7.46
C8 FUN C . -38.99 -10.70 8.78
C9 FUN C . -37.66 -10.59 9.14
O3 FUN C . -36.91 -10.83 8.04
C10 FUN C . -37.06 -14.85 6.17
C11 FUN C . -37.46 -16.12 5.78
C12 FUN C . -36.92 -14.52 7.65
O4 FUN C . -35.87 -14.84 8.27
O5 FUN C . -37.86 -13.95 8.27
N1 FUN D . -34.62 19.10 -6.97
S1 FUN D . -35.86 18.71 -8.06
O1 FUN D . -37.17 18.68 -7.39
O2 FUN D . -36.06 19.80 -9.03
C1 FUN D . -35.51 17.14 -8.90
C2 FUN D . -35.66 15.94 -8.22
CL1 FUN D . -36.21 15.93 -6.53
C3 FUN D . -35.37 14.75 -8.86
C4 FUN D . -34.94 14.76 -10.18
N2 FUN D . -34.66 13.49 -10.84
C5 FUN D . -35.65 12.45 -10.88
C6 FUN D . -36.04 12.17 -12.33
C7 FUN D . -37.22 11.64 -12.77
C8 FUN D . -37.18 11.54 -14.13
C9 FUN D . -35.96 12.03 -14.54
O3 FUN D . -35.26 12.41 -13.43
C10 FUN D . -34.79 15.96 -10.85
C11 FUN D . -35.07 17.15 -10.21
C12 FUN D . -34.32 15.97 -12.30
O4 FUN D . -35.14 15.79 -13.24
O5 FUN D . -33.09 16.17 -12.56
#